data_6XYN
# 
_entry.id   6XYN 
# 
_audit_conform.dict_name       mmcif_pdbx.dic 
_audit_conform.dict_version    5.383 
_audit_conform.dict_location   http://mmcif.pdb.org/dictionaries/ascii/mmcif_pdbx.dic 
# 
loop_
_database_2.database_id 
_database_2.database_code 
_database_2.pdbx_database_accession 
_database_2.pdbx_DOI 
PDB   6XYN         pdb_00006xyn 10.2210/pdb6xyn/pdb 
WWPDB D_1292106552 ?            ?                   
# 
loop_
_pdbx_audit_revision_history.ordinal 
_pdbx_audit_revision_history.data_content_type 
_pdbx_audit_revision_history.major_revision 
_pdbx_audit_revision_history.minor_revision 
_pdbx_audit_revision_history.revision_date 
1 'Structure model' 1 0 2020-03-04 
2 'Structure model' 1 1 2024-01-24 
# 
_pdbx_audit_revision_details.ordinal             1 
_pdbx_audit_revision_details.revision_ordinal    1 
_pdbx_audit_revision_details.data_content_type   'Structure model' 
_pdbx_audit_revision_details.provider            repository 
_pdbx_audit_revision_details.type                'Initial release' 
_pdbx_audit_revision_details.description         ? 
_pdbx_audit_revision_details.details             ? 
# 
loop_
_pdbx_audit_revision_group.ordinal 
_pdbx_audit_revision_group.revision_ordinal 
_pdbx_audit_revision_group.data_content_type 
_pdbx_audit_revision_group.group 
1 2 'Structure model' 'Data collection'        
2 2 'Structure model' 'Database references'    
3 2 'Structure model' 'Refinement description' 
# 
loop_
_pdbx_audit_revision_category.ordinal 
_pdbx_audit_revision_category.revision_ordinal 
_pdbx_audit_revision_category.data_content_type 
_pdbx_audit_revision_category.category 
1 2 'Structure model' chem_comp_atom                
2 2 'Structure model' chem_comp_bond                
3 2 'Structure model' database_2                    
4 2 'Structure model' pdbx_initial_refinement_model 
# 
loop_
_pdbx_audit_revision_item.ordinal 
_pdbx_audit_revision_item.revision_ordinal 
_pdbx_audit_revision_item.data_content_type 
_pdbx_audit_revision_item.item 
1 2 'Structure model' '_database_2.pdbx_DOI'                
2 2 'Structure model' '_database_2.pdbx_database_accession' 
# 
_pdbx_database_status.status_code                     REL 
_pdbx_database_status.status_code_sf                  REL 
_pdbx_database_status.status_code_mr                  ? 
_pdbx_database_status.entry_id                        6XYN 
_pdbx_database_status.recvd_initial_deposition_date   2020-01-30 
_pdbx_database_status.SG_entry                        N 
_pdbx_database_status.deposit_site                    PDBE 
_pdbx_database_status.process_site                    PDBE 
_pdbx_database_status.status_code_cs                  ? 
_pdbx_database_status.status_code_nmr_data            ? 
_pdbx_database_status.methods_development_category    ? 
_pdbx_database_status.pdb_format_compatible           Y 
# 
loop_
_audit_author.name 
_audit_author.pdbx_ordinal 
_audit_author.identifier_ORCID 
'Gushchin, I.'   1 ? 
'Melnikov, I.'   2 ? 
'Polovinkin, V.' 3 ? 
'Ishchenko, A.'  4 ? 
'Gordeliy, V.'   5 ? 
# 
_citation.abstract                  ? 
_citation.abstract_id_CAS           ? 
_citation.book_id_ISBN              ? 
_citation.book_publisher            ? 
_citation.book_publisher_city       ? 
_citation.book_title                ? 
_citation.coordinate_linkage        ? 
_citation.country                   CH 
_citation.database_id_Medline       ? 
_citation.details                   ? 
_citation.id                        primary 
_citation.journal_abbrev            Crystals 
_citation.journal_id_ASTM           ? 
_citation.journal_id_CSD            ? 
_citation.journal_id_ISSN           2073-4352 
_citation.journal_full              ? 
_citation.journal_issue             ? 
_citation.journal_volume            ? 
_citation.language                  ? 
_citation.page_first                ? 
_citation.page_last                 ? 
_citation.title                     'Crystal structure of a proteolytic fragment of the sensor histidine kinase NarQ' 
_citation.year                      2020 
_citation.database_id_CSD           ? 
_citation.pdbx_database_id_DOI      10.3390/cryst10030149 
_citation.pdbx_database_id_PubMed   ? 
_citation.unpublished_flag          ? 
# 
loop_
_citation_author.citation_id 
_citation_author.name 
_citation_author.ordinal 
_citation_author.identifier_ORCID 
primary 'Gushchin, I.'   1 ? 
primary 'Melnikov, I.'   2 ? 
primary 'Polovinkin, V.' 3 ? 
primary 'Ishchenko, A.'  4 ? 
primary 'Gordeliy, V.'   5 ? 
# 
loop_
_entity.id 
_entity.type 
_entity.src_method 
_entity.pdbx_description 
_entity.formula_weight 
_entity.pdbx_number_of_molecules 
_entity.pdbx_ec 
_entity.pdbx_mutation 
_entity.pdbx_fragment 
_entity.details 
1 polymer     man 'Nitrate/nitrite sensor histidine kinase NarQ' 26812.902 1  2.7.13.3 ? ? ? 
2 non-polymer syn 'NITRATE ION'                                  62.005    1  ?        ? ? ? 
3 water       nat water                                          18.015    81 ?        ? ? ? 
# 
_entity_name_com.entity_id   1 
_entity_name_com.name        'Nitrate/nitrite sensor protein NarQ' 
# 
_entity_poly.entity_id                      1 
_entity_poly.type                           'polypeptide(L)' 
_entity_poly.nstd_linkage                   no 
_entity_poly.nstd_monomer                   no 
_entity_poly.pdbx_seq_one_letter_code       
;MIVKRPVSASLARAFFYIVLLSILSTGIALLTLASSLRDAEAINIAGSLRMQSYRLGYDLQSGSPQLNAHRQLFQQALHS
PVLTNLNVWYVPEAVKTRYAHLNANWLEMNNRLSKGDLPWYQANINNYVNQIDLFVLALQHYAERKMLLVVAISLAGGIG
IFTLVFFTLRRIRHQVVAPLNQLVTASQRIEHGQFDSPPLDTNLPNELGLLAKTFNQMSSELHKLYRSLEHHHHHH
;
_entity_poly.pdbx_seq_one_letter_code_can   
;MIVKRPVSASLARAFFYIVLLSILSTGIALLTLASSLRDAEAINIAGSLRMQSYRLGYDLQSGSPQLNAHRQLFQQALHS
PVLTNLNVWYVPEAVKTRYAHLNANWLEMNNRLSKGDLPWYQANINNYVNQIDLFVLALQHYAERKMLLVVAISLAGGIG
IFTLVFFTLRRIRHQVVAPLNQLVTASQRIEHGQFDSPPLDTNLPNELGLLAKTFNQMSSELHKLYRSLEHHHHHH
;
_entity_poly.pdbx_strand_id                 A 
_entity_poly.pdbx_target_identifier         ? 
# 
loop_
_pdbx_entity_nonpoly.entity_id 
_pdbx_entity_nonpoly.name 
_pdbx_entity_nonpoly.comp_id 
2 'NITRATE ION' NO3 
3 water         HOH 
# 
loop_
_entity_poly_seq.entity_id 
_entity_poly_seq.num 
_entity_poly_seq.mon_id 
_entity_poly_seq.hetero 
1 1   MET n 
1 2   ILE n 
1 3   VAL n 
1 4   LYS n 
1 5   ARG n 
1 6   PRO n 
1 7   VAL n 
1 8   SER n 
1 9   ALA n 
1 10  SER n 
1 11  LEU n 
1 12  ALA n 
1 13  ARG n 
1 14  ALA n 
1 15  PHE n 
1 16  PHE n 
1 17  TYR n 
1 18  ILE n 
1 19  VAL n 
1 20  LEU n 
1 21  LEU n 
1 22  SER n 
1 23  ILE n 
1 24  LEU n 
1 25  SER n 
1 26  THR n 
1 27  GLY n 
1 28  ILE n 
1 29  ALA n 
1 30  LEU n 
1 31  LEU n 
1 32  THR n 
1 33  LEU n 
1 34  ALA n 
1 35  SER n 
1 36  SER n 
1 37  LEU n 
1 38  ARG n 
1 39  ASP n 
1 40  ALA n 
1 41  GLU n 
1 42  ALA n 
1 43  ILE n 
1 44  ASN n 
1 45  ILE n 
1 46  ALA n 
1 47  GLY n 
1 48  SER n 
1 49  LEU n 
1 50  ARG n 
1 51  MET n 
1 52  GLN n 
1 53  SER n 
1 54  TYR n 
1 55  ARG n 
1 56  LEU n 
1 57  GLY n 
1 58  TYR n 
1 59  ASP n 
1 60  LEU n 
1 61  GLN n 
1 62  SER n 
1 63  GLY n 
1 64  SER n 
1 65  PRO n 
1 66  GLN n 
1 67  LEU n 
1 68  ASN n 
1 69  ALA n 
1 70  HIS n 
1 71  ARG n 
1 72  GLN n 
1 73  LEU n 
1 74  PHE n 
1 75  GLN n 
1 76  GLN n 
1 77  ALA n 
1 78  LEU n 
1 79  HIS n 
1 80  SER n 
1 81  PRO n 
1 82  VAL n 
1 83  LEU n 
1 84  THR n 
1 85  ASN n 
1 86  LEU n 
1 87  ASN n 
1 88  VAL n 
1 89  TRP n 
1 90  TYR n 
1 91  VAL n 
1 92  PRO n 
1 93  GLU n 
1 94  ALA n 
1 95  VAL n 
1 96  LYS n 
1 97  THR n 
1 98  ARG n 
1 99  TYR n 
1 100 ALA n 
1 101 HIS n 
1 102 LEU n 
1 103 ASN n 
1 104 ALA n 
1 105 ASN n 
1 106 TRP n 
1 107 LEU n 
1 108 GLU n 
1 109 MET n 
1 110 ASN n 
1 111 ASN n 
1 112 ARG n 
1 113 LEU n 
1 114 SER n 
1 115 LYS n 
1 116 GLY n 
1 117 ASP n 
1 118 LEU n 
1 119 PRO n 
1 120 TRP n 
1 121 TYR n 
1 122 GLN n 
1 123 ALA n 
1 124 ASN n 
1 125 ILE n 
1 126 ASN n 
1 127 ASN n 
1 128 TYR n 
1 129 VAL n 
1 130 ASN n 
1 131 GLN n 
1 132 ILE n 
1 133 ASP n 
1 134 LEU n 
1 135 PHE n 
1 136 VAL n 
1 137 LEU n 
1 138 ALA n 
1 139 LEU n 
1 140 GLN n 
1 141 HIS n 
1 142 TYR n 
1 143 ALA n 
1 144 GLU n 
1 145 ARG n 
1 146 LYS n 
1 147 MET n 
1 148 LEU n 
1 149 LEU n 
1 150 VAL n 
1 151 VAL n 
1 152 ALA n 
1 153 ILE n 
1 154 SER n 
1 155 LEU n 
1 156 ALA n 
1 157 GLY n 
1 158 GLY n 
1 159 ILE n 
1 160 GLY n 
1 161 ILE n 
1 162 PHE n 
1 163 THR n 
1 164 LEU n 
1 165 VAL n 
1 166 PHE n 
1 167 PHE n 
1 168 THR n 
1 169 LEU n 
1 170 ARG n 
1 171 ARG n 
1 172 ILE n 
1 173 ARG n 
1 174 HIS n 
1 175 GLN n 
1 176 VAL n 
1 177 VAL n 
1 178 ALA n 
1 179 PRO n 
1 180 LEU n 
1 181 ASN n 
1 182 GLN n 
1 183 LEU n 
1 184 VAL n 
1 185 THR n 
1 186 ALA n 
1 187 SER n 
1 188 GLN n 
1 189 ARG n 
1 190 ILE n 
1 191 GLU n 
1 192 HIS n 
1 193 GLY n 
1 194 GLN n 
1 195 PHE n 
1 196 ASP n 
1 197 SER n 
1 198 PRO n 
1 199 PRO n 
1 200 LEU n 
1 201 ASP n 
1 202 THR n 
1 203 ASN n 
1 204 LEU n 
1 205 PRO n 
1 206 ASN n 
1 207 GLU n 
1 208 LEU n 
1 209 GLY n 
1 210 LEU n 
1 211 LEU n 
1 212 ALA n 
1 213 LYS n 
1 214 THR n 
1 215 PHE n 
1 216 ASN n 
1 217 GLN n 
1 218 MET n 
1 219 SER n 
1 220 SER n 
1 221 GLU n 
1 222 LEU n 
1 223 HIS n 
1 224 LYS n 
1 225 LEU n 
1 226 TYR n 
1 227 ARG n 
1 228 SER n 
1 229 LEU n 
1 230 GLU n 
1 231 HIS n 
1 232 HIS n 
1 233 HIS n 
1 234 HIS n 
1 235 HIS n 
1 236 HIS n 
# 
_entity_src_gen.entity_id                          1 
_entity_src_gen.pdbx_src_id                        1 
_entity_src_gen.pdbx_alt_source_flag               sample 
_entity_src_gen.pdbx_seq_type                      'Biological sequence' 
_entity_src_gen.pdbx_beg_seq_num                   1 
_entity_src_gen.pdbx_end_seq_num                   236 
_entity_src_gen.gene_src_common_name               ? 
_entity_src_gen.gene_src_genus                     ? 
_entity_src_gen.pdbx_gene_src_gene                 'narQ, b2469, JW2453' 
_entity_src_gen.gene_src_species                   ? 
_entity_src_gen.gene_src_strain                    ? 
_entity_src_gen.gene_src_tissue                    ? 
_entity_src_gen.gene_src_tissue_fraction           ? 
_entity_src_gen.gene_src_details                   ? 
_entity_src_gen.pdbx_gene_src_fragment             ? 
_entity_src_gen.pdbx_gene_src_scientific_name      'Escherichia coli' 
_entity_src_gen.pdbx_gene_src_ncbi_taxonomy_id     562 
_entity_src_gen.pdbx_gene_src_variant              ? 
_entity_src_gen.pdbx_gene_src_cell_line            ? 
_entity_src_gen.pdbx_gene_src_atcc                 ? 
_entity_src_gen.pdbx_gene_src_organ                ? 
_entity_src_gen.pdbx_gene_src_organelle            ? 
_entity_src_gen.pdbx_gene_src_cell                 ? 
_entity_src_gen.pdbx_gene_src_cellular_location    ? 
_entity_src_gen.host_org_common_name               ? 
_entity_src_gen.pdbx_host_org_scientific_name      'Escherichia coli' 
_entity_src_gen.pdbx_host_org_ncbi_taxonomy_id     562 
_entity_src_gen.host_org_genus                     ? 
_entity_src_gen.pdbx_host_org_gene                 ? 
_entity_src_gen.pdbx_host_org_organ                ? 
_entity_src_gen.host_org_species                   ? 
_entity_src_gen.pdbx_host_org_tissue               ? 
_entity_src_gen.pdbx_host_org_tissue_fraction      ? 
_entity_src_gen.pdbx_host_org_strain               ? 
_entity_src_gen.pdbx_host_org_variant              ? 
_entity_src_gen.pdbx_host_org_cell_line            ? 
_entity_src_gen.pdbx_host_org_atcc                 ? 
_entity_src_gen.pdbx_host_org_culture_collection   ? 
_entity_src_gen.pdbx_host_org_cell                 ? 
_entity_src_gen.pdbx_host_org_organelle            ? 
_entity_src_gen.pdbx_host_org_cellular_location    ? 
_entity_src_gen.pdbx_host_org_vector_type          ? 
_entity_src_gen.pdbx_host_org_vector               ? 
_entity_src_gen.host_org_details                   ? 
_entity_src_gen.expression_system_id               ? 
_entity_src_gen.plasmid_name                       ? 
_entity_src_gen.plasmid_details                    ? 
_entity_src_gen.pdbx_description                   ? 
# 
loop_
_chem_comp.id 
_chem_comp.type 
_chem_comp.mon_nstd_flag 
_chem_comp.name 
_chem_comp.pdbx_synonyms 
_chem_comp.formula 
_chem_comp.formula_weight 
ALA 'L-peptide linking' y ALANINE         ? 'C3 H7 N O2'     89.093  
ARG 'L-peptide linking' y ARGININE        ? 'C6 H15 N4 O2 1' 175.209 
ASN 'L-peptide linking' y ASPARAGINE      ? 'C4 H8 N2 O3'    132.118 
ASP 'L-peptide linking' y 'ASPARTIC ACID' ? 'C4 H7 N O4'     133.103 
GLN 'L-peptide linking' y GLUTAMINE       ? 'C5 H10 N2 O3'   146.144 
GLU 'L-peptide linking' y 'GLUTAMIC ACID' ? 'C5 H9 N O4'     147.129 
GLY 'peptide linking'   y GLYCINE         ? 'C2 H5 N O2'     75.067  
HIS 'L-peptide linking' y HISTIDINE       ? 'C6 H10 N3 O2 1' 156.162 
HOH non-polymer         . WATER           ? 'H2 O'           18.015  
ILE 'L-peptide linking' y ISOLEUCINE      ? 'C6 H13 N O2'    131.173 
LEU 'L-peptide linking' y LEUCINE         ? 'C6 H13 N O2'    131.173 
LYS 'L-peptide linking' y LYSINE          ? 'C6 H15 N2 O2 1' 147.195 
MET 'L-peptide linking' y METHIONINE      ? 'C5 H11 N O2 S'  149.211 
NO3 non-polymer         . 'NITRATE ION'   ? 'N O3 -1'        62.005  
PHE 'L-peptide linking' y PHENYLALANINE   ? 'C9 H11 N O2'    165.189 
PRO 'L-peptide linking' y PROLINE         ? 'C5 H9 N O2'     115.130 
SER 'L-peptide linking' y SERINE          ? 'C3 H7 N O3'     105.093 
THR 'L-peptide linking' y THREONINE       ? 'C4 H9 N O3'     119.119 
TRP 'L-peptide linking' y TRYPTOPHAN      ? 'C11 H12 N2 O2'  204.225 
TYR 'L-peptide linking' y TYROSINE        ? 'C9 H11 N O3'    181.189 
VAL 'L-peptide linking' y VALINE          ? 'C5 H11 N O2'    117.146 
# 
loop_
_pdbx_poly_seq_scheme.asym_id 
_pdbx_poly_seq_scheme.entity_id 
_pdbx_poly_seq_scheme.seq_id 
_pdbx_poly_seq_scheme.mon_id 
_pdbx_poly_seq_scheme.ndb_seq_num 
_pdbx_poly_seq_scheme.pdb_seq_num 
_pdbx_poly_seq_scheme.auth_seq_num 
_pdbx_poly_seq_scheme.pdb_mon_id 
_pdbx_poly_seq_scheme.auth_mon_id 
_pdbx_poly_seq_scheme.pdb_strand_id 
_pdbx_poly_seq_scheme.pdb_ins_code 
_pdbx_poly_seq_scheme.hetero 
A 1 1   MET 1   1   ?   ?   ?   A . n 
A 1 2   ILE 2   2   ?   ?   ?   A . n 
A 1 3   VAL 3   3   ?   ?   ?   A . n 
A 1 4   LYS 4   4   ?   ?   ?   A . n 
A 1 5   ARG 5   5   ?   ?   ?   A . n 
A 1 6   PRO 6   6   ?   ?   ?   A . n 
A 1 7   VAL 7   7   ?   ?   ?   A . n 
A 1 8   SER 8   8   ?   ?   ?   A . n 
A 1 9   ALA 9   9   ?   ?   ?   A . n 
A 1 10  SER 10  10  ?   ?   ?   A . n 
A 1 11  LEU 11  11  ?   ?   ?   A . n 
A 1 12  ALA 12  12  ?   ?   ?   A . n 
A 1 13  ARG 13  13  13  ARG ARG A . n 
A 1 14  ALA 14  14  14  ALA ALA A . n 
A 1 15  PHE 15  15  15  PHE PHE A . n 
A 1 16  PHE 16  16  16  PHE PHE A . n 
A 1 17  TYR 17  17  17  TYR TYR A . n 
A 1 18  ILE 18  18  18  ILE ILE A . n 
A 1 19  VAL 19  19  19  VAL VAL A . n 
A 1 20  LEU 20  20  20  LEU LEU A . n 
A 1 21  LEU 21  21  21  LEU LEU A . n 
A 1 22  SER 22  22  22  SER SER A . n 
A 1 23  ILE 23  23  23  ILE ILE A . n 
A 1 24  LEU 24  24  24  LEU LEU A . n 
A 1 25  SER 25  25  25  SER SER A . n 
A 1 26  THR 26  26  26  THR THR A . n 
A 1 27  GLY 27  27  27  GLY GLY A . n 
A 1 28  ILE 28  28  28  ILE ILE A . n 
A 1 29  ALA 29  29  29  ALA ALA A . n 
A 1 30  LEU 30  30  30  LEU LEU A . n 
A 1 31  LEU 31  31  31  LEU LEU A . n 
A 1 32  THR 32  32  32  THR THR A . n 
A 1 33  LEU 33  33  33  LEU LEU A . n 
A 1 34  ALA 34  34  34  ALA ALA A . n 
A 1 35  SER 35  35  35  SER SER A . n 
A 1 36  SER 36  36  36  SER SER A . n 
A 1 37  LEU 37  37  37  LEU LEU A . n 
A 1 38  ARG 38  38  38  ARG ARG A . n 
A 1 39  ASP 39  39  39  ASP ASP A . n 
A 1 40  ALA 40  40  40  ALA ALA A . n 
A 1 41  GLU 41  41  41  GLU GLU A . n 
A 1 42  ALA 42  42  42  ALA ALA A . n 
A 1 43  ILE 43  43  43  ILE ILE A . n 
A 1 44  ASN 44  44  44  ASN ASN A . n 
A 1 45  ILE 45  45  45  ILE ILE A . n 
A 1 46  ALA 46  46  46  ALA ALA A . n 
A 1 47  GLY 47  47  47  GLY GLY A . n 
A 1 48  SER 48  48  48  SER SER A . n 
A 1 49  LEU 49  49  49  LEU LEU A . n 
A 1 50  ARG 50  50  50  ARG ARG A . n 
A 1 51  MET 51  51  51  MET MET A . n 
A 1 52  GLN 52  52  52  GLN GLN A . n 
A 1 53  SER 53  53  53  SER SER A . n 
A 1 54  TYR 54  54  54  TYR TYR A . n 
A 1 55  ARG 55  55  55  ARG ARG A . n 
A 1 56  LEU 56  56  56  LEU LEU A . n 
A 1 57  GLY 57  57  57  GLY GLY A . n 
A 1 58  TYR 58  58  58  TYR TYR A . n 
A 1 59  ASP 59  59  59  ASP ASP A . n 
A 1 60  LEU 60  60  60  LEU LEU A . n 
A 1 61  GLN 61  61  61  GLN GLN A . n 
A 1 62  SER 62  62  62  SER SER A . n 
A 1 63  GLY 63  63  63  GLY GLY A . n 
A 1 64  SER 64  64  64  SER SER A . n 
A 1 65  PRO 65  65  65  PRO PRO A . n 
A 1 66  GLN 66  66  66  GLN GLN A . n 
A 1 67  LEU 67  67  67  LEU LEU A . n 
A 1 68  ASN 68  68  68  ASN ASN A . n 
A 1 69  ALA 69  69  69  ALA ALA A . n 
A 1 70  HIS 70  70  70  HIS HIS A . n 
A 1 71  ARG 71  71  71  ARG ARG A . n 
A 1 72  GLN 72  72  72  GLN GLN A . n 
A 1 73  LEU 73  73  73  LEU LEU A . n 
A 1 74  PHE 74  74  74  PHE PHE A . n 
A 1 75  GLN 75  75  75  GLN GLN A . n 
A 1 76  GLN 76  76  76  GLN GLN A . n 
A 1 77  ALA 77  77  77  ALA ALA A . n 
A 1 78  LEU 78  78  78  LEU LEU A . n 
A 1 79  HIS 79  79  79  HIS HIS A . n 
A 1 80  SER 80  80  80  SER SER A . n 
A 1 81  PRO 81  81  81  PRO PRO A . n 
A 1 82  VAL 82  82  82  VAL VAL A . n 
A 1 83  LEU 83  83  83  LEU LEU A . n 
A 1 84  THR 84  84  84  THR THR A . n 
A 1 85  ASN 85  85  85  ASN ASN A . n 
A 1 86  LEU 86  86  86  LEU LEU A . n 
A 1 87  ASN 87  87  87  ASN ASN A . n 
A 1 88  VAL 88  88  88  VAL VAL A . n 
A 1 89  TRP 89  89  89  TRP TRP A . n 
A 1 90  TYR 90  90  90  TYR TYR A . n 
A 1 91  VAL 91  91  91  VAL VAL A . n 
A 1 92  PRO 92  92  92  PRO PRO A . n 
A 1 93  GLU 93  93  93  GLU GLU A . n 
A 1 94  ALA 94  94  94  ALA ALA A . n 
A 1 95  VAL 95  95  95  VAL VAL A . n 
A 1 96  LYS 96  96  96  LYS LYS A . n 
A 1 97  THR 97  97  97  THR THR A . n 
A 1 98  ARG 98  98  98  ARG ARG A . n 
A 1 99  TYR 99  99  99  TYR TYR A . n 
A 1 100 ALA 100 100 100 ALA ALA A . n 
A 1 101 HIS 101 101 101 HIS HIS A . n 
A 1 102 LEU 102 102 102 LEU LEU A . n 
A 1 103 ASN 103 103 103 ASN ASN A . n 
A 1 104 ALA 104 104 104 ALA ALA A . n 
A 1 105 ASN 105 105 105 ASN ASN A . n 
A 1 106 TRP 106 106 106 TRP TRP A . n 
A 1 107 LEU 107 107 107 LEU LEU A . n 
A 1 108 GLU 108 108 108 GLU GLU A . n 
A 1 109 MET 109 109 109 MET MET A . n 
A 1 110 ASN 110 110 110 ASN ASN A . n 
A 1 111 ASN 111 111 111 ASN ASN A . n 
A 1 112 ARG 112 112 112 ARG ARG A . n 
A 1 113 LEU 113 113 113 LEU LEU A . n 
A 1 114 SER 114 114 114 SER SER A . n 
A 1 115 LYS 115 115 115 LYS LYS A . n 
A 1 116 GLY 116 116 116 GLY GLY A . n 
A 1 117 ASP 117 117 117 ASP ASP A . n 
A 1 118 LEU 118 118 118 LEU LEU A . n 
A 1 119 PRO 119 119 119 PRO PRO A . n 
A 1 120 TRP 120 120 120 TRP TRP A . n 
A 1 121 TYR 121 121 121 TYR TYR A . n 
A 1 122 GLN 122 122 122 GLN GLN A . n 
A 1 123 ALA 123 123 123 ALA ALA A . n 
A 1 124 ASN 124 124 124 ASN ASN A . n 
A 1 125 ILE 125 125 125 ILE ILE A . n 
A 1 126 ASN 126 126 126 ASN ASN A . n 
A 1 127 ASN 127 127 127 ASN ASN A . n 
A 1 128 TYR 128 128 128 TYR TYR A . n 
A 1 129 VAL 129 129 129 VAL VAL A . n 
A 1 130 ASN 130 130 130 ASN ASN A . n 
A 1 131 GLN 131 131 131 GLN GLN A . n 
A 1 132 ILE 132 132 132 ILE ILE A . n 
A 1 133 ASP 133 133 133 ASP ASP A . n 
A 1 134 LEU 134 134 134 LEU LEU A . n 
A 1 135 PHE 135 135 135 PHE PHE A . n 
A 1 136 VAL 136 136 136 VAL VAL A . n 
A 1 137 LEU 137 137 137 LEU LEU A . n 
A 1 138 ALA 138 138 138 ALA ALA A . n 
A 1 139 LEU 139 139 139 LEU LEU A . n 
A 1 140 GLN 140 140 140 GLN GLN A . n 
A 1 141 HIS 141 141 141 HIS HIS A . n 
A 1 142 TYR 142 142 142 TYR TYR A . n 
A 1 143 ALA 143 143 143 ALA ALA A . n 
A 1 144 GLU 144 144 144 GLU GLU A . n 
A 1 145 ARG 145 145 145 ARG ARG A . n 
A 1 146 LYS 146 146 146 LYS LYS A . n 
A 1 147 MET 147 147 147 MET MET A . n 
A 1 148 LEU 148 148 148 LEU LEU A . n 
A 1 149 LEU 149 149 149 LEU LEU A . n 
A 1 150 VAL 150 150 150 VAL VAL A . n 
A 1 151 VAL 151 151 151 VAL VAL A . n 
A 1 152 ALA 152 152 152 ALA ALA A . n 
A 1 153 ILE 153 153 153 ILE ILE A . n 
A 1 154 SER 154 154 154 SER SER A . n 
A 1 155 LEU 155 155 155 LEU LEU A . n 
A 1 156 ALA 156 156 156 ALA ALA A . n 
A 1 157 GLY 157 157 157 GLY GLY A . n 
A 1 158 GLY 158 158 158 GLY GLY A . n 
A 1 159 ILE 159 159 159 ILE ILE A . n 
A 1 160 GLY 160 160 160 GLY GLY A . n 
A 1 161 ILE 161 161 161 ILE ILE A . n 
A 1 162 PHE 162 162 162 PHE PHE A . n 
A 1 163 THR 163 163 163 THR THR A . n 
A 1 164 LEU 164 164 164 LEU LEU A . n 
A 1 165 VAL 165 165 165 VAL VAL A . n 
A 1 166 PHE 166 166 166 PHE PHE A . n 
A 1 167 PHE 167 167 167 PHE PHE A . n 
A 1 168 THR 168 168 168 THR THR A . n 
A 1 169 LEU 169 169 169 LEU LEU A . n 
A 1 170 ARG 170 170 170 ARG ARG A . n 
A 1 171 ARG 171 171 ?   ?   ?   A . n 
A 1 172 ILE 172 172 ?   ?   ?   A . n 
A 1 173 ARG 173 173 ?   ?   ?   A . n 
A 1 174 HIS 174 174 ?   ?   ?   A . n 
A 1 175 GLN 175 175 ?   ?   ?   A . n 
A 1 176 VAL 176 176 ?   ?   ?   A . n 
A 1 177 VAL 177 177 ?   ?   ?   A . n 
A 1 178 ALA 178 178 ?   ?   ?   A . n 
A 1 179 PRO 179 179 ?   ?   ?   A . n 
A 1 180 LEU 180 180 ?   ?   ?   A . n 
A 1 181 ASN 181 181 ?   ?   ?   A . n 
A 1 182 GLN 182 182 ?   ?   ?   A . n 
A 1 183 LEU 183 183 ?   ?   ?   A . n 
A 1 184 VAL 184 184 ?   ?   ?   A . n 
A 1 185 THR 185 185 ?   ?   ?   A . n 
A 1 186 ALA 186 186 ?   ?   ?   A . n 
A 1 187 SER 187 187 ?   ?   ?   A . n 
A 1 188 GLN 188 188 ?   ?   ?   A . n 
A 1 189 ARG 189 189 ?   ?   ?   A . n 
A 1 190 ILE 190 190 ?   ?   ?   A . n 
A 1 191 GLU 191 191 ?   ?   ?   A . n 
A 1 192 HIS 192 192 ?   ?   ?   A . n 
A 1 193 GLY 193 193 ?   ?   ?   A . n 
A 1 194 GLN 194 194 ?   ?   ?   A . n 
A 1 195 PHE 195 195 ?   ?   ?   A . n 
A 1 196 ASP 196 196 ?   ?   ?   A . n 
A 1 197 SER 197 197 ?   ?   ?   A . n 
A 1 198 PRO 198 198 ?   ?   ?   A . n 
A 1 199 PRO 199 199 ?   ?   ?   A . n 
A 1 200 LEU 200 200 ?   ?   ?   A . n 
A 1 201 ASP 201 201 ?   ?   ?   A . n 
A 1 202 THR 202 202 ?   ?   ?   A . n 
A 1 203 ASN 203 203 ?   ?   ?   A . n 
A 1 204 LEU 204 204 ?   ?   ?   A . n 
A 1 205 PRO 205 205 ?   ?   ?   A . n 
A 1 206 ASN 206 206 ?   ?   ?   A . n 
A 1 207 GLU 207 207 ?   ?   ?   A . n 
A 1 208 LEU 208 208 ?   ?   ?   A . n 
A 1 209 GLY 209 209 ?   ?   ?   A . n 
A 1 210 LEU 210 210 ?   ?   ?   A . n 
A 1 211 LEU 211 211 ?   ?   ?   A . n 
A 1 212 ALA 212 212 ?   ?   ?   A . n 
A 1 213 LYS 213 213 ?   ?   ?   A . n 
A 1 214 THR 214 214 ?   ?   ?   A . n 
A 1 215 PHE 215 215 ?   ?   ?   A . n 
A 1 216 ASN 216 216 ?   ?   ?   A . n 
A 1 217 GLN 217 217 ?   ?   ?   A . n 
A 1 218 MET 218 218 ?   ?   ?   A . n 
A 1 219 SER 219 219 ?   ?   ?   A . n 
A 1 220 SER 220 220 ?   ?   ?   A . n 
A 1 221 GLU 221 221 ?   ?   ?   A . n 
A 1 222 LEU 222 222 ?   ?   ?   A . n 
A 1 223 HIS 223 223 ?   ?   ?   A . n 
A 1 224 LYS 224 224 ?   ?   ?   A . n 
A 1 225 LEU 225 225 ?   ?   ?   A . n 
A 1 226 TYR 226 226 ?   ?   ?   A . n 
A 1 227 ARG 227 227 ?   ?   ?   A . n 
A 1 228 SER 228 228 ?   ?   ?   A . n 
A 1 229 LEU 229 229 ?   ?   ?   A . n 
A 1 230 GLU 230 230 ?   ?   ?   A . n 
A 1 231 HIS 231 231 ?   ?   ?   A . n 
A 1 232 HIS 232 232 ?   ?   ?   A . n 
A 1 233 HIS 233 233 ?   ?   ?   A . n 
A 1 234 HIS 234 234 ?   ?   ?   A . n 
A 1 235 HIS 235 235 ?   ?   ?   A . n 
A 1 236 HIS 236 236 ?   ?   ?   A . n 
# 
loop_
_pdbx_nonpoly_scheme.asym_id 
_pdbx_nonpoly_scheme.entity_id 
_pdbx_nonpoly_scheme.mon_id 
_pdbx_nonpoly_scheme.ndb_seq_num 
_pdbx_nonpoly_scheme.pdb_seq_num 
_pdbx_nonpoly_scheme.auth_seq_num 
_pdbx_nonpoly_scheme.pdb_mon_id 
_pdbx_nonpoly_scheme.auth_mon_id 
_pdbx_nonpoly_scheme.pdb_strand_id 
_pdbx_nonpoly_scheme.pdb_ins_code 
B 2 NO3 1  301 306 NO3 NO3 A . 
C 3 HOH 1  401 15  HOH HOH A . 
C 3 HOH 2  402 430 HOH HOH A . 
C 3 HOH 3  403 9   HOH HOH A . 
C 3 HOH 4  404 10  HOH HOH A . 
C 3 HOH 5  405 513 HOH HOH A . 
C 3 HOH 6  406 490 HOH HOH A . 
C 3 HOH 7  407 465 HOH HOH A . 
C 3 HOH 8  408 404 HOH HOH A . 
C 3 HOH 9  409 443 HOH HOH A . 
C 3 HOH 10 410 502 HOH HOH A . 
C 3 HOH 11 411 419 HOH HOH A . 
C 3 HOH 12 412 496 HOH HOH A . 
C 3 HOH 13 413 460 HOH HOH A . 
C 3 HOH 14 414 549 HOH HOH A . 
C 3 HOH 15 415 425 HOH HOH A . 
C 3 HOH 16 416 445 HOH HOH A . 
C 3 HOH 17 417 462 HOH HOH A . 
C 3 HOH 18 418 417 HOH HOH A . 
C 3 HOH 19 419 453 HOH HOH A . 
C 3 HOH 20 420 406 HOH HOH A . 
C 3 HOH 21 421 4   HOH HOH A . 
C 3 HOH 22 422 6   HOH HOH A . 
C 3 HOH 23 423 506 HOH HOH A . 
C 3 HOH 24 424 454 HOH HOH A . 
C 3 HOH 25 425 5   HOH HOH A . 
C 3 HOH 26 426 494 HOH HOH A . 
C 3 HOH 27 427 469 HOH HOH A . 
C 3 HOH 28 428 442 HOH HOH A . 
C 3 HOH 29 429 448 HOH HOH A . 
C 3 HOH 30 430 483 HOH HOH A . 
C 3 HOH 31 431 447 HOH HOH A . 
C 3 HOH 32 432 3   HOH HOH A . 
C 3 HOH 33 433 539 HOH HOH A . 
C 3 HOH 34 434 550 HOH HOH A . 
C 3 HOH 35 435 503 HOH HOH A . 
C 3 HOH 36 436 526 HOH HOH A . 
C 3 HOH 37 437 435 HOH HOH A . 
C 3 HOH 38 438 14  HOH HOH A . 
C 3 HOH 39 439 510 HOH HOH A . 
C 3 HOH 40 440 504 HOH HOH A . 
C 3 HOH 41 441 487 HOH HOH A . 
C 3 HOH 42 442 489 HOH HOH A . 
C 3 HOH 43 443 12  HOH HOH A . 
C 3 HOH 44 444 484 HOH HOH A . 
C 3 HOH 45 445 467 HOH HOH A . 
C 3 HOH 46 446 505 HOH HOH A . 
C 3 HOH 47 447 8   HOH HOH A . 
C 3 HOH 48 448 416 HOH HOH A . 
C 3 HOH 49 449 498 HOH HOH A . 
C 3 HOH 50 450 429 HOH HOH A . 
C 3 HOH 51 451 409 HOH HOH A . 
C 3 HOH 52 452 414 HOH HOH A . 
C 3 HOH 53 453 11  HOH HOH A . 
C 3 HOH 54 454 480 HOH HOH A . 
C 3 HOH 55 455 432 HOH HOH A . 
C 3 HOH 56 456 455 HOH HOH A . 
C 3 HOH 57 457 424 HOH HOH A . 
C 3 HOH 58 458 533 HOH HOH A . 
C 3 HOH 59 459 516 HOH HOH A . 
C 3 HOH 60 460 16  HOH HOH A . 
C 3 HOH 61 461 545 HOH HOH A . 
C 3 HOH 62 462 531 HOH HOH A . 
C 3 HOH 63 463 525 HOH HOH A . 
C 3 HOH 64 464 542 HOH HOH A . 
C 3 HOH 65 465 440 HOH HOH A . 
C 3 HOH 66 466 527 HOH HOH A . 
C 3 HOH 67 467 548 HOH HOH A . 
C 3 HOH 68 468 481 HOH HOH A . 
C 3 HOH 69 469 421 HOH HOH A . 
C 3 HOH 70 470 562 HOH HOH A . 
C 3 HOH 71 471 540 HOH HOH A . 
C 3 HOH 72 472 13  HOH HOH A . 
C 3 HOH 73 473 565 HOH HOH A . 
C 3 HOH 74 474 522 HOH HOH A . 
C 3 HOH 75 475 2   HOH HOH A . 
C 3 HOH 76 476 569 HOH HOH A . 
C 3 HOH 77 477 544 HOH HOH A . 
C 3 HOH 78 478 563 HOH HOH A . 
C 3 HOH 79 479 558 HOH HOH A . 
C 3 HOH 80 480 1   HOH HOH A . 
C 3 HOH 81 481 7   HOH HOH A . 
# 
loop_
_pdbx_unobs_or_zero_occ_atoms.id 
_pdbx_unobs_or_zero_occ_atoms.PDB_model_num 
_pdbx_unobs_or_zero_occ_atoms.polymer_flag 
_pdbx_unobs_or_zero_occ_atoms.occupancy_flag 
_pdbx_unobs_or_zero_occ_atoms.auth_asym_id 
_pdbx_unobs_or_zero_occ_atoms.auth_comp_id 
_pdbx_unobs_or_zero_occ_atoms.auth_seq_id 
_pdbx_unobs_or_zero_occ_atoms.PDB_ins_code 
_pdbx_unobs_or_zero_occ_atoms.auth_atom_id 
_pdbx_unobs_or_zero_occ_atoms.label_alt_id 
_pdbx_unobs_or_zero_occ_atoms.label_asym_id 
_pdbx_unobs_or_zero_occ_atoms.label_comp_id 
_pdbx_unobs_or_zero_occ_atoms.label_seq_id 
_pdbx_unobs_or_zero_occ_atoms.label_atom_id 
1  1 Y 1 A ARG 13  ? CG  ? A ARG 13  CG  
2  1 Y 1 A ARG 13  ? CD  ? A ARG 13  CD  
3  1 Y 1 A ARG 13  ? NE  ? A ARG 13  NE  
4  1 Y 1 A ARG 13  ? CZ  ? A ARG 13  CZ  
5  1 Y 1 A ARG 13  ? NH1 ? A ARG 13  NH1 
6  1 Y 1 A ARG 13  ? NH2 ? A ARG 13  NH2 
7  1 Y 1 A LYS 115 ? CD  ? A LYS 115 CD  
8  1 Y 1 A LYS 115 ? CE  ? A LYS 115 CE  
9  1 Y 1 A LYS 115 ? NZ  ? A LYS 115 NZ  
10 1 Y 1 A PHE 167 ? CG  ? A PHE 167 CG  
11 1 Y 1 A PHE 167 ? CD1 ? A PHE 167 CD1 
12 1 Y 1 A PHE 167 ? CD2 ? A PHE 167 CD2 
13 1 Y 1 A PHE 167 ? CE1 ? A PHE 167 CE1 
14 1 Y 1 A PHE 167 ? CE2 ? A PHE 167 CE2 
15 1 Y 1 A PHE 167 ? CZ  ? A PHE 167 CZ  
16 1 Y 1 A ARG 170 ? CG  ? A ARG 170 CG  
17 1 Y 1 A ARG 170 ? CD  ? A ARG 170 CD  
18 1 Y 1 A ARG 170 ? NE  ? A ARG 170 NE  
19 1 Y 1 A ARG 170 ? CZ  ? A ARG 170 CZ  
20 1 Y 1 A ARG 170 ? NH1 ? A ARG 170 NH1 
21 1 Y 1 A ARG 170 ? NH2 ? A ARG 170 NH2 
# 
loop_
_software.citation_id 
_software.classification 
_software.compiler_name 
_software.compiler_version 
_software.contact_author 
_software.contact_author_email 
_software.date 
_software.description 
_software.dependencies 
_software.hardware 
_software.language 
_software.location 
_software.mods 
_software.name 
_software.os 
_software.os_version 
_software.type 
_software.version 
_software.pdbx_ordinal 
? refinement        ? ? ? ? ? ? ? ? ? ? ? REFMAC      ? ? ? 5.8.0073 1 
? 'data scaling'    ? ? ? ? ? ? ? ? ? ? ? Aimless     ? ? ? 0.3.11   2 
? 'data extraction' ? ? ? ? ? ? ? ? ? ? ? PDB_EXTRACT ? ? ? 3.25     3 
? 'data reduction'  ? ? ? ? ? ? ? ? ? ? ? XDS         ? ? ? .        4 
? phasing           ? ? ? ? ? ? ? ? ? ? ? MOLREP      ? ? ? .        5 
# 
_cell.angle_alpha                  90.000 
_cell.angle_alpha_esd              ? 
_cell.angle_beta                   90.000 
_cell.angle_beta_esd               ? 
_cell.angle_gamma                  90.000 
_cell.angle_gamma_esd              ? 
_cell.entry_id                     6XYN 
_cell.details                      ? 
_cell.formula_units_Z              ? 
_cell.length_a                     51.283 
_cell.length_a_esd                 ? 
_cell.length_b                     51.283 
_cell.length_b_esd                 ? 
_cell.length_c                     182.988 
_cell.length_c_esd                 ? 
_cell.volume                       ? 
_cell.volume_esd                   ? 
_cell.Z_PDB                        8 
_cell.reciprocal_angle_alpha       ? 
_cell.reciprocal_angle_beta        ? 
_cell.reciprocal_angle_gamma       ? 
_cell.reciprocal_angle_alpha_esd   ? 
_cell.reciprocal_angle_beta_esd    ? 
_cell.reciprocal_angle_gamma_esd   ? 
_cell.reciprocal_length_a          ? 
_cell.reciprocal_length_b          ? 
_cell.reciprocal_length_c          ? 
_cell.reciprocal_length_a_esd      ? 
_cell.reciprocal_length_b_esd      ? 
_cell.reciprocal_length_c_esd      ? 
_cell.pdbx_unique_axis             ? 
# 
_symmetry.entry_id                         6XYN 
_symmetry.cell_setting                     ? 
_symmetry.Int_Tables_number                79 
_symmetry.space_group_name_Hall            ? 
_symmetry.space_group_name_H-M             'I 4' 
_symmetry.pdbx_full_space_group_name_H-M   ? 
# 
_exptl.absorpt_coefficient_mu     ? 
_exptl.absorpt_correction_T_max   ? 
_exptl.absorpt_correction_T_min   ? 
_exptl.absorpt_correction_type    ? 
_exptl.absorpt_process_details    ? 
_exptl.entry_id                   6XYN 
_exptl.crystals_number            1 
_exptl.details                    ? 
_exptl.method                     'X-RAY DIFFRACTION' 
_exptl.method_details             ? 
# 
_exptl_crystal.colour                      ? 
_exptl_crystal.density_diffrn              ? 
_exptl_crystal.density_Matthews            3.36 
_exptl_crystal.density_method              ? 
_exptl_crystal.density_percent_sol         63.43 
_exptl_crystal.description                 ? 
_exptl_crystal.F_000                       ? 
_exptl_crystal.id                          1 
_exptl_crystal.preparation                 ? 
_exptl_crystal.size_max                    ? 
_exptl_crystal.size_mid                    ? 
_exptl_crystal.size_min                    ? 
_exptl_crystal.size_rad                    ? 
_exptl_crystal.colour_lustre               ? 
_exptl_crystal.colour_modifier             ? 
_exptl_crystal.colour_primary              ? 
_exptl_crystal.density_meas                ? 
_exptl_crystal.density_meas_esd            ? 
_exptl_crystal.density_meas_gt             ? 
_exptl_crystal.density_meas_lt             ? 
_exptl_crystal.density_meas_temp           ? 
_exptl_crystal.density_meas_temp_esd       ? 
_exptl_crystal.density_meas_temp_gt        ? 
_exptl_crystal.density_meas_temp_lt        ? 
_exptl_crystal.pdbx_crystal_image_url      ? 
_exptl_crystal.pdbx_crystal_image_format   ? 
_exptl_crystal.pdbx_mosaicity              ? 
_exptl_crystal.pdbx_mosaicity_esd          ? 
# 
_exptl_crystal_grow.apparatus       ? 
_exptl_crystal_grow.atmosphere      ? 
_exptl_crystal_grow.crystal_id      1 
_exptl_crystal_grow.details         ? 
_exptl_crystal_grow.method          'LIPIDIC CUBIC PHASE' 
_exptl_crystal_grow.method_ref      ? 
_exptl_crystal_grow.pH              ? 
_exptl_crystal_grow.pressure        ? 
_exptl_crystal_grow.pressure_esd    ? 
_exptl_crystal_grow.seeding         ? 
_exptl_crystal_grow.seeding_ref     ? 
_exptl_crystal_grow.temp            295 
_exptl_crystal_grow.temp_details    ? 
_exptl_crystal_grow.temp_esd        ? 
_exptl_crystal_grow.time            ? 
_exptl_crystal_grow.pdbx_details    '1 M KH2PO4/Na2HPO4 pH 5.2 and 5 mM NaNO3' 
_exptl_crystal_grow.pdbx_pH_range   ? 
# 
_diffrn.ambient_environment              ? 
_diffrn.ambient_temp                     100 
_diffrn.ambient_temp_details             ? 
_diffrn.ambient_temp_esd                 ? 
_diffrn.crystal_id                       1 
_diffrn.crystal_support                  ? 
_diffrn.crystal_treatment                ? 
_diffrn.details                          ? 
_diffrn.id                               1 
_diffrn.ambient_pressure                 ? 
_diffrn.ambient_pressure_esd             ? 
_diffrn.ambient_pressure_gt              ? 
_diffrn.ambient_pressure_lt              ? 
_diffrn.ambient_temp_gt                  ? 
_diffrn.ambient_temp_lt                  ? 
_diffrn.pdbx_serial_crystal_experiment   N 
# 
_diffrn_detector.details                      ? 
_diffrn_detector.detector                     PIXEL 
_diffrn_detector.diffrn_id                    1 
_diffrn_detector.type                         'DECTRIS PILATUS 6M-F' 
_diffrn_detector.area_resol_mean              ? 
_diffrn_detector.dtime                        ? 
_diffrn_detector.pdbx_frames_total            ? 
_diffrn_detector.pdbx_collection_time_total   ? 
_diffrn_detector.pdbx_collection_date         2015-11-20 
_diffrn_detector.pdbx_frequency               ? 
# 
_diffrn_radiation.collimation                      ? 
_diffrn_radiation.diffrn_id                        1 
_diffrn_radiation.filter_edge                      ? 
_diffrn_radiation.inhomogeneity                    ? 
_diffrn_radiation.monochromator                    ? 
_diffrn_radiation.polarisn_norm                    ? 
_diffrn_radiation.polarisn_ratio                   ? 
_diffrn_radiation.probe                            ? 
_diffrn_radiation.type                             ? 
_diffrn_radiation.xray_symbol                      ? 
_diffrn_radiation.wavelength_id                    1 
_diffrn_radiation.pdbx_monochromatic_or_laue_m_l   M 
_diffrn_radiation.pdbx_wavelength_list             ? 
_diffrn_radiation.pdbx_wavelength                  ? 
_diffrn_radiation.pdbx_diffrn_protocol             'SINGLE WAVELENGTH' 
_diffrn_radiation.pdbx_analyzer                    ? 
_diffrn_radiation.pdbx_scattering_type             x-ray 
# 
_diffrn_radiation_wavelength.id           1 
_diffrn_radiation_wavelength.wavelength   0.9724 
_diffrn_radiation_wavelength.wt           1.0 
# 
_diffrn_source.current                     ? 
_diffrn_source.details                     ? 
_diffrn_source.diffrn_id                   1 
_diffrn_source.power                       ? 
_diffrn_source.size                        ? 
_diffrn_source.source                      SYNCHROTRON 
_diffrn_source.target                      ? 
_diffrn_source.type                        'ESRF BEAMLINE ID23-1' 
_diffrn_source.voltage                     ? 
_diffrn_source.take-off_angle              ? 
_diffrn_source.pdbx_wavelength_list        0.9724 
_diffrn_source.pdbx_wavelength             ? 
_diffrn_source.pdbx_synchrotron_beamline   ID23-1 
_diffrn_source.pdbx_synchrotron_site       ESRF 
# 
_reflns.B_iso_Wilson_estimate            ? 
_reflns.entry_id                         6XYN 
_reflns.data_reduction_details           ? 
_reflns.data_reduction_method            ? 
_reflns.d_resolution_high                2.300 
_reflns.d_resolution_low                 49.38 
_reflns.details                          ? 
_reflns.limit_h_max                      ? 
_reflns.limit_h_min                      ? 
_reflns.limit_k_max                      ? 
_reflns.limit_k_min                      ? 
_reflns.limit_l_max                      ? 
_reflns.limit_l_min                      ? 
_reflns.number_all                       ? 
_reflns.number_obs                       10245 
_reflns.observed_criterion               ? 
_reflns.observed_criterion_F_max         ? 
_reflns.observed_criterion_F_min         ? 
_reflns.observed_criterion_I_max         ? 
_reflns.observed_criterion_I_min         ? 
_reflns.observed_criterion_sigma_F       ? 
_reflns.observed_criterion_sigma_I       ? 
_reflns.percent_possible_obs             97.800 
_reflns.R_free_details                   ? 
_reflns.Rmerge_F_all                     ? 
_reflns.Rmerge_F_obs                     ? 
_reflns.Friedel_coverage                 ? 
_reflns.number_gt                        ? 
_reflns.threshold_expression             ? 
_reflns.pdbx_redundancy                  4.300 
_reflns.pdbx_Rmerge_I_obs                0.064 
_reflns.pdbx_Rmerge_I_all                ? 
_reflns.pdbx_Rsym_value                  ? 
_reflns.pdbx_netI_over_av_sigmaI         ? 
_reflns.pdbx_netI_over_sigmaI            13.200 
_reflns.pdbx_res_netI_over_av_sigmaI_2   ? 
_reflns.pdbx_res_netI_over_sigmaI_2      ? 
_reflns.pdbx_chi_squared                 ? 
_reflns.pdbx_scaling_rejects             ? 
_reflns.pdbx_d_res_high_opt              ? 
_reflns.pdbx_d_res_low_opt               ? 
_reflns.pdbx_d_res_opt_method            ? 
_reflns.phase_calculation_details        ? 
_reflns.pdbx_Rrim_I_all                  0.073 
_reflns.pdbx_Rpim_I_all                  0.035 
_reflns.pdbx_d_opt                       ? 
_reflns.pdbx_number_measured_all         ? 
_reflns.pdbx_diffrn_id                   1 
_reflns.pdbx_ordinal                     1 
_reflns.pdbx_CC_half                     0.999 
_reflns.pdbx_CC_star                     ? 
_reflns.pdbx_R_split                     ? 
# 
_reflns_shell.d_res_high                  2.300 
_reflns_shell.d_res_low                   2.380 
_reflns_shell.meanI_over_sigI_all         ? 
_reflns_shell.meanI_over_sigI_obs         ? 
_reflns_shell.number_measured_all         ? 
_reflns_shell.number_measured_obs         ? 
_reflns_shell.number_possible             ? 
_reflns_shell.number_unique_all           ? 
_reflns_shell.number_unique_obs           1015 
_reflns_shell.percent_possible_all        99.800 
_reflns_shell.percent_possible_obs        ? 
_reflns_shell.Rmerge_F_all                ? 
_reflns_shell.Rmerge_F_obs                ? 
_reflns_shell.Rmerge_I_all                ? 
_reflns_shell.Rmerge_I_obs                0.554 
_reflns_shell.meanI_over_sigI_gt          ? 
_reflns_shell.meanI_over_uI_all           ? 
_reflns_shell.meanI_over_uI_gt            ? 
_reflns_shell.number_measured_gt          ? 
_reflns_shell.number_unique_gt            ? 
_reflns_shell.percent_possible_gt         ? 
_reflns_shell.Rmerge_F_gt                 ? 
_reflns_shell.Rmerge_I_gt                 ? 
_reflns_shell.pdbx_redundancy             4.400 
_reflns_shell.pdbx_Rsym_value             ? 
_reflns_shell.pdbx_chi_squared            ? 
_reflns_shell.pdbx_netI_over_sigmaI_all   ? 
_reflns_shell.pdbx_netI_over_sigmaI_obs   ? 
_reflns_shell.pdbx_Rrim_I_all             0.632 
_reflns_shell.pdbx_Rpim_I_all             0.299 
_reflns_shell.pdbx_rejects                ? 
_reflns_shell.pdbx_ordinal                1 
_reflns_shell.pdbx_diffrn_id              1 
_reflns_shell.pdbx_CC_half                0.772 
_reflns_shell.pdbx_CC_star                ? 
_reflns_shell.pdbx_R_split                ? 
# 
_refine.aniso_B[1][1]                            -0.4900 
_refine.aniso_B[1][2]                            0.0000 
_refine.aniso_B[1][3]                            0.0000 
_refine.aniso_B[2][2]                            -0.4900 
_refine.aniso_B[2][3]                            -0.0000 
_refine.aniso_B[3][3]                            0.9900 
_refine.B_iso_max                                191.810 
_refine.B_iso_mean                               70.0400 
_refine.B_iso_min                                20.270 
_refine.correlation_coeff_Fo_to_Fc               0.9160 
_refine.correlation_coeff_Fo_to_Fc_free          0.9310 
_refine.details                                  ? 
_refine.diff_density_max                         ? 
_refine.diff_density_max_esd                     ? 
_refine.diff_density_min                         ? 
_refine.diff_density_min_esd                     ? 
_refine.diff_density_rms                         ? 
_refine.diff_density_rms_esd                     ? 
_refine.entry_id                                 6XYN 
_refine.pdbx_refine_id                           'X-RAY DIFFRACTION' 
_refine.ls_abs_structure_details                 ? 
_refine.ls_abs_structure_Flack                   ? 
_refine.ls_abs_structure_Flack_esd               ? 
_refine.ls_abs_structure_Rogers                  ? 
_refine.ls_abs_structure_Rogers_esd              ? 
_refine.ls_d_res_high                            2.3000 
_refine.ls_d_res_low                             49.38 
_refine.ls_extinction_coef                       ? 
_refine.ls_extinction_coef_esd                   ? 
_refine.ls_extinction_expression                 ? 
_refine.ls_extinction_method                     ? 
_refine.ls_goodness_of_fit_all                   ? 
_refine.ls_goodness_of_fit_all_esd               ? 
_refine.ls_goodness_of_fit_obs                   ? 
_refine.ls_goodness_of_fit_obs_esd               ? 
_refine.ls_hydrogen_treatment                    ? 
_refine.ls_matrix_type                           ? 
_refine.ls_number_constraints                    ? 
_refine.ls_number_parameters                     ? 
_refine.ls_number_reflns_all                     ? 
_refine.ls_number_reflns_obs                     9733 
_refine.ls_number_reflns_R_free                  512 
_refine.ls_number_reflns_R_work                  ? 
_refine.ls_number_restraints                     ? 
_refine.ls_percent_reflns_obs                    97.7100 
_refine.ls_percent_reflns_R_free                 5.0000 
_refine.ls_R_factor_all                          ? 
_refine.ls_R_factor_obs                          0.2507 
_refine.ls_R_factor_R_free                       0.2848 
_refine.ls_R_factor_R_free_error                 ? 
_refine.ls_R_factor_R_free_error_details         ? 
_refine.ls_R_factor_R_work                       0.2490 
_refine.ls_R_Fsqd_factor_obs                     ? 
_refine.ls_R_I_factor_obs                        ? 
_refine.ls_redundancy_reflns_all                 ? 
_refine.ls_redundancy_reflns_obs                 ? 
_refine.ls_restrained_S_all                      ? 
_refine.ls_restrained_S_obs                      ? 
_refine.ls_shift_over_esd_max                    ? 
_refine.ls_shift_over_esd_mean                   ? 
_refine.ls_structure_factor_coef                 ? 
_refine.ls_weighting_details                     ? 
_refine.ls_weighting_scheme                      ? 
_refine.ls_wR_factor_all                         ? 
_refine.ls_wR_factor_obs                         ? 
_refine.ls_wR_factor_R_free                      ? 
_refine.ls_wR_factor_R_work                      ? 
_refine.occupancy_max                            ? 
_refine.occupancy_min                            ? 
_refine.solvent_model_details                    ? 
_refine.solvent_model_param_bsol                 ? 
_refine.solvent_model_param_ksol                 ? 
_refine.pdbx_R_complete                          ? 
_refine.ls_R_factor_gt                           ? 
_refine.ls_goodness_of_fit_gt                    ? 
_refine.ls_goodness_of_fit_ref                   ? 
_refine.ls_shift_over_su_max                     ? 
_refine.ls_shift_over_su_max_lt                  ? 
_refine.ls_shift_over_su_mean                    ? 
_refine.ls_shift_over_su_mean_lt                 ? 
_refine.pdbx_ls_sigma_I                          ? 
_refine.pdbx_ls_sigma_F                          0.000 
_refine.pdbx_ls_sigma_Fsqd                       ? 
_refine.pdbx_data_cutoff_high_absF               ? 
_refine.pdbx_data_cutoff_high_rms_absF           ? 
_refine.pdbx_data_cutoff_low_absF                ? 
_refine.pdbx_isotropic_thermal_model             ? 
_refine.pdbx_ls_cross_valid_method               THROUGHOUT 
_refine.pdbx_method_to_determine_struct          'MOLECULAR REPLACEMENT' 
_refine.pdbx_starting_model                      5IJI 
_refine.pdbx_stereochemistry_target_values       ? 
_refine.pdbx_R_Free_selection_details            RANDOM 
_refine.pdbx_stereochem_target_val_spec_case     ? 
_refine.pdbx_overall_ESU_R                       0.3230 
_refine.pdbx_overall_ESU_R_Free                  0.2480 
_refine.pdbx_solvent_vdw_probe_radii             1.2000 
_refine.pdbx_solvent_ion_probe_radii             0.8000 
_refine.pdbx_solvent_shrinkage_radii             0.8000 
_refine.pdbx_real_space_R                        ? 
_refine.pdbx_density_correlation                 ? 
_refine.pdbx_pd_number_of_powder_patterns        ? 
_refine.pdbx_pd_number_of_points                 ? 
_refine.pdbx_pd_meas_number_of_points            ? 
_refine.pdbx_pd_proc_ls_prof_R_factor            ? 
_refine.pdbx_pd_proc_ls_prof_wR_factor           ? 
_refine.pdbx_pd_Marquardt_correlation_coeff      ? 
_refine.pdbx_pd_Fsqrd_R_factor                   ? 
_refine.pdbx_pd_ls_matrix_band_width             ? 
_refine.pdbx_overall_phase_error                 ? 
_refine.pdbx_overall_SU_R_free_Cruickshank_DPI   ? 
_refine.pdbx_overall_SU_R_free_Blow_DPI          ? 
_refine.pdbx_overall_SU_R_Blow_DPI               ? 
_refine.pdbx_TLS_residual_ADP_flag               ? 
_refine.pdbx_diffrn_id                           1 
_refine.overall_SU_B                             7.9590 
_refine.overall_SU_ML                            0.1970 
_refine.overall_SU_R_Cruickshank_DPI             ? 
_refine.overall_SU_R_free                        ? 
_refine.overall_FOM_free_R_set                   ? 
_refine.overall_FOM_work_R_set                   ? 
_refine.pdbx_average_fsc_overall                 ? 
_refine.pdbx_average_fsc_work                    ? 
_refine.pdbx_average_fsc_free                    ? 
# 
_refine_hist.pdbx_refine_id                   'X-RAY DIFFRACTION' 
_refine_hist.cycle_id                         final 
_refine_hist.details                          ? 
_refine_hist.d_res_high                       2.3000 
_refine_hist.d_res_low                        49.38 
_refine_hist.number_atoms_solvent             81 
_refine_hist.number_atoms_total               1328 
_refine_hist.number_reflns_all                ? 
_refine_hist.number_reflns_obs                ? 
_refine_hist.number_reflns_R_free             ? 
_refine_hist.number_reflns_R_work             ? 
_refine_hist.R_factor_all                     ? 
_refine_hist.R_factor_obs                     ? 
_refine_hist.R_factor_R_free                  ? 
_refine_hist.R_factor_R_work                  ? 
_refine_hist.pdbx_number_residues_total       158 
_refine_hist.pdbx_B_iso_mean_ligand           40.61 
_refine_hist.pdbx_B_iso_mean_solvent          52.82 
_refine_hist.pdbx_number_atoms_protein        1243 
_refine_hist.pdbx_number_atoms_nucleic_acid   0 
_refine_hist.pdbx_number_atoms_ligand         4 
_refine_hist.pdbx_number_atoms_lipid          ? 
_refine_hist.pdbx_number_atoms_carb           ? 
_refine_hist.pdbx_pseudo_atom_details         ? 
# 
loop_
_refine_ls_restr.pdbx_refine_id 
_refine_ls_restr.criterion 
_refine_ls_restr.dev_ideal 
_refine_ls_restr.dev_ideal_target 
_refine_ls_restr.number 
_refine_ls_restr.rejects 
_refine_ls_restr.type 
_refine_ls_restr.weight 
_refine_ls_restr.pdbx_restraint_function 
'X-RAY DIFFRACTION' ? 0.004  0.019  1277 ? r_bond_refined_d       ? ? 
'X-RAY DIFFRACTION' ? 0.000  0.020  1236 ? r_bond_other_d         ? ? 
'X-RAY DIFFRACTION' ? 0.677  1.950  1742 ? r_angle_refined_deg    ? ? 
'X-RAY DIFFRACTION' ? 0.521  3.000  2806 ? r_angle_other_deg      ? ? 
'X-RAY DIFFRACTION' ? 3.384  5.000  159  ? r_dihedral_angle_1_deg ? ? 
'X-RAY DIFFRACTION' ? 34.774 23.860 57   ? r_dihedral_angle_2_deg ? ? 
'X-RAY DIFFRACTION' ? 12.123 15.000 204  ? r_dihedral_angle_3_deg ? ? 
'X-RAY DIFFRACTION' ? 13.389 15.000 7    ? r_dihedral_angle_4_deg ? ? 
'X-RAY DIFFRACTION' ? 0.040  0.200  204  ? r_chiral_restr         ? ? 
'X-RAY DIFFRACTION' ? 0.003  0.020  1467 ? r_gen_planes_refined   ? ? 
'X-RAY DIFFRACTION' ? 0.000  0.020  320  ? r_gen_planes_other     ? ? 
# 
_refine_ls_shell.pdbx_refine_id                   'X-RAY DIFFRACTION' 
_refine_ls_shell.d_res_high                       2.3000 
_refine_ls_shell.d_res_low                        2.3600 
_refine_ls_shell.number_reflns_all                ? 
_refine_ls_shell.number_reflns_obs                ? 
_refine_ls_shell.number_reflns_R_free             34 
_refine_ls_shell.number_reflns_R_work             724 
_refine_ls_shell.percent_reflns_obs               99.6100 
_refine_ls_shell.percent_reflns_R_free            ? 
_refine_ls_shell.R_factor_all                     ? 
_refine_ls_shell.R_factor_obs                     ? 
_refine_ls_shell.R_factor_R_free                  0.2970 
_refine_ls_shell.R_factor_R_free_error            0.0000 
_refine_ls_shell.R_factor_R_work                  0.2970 
_refine_ls_shell.redundancy_reflns_all            ? 
_refine_ls_shell.redundancy_reflns_obs            ? 
_refine_ls_shell.wR_factor_all                    ? 
_refine_ls_shell.wR_factor_obs                    ? 
_refine_ls_shell.wR_factor_R_free                 ? 
_refine_ls_shell.wR_factor_R_work                 ? 
_refine_ls_shell.pdbx_R_complete                  ? 
_refine_ls_shell.pdbx_total_number_of_bins_used   ? 
_refine_ls_shell.pdbx_phase_error                 ? 
_refine_ls_shell.pdbx_fsc_work                    ? 
_refine_ls_shell.pdbx_fsc_free                    ? 
# 
_struct.entry_id                     6XYN 
_struct.title                        'Crystal structure of a proteolytic fragment of NarQ comprising sensor and TM domains' 
_struct.pdbx_model_details           ? 
_struct.pdbx_formula_weight          ? 
_struct.pdbx_formula_weight_method   ? 
_struct.pdbx_model_type_details      ? 
_struct.pdbx_CASP_flag               N 
# 
_struct_keywords.entry_id        6XYN 
_struct_keywords.text            'membrane protein, sensor, histidine kinase, nitrate, Transferase' 
_struct_keywords.pdbx_keywords   TRANSFERASE 
# 
loop_
_struct_asym.id 
_struct_asym.pdbx_blank_PDB_chainid_flag 
_struct_asym.pdbx_modified 
_struct_asym.entity_id 
_struct_asym.details 
A N N 1 ? 
B N N 2 ? 
C N N 3 ? 
# 
_struct_ref.id                         1 
_struct_ref.db_name                    UNP 
_struct_ref.db_code                    NARQ_ECOLI 
_struct_ref.pdbx_db_accession          P27896 
_struct_ref.pdbx_db_isoform            ? 
_struct_ref.entity_id                  1 
_struct_ref.pdbx_seq_one_letter_code   
;MIVKRPVSASLARAFFYIVLLSILSTGIALLTLASSLRDAEAINIAGSLRMQSYRLGYDLQSGSPQLNAHRQLFQQALHS
PVLTNLNVWYVPEAVKTRYAHLNANWLEMNNRLSKGDLPWYQANINNYVNQIDLFVLALQHYAERKMLLVVAISLAGGIG
IFTLVFFTLRRIRHQVVAPLNQLVTASQRIEHGQFDSPPLDTNLPNELGLLAKTFNQMSSELHKLYRSLE
;
_struct_ref.pdbx_align_begin           1 
# 
_struct_ref_seq.align_id                      1 
_struct_ref_seq.ref_id                        1 
_struct_ref_seq.pdbx_PDB_id_code              6XYN 
_struct_ref_seq.pdbx_strand_id                A 
_struct_ref_seq.seq_align_beg                 1 
_struct_ref_seq.pdbx_seq_align_beg_ins_code   ? 
_struct_ref_seq.seq_align_end                 230 
_struct_ref_seq.pdbx_seq_align_end_ins_code   ? 
_struct_ref_seq.pdbx_db_accession             P27896 
_struct_ref_seq.db_align_beg                  1 
_struct_ref_seq.pdbx_db_align_beg_ins_code    ? 
_struct_ref_seq.db_align_end                  230 
_struct_ref_seq.pdbx_db_align_end_ins_code    ? 
_struct_ref_seq.pdbx_auth_seq_align_beg       1 
_struct_ref_seq.pdbx_auth_seq_align_end       230 
# 
loop_
_struct_ref_seq_dif.align_id 
_struct_ref_seq_dif.pdbx_pdb_id_code 
_struct_ref_seq_dif.mon_id 
_struct_ref_seq_dif.pdbx_pdb_strand_id 
_struct_ref_seq_dif.seq_num 
_struct_ref_seq_dif.pdbx_pdb_ins_code 
_struct_ref_seq_dif.pdbx_seq_db_name 
_struct_ref_seq_dif.pdbx_seq_db_accession_code 
_struct_ref_seq_dif.db_mon_id 
_struct_ref_seq_dif.pdbx_seq_db_seq_num 
_struct_ref_seq_dif.details 
_struct_ref_seq_dif.pdbx_auth_seq_num 
_struct_ref_seq_dif.pdbx_ordinal 
1 6XYN HIS A 231 ? UNP P27896 ? ? 'expression tag' 231 1 
1 6XYN HIS A 232 ? UNP P27896 ? ? 'expression tag' 232 2 
1 6XYN HIS A 233 ? UNP P27896 ? ? 'expression tag' 233 3 
1 6XYN HIS A 234 ? UNP P27896 ? ? 'expression tag' 234 4 
1 6XYN HIS A 235 ? UNP P27896 ? ? 'expression tag' 235 5 
1 6XYN HIS A 236 ? UNP P27896 ? ? 'expression tag' 236 6 
# 
_pdbx_struct_assembly.id                   1 
_pdbx_struct_assembly.details              author_and_software_defined_assembly 
_pdbx_struct_assembly.method_details       PISA 
_pdbx_struct_assembly.oligomeric_details   dimeric 
_pdbx_struct_assembly.oligomeric_count     2 
# 
loop_
_pdbx_struct_assembly_prop.biol_id 
_pdbx_struct_assembly_prop.type 
_pdbx_struct_assembly_prop.value 
_pdbx_struct_assembly_prop.details 
1 'ABSA (A^2)' 4620  ? 
1 MORE         -38   ? 
1 'SSA (A^2)'  14840 ? 
# 
_pdbx_struct_assembly_gen.assembly_id       1 
_pdbx_struct_assembly_gen.oper_expression   1,2 
_pdbx_struct_assembly_gen.asym_id_list      A,B,C 
# 
_pdbx_struct_assembly_auth_evidence.id                     1 
_pdbx_struct_assembly_auth_evidence.assembly_id            1 
_pdbx_struct_assembly_auth_evidence.experimental_support   none 
_pdbx_struct_assembly_auth_evidence.details                ? 
# 
loop_
_pdbx_struct_oper_list.id 
_pdbx_struct_oper_list.type 
_pdbx_struct_oper_list.name 
_pdbx_struct_oper_list.symmetry_operation 
_pdbx_struct_oper_list.matrix[1][1] 
_pdbx_struct_oper_list.matrix[1][2] 
_pdbx_struct_oper_list.matrix[1][3] 
_pdbx_struct_oper_list.vector[1] 
_pdbx_struct_oper_list.matrix[2][1] 
_pdbx_struct_oper_list.matrix[2][2] 
_pdbx_struct_oper_list.matrix[2][3] 
_pdbx_struct_oper_list.vector[2] 
_pdbx_struct_oper_list.matrix[3][1] 
_pdbx_struct_oper_list.matrix[3][2] 
_pdbx_struct_oper_list.matrix[3][3] 
_pdbx_struct_oper_list.vector[3] 
1 'identity operation'         1_555 x,y,z     1.0000000000  0.0000000000  0.0000000000  0.0000000000 0.0000000000  1.0000000000  0.0000000000 0.0000000000   0.0000000000  0.0000000000 1.0000000000 0.0000000000 
2 'crystal symmetry operation' 2_565 -x,-y+1,z -0.9227219684 -0.1086669399 -0.3698319419 9.9566964873 -0.1086669399 -0.8471945573 0.5200508419 -10.2023357739 -0.3698319419 0.5200508419 0.7699165257 5.0782268964 
# 
loop_
_struct_conf.conf_type_id 
_struct_conf.id 
_struct_conf.pdbx_PDB_helix_id 
_struct_conf.beg_label_comp_id 
_struct_conf.beg_label_asym_id 
_struct_conf.beg_label_seq_id 
_struct_conf.pdbx_beg_PDB_ins_code 
_struct_conf.end_label_comp_id 
_struct_conf.end_label_asym_id 
_struct_conf.end_label_seq_id 
_struct_conf.pdbx_end_PDB_ins_code 
_struct_conf.beg_auth_comp_id 
_struct_conf.beg_auth_asym_id 
_struct_conf.beg_auth_seq_id 
_struct_conf.end_auth_comp_id 
_struct_conf.end_auth_asym_id 
_struct_conf.end_auth_seq_id 
_struct_conf.pdbx_PDB_helix_class 
_struct_conf.details 
_struct_conf.pdbx_PDB_helix_length 
HELX_P HELX_P1 AA1 ARG A 13  ? SER A 35  ? ARG A 13  SER A 35  1 ? 23 
HELX_P HELX_P2 AA2 ARG A 38  ? GLY A 63  ? ARG A 38  GLY A 63  1 ? 26 
HELX_P HELX_P3 AA3 GLN A 66  ? HIS A 79  ? GLN A 66  HIS A 79  1 ? 14 
HELX_P HELX_P4 AA4 SER A 80  ? ASN A 85  ? SER A 80  ASN A 85  1 ? 6  
HELX_P HELX_P5 AA5 PRO A 92  ? LYS A 115 ? PRO A 92  LYS A 115 1 ? 24 
HELX_P HELX_P6 AA6 ASP A 117 ? ARG A 170 ? ASP A 117 ARG A 170 1 ? 54 
# 
_struct_conf_type.id          HELX_P 
_struct_conf_type.criteria    ? 
_struct_conf_type.reference   ? 
# 
_struct_site.id                   AC1 
_struct_site.pdbx_evidence_code   Software 
_struct_site.pdbx_auth_asym_id    A 
_struct_site.pdbx_auth_comp_id    NO3 
_struct_site.pdbx_auth_seq_id     301 
_struct_site.pdbx_auth_ins_code   ? 
_struct_site.pdbx_num_residues    10 
_struct_site.details              'binding site for residue NO3 A 301' 
# 
loop_
_struct_site_gen.id 
_struct_site_gen.site_id 
_struct_site_gen.pdbx_num_res 
_struct_site_gen.label_comp_id 
_struct_site_gen.label_asym_id 
_struct_site_gen.label_seq_id 
_struct_site_gen.pdbx_auth_ins_code 
_struct_site_gen.auth_comp_id 
_struct_site_gen.auth_asym_id 
_struct_site_gen.auth_seq_id 
_struct_site_gen.label_atom_id 
_struct_site_gen.label_alt_id 
_struct_site_gen.symmetry 
_struct_site_gen.details 
1  AC1 10 GLY A 47 ? GLY A 47  . ? 2_565 ? 
2  AC1 10 GLY A 47 ? GLY A 47  . ? 1_555 ? 
3  AC1 10 SER A 48 ? SER A 48  . ? 2_565 ? 
4  AC1 10 SER A 48 ? SER A 48  . ? 1_555 ? 
5  AC1 10 ARG A 50 ? ARG A 50  . ? 2_565 ? 
6  AC1 10 ARG A 50 ? ARG A 50  . ? 1_555 ? 
7  AC1 10 MET A 51 ? MET A 51  . ? 2_565 ? 
8  AC1 10 MET A 51 ? MET A 51  . ? 1_555 ? 
9  AC1 10 HOH C .  ? HOH A 439 . ? 2_565 ? 
10 AC1 10 HOH C .  ? HOH A 439 . ? 1_555 ? 
# 
loop_
_pdbx_validate_close_contact.id 
_pdbx_validate_close_contact.PDB_model_num 
_pdbx_validate_close_contact.auth_atom_id_1 
_pdbx_validate_close_contact.auth_asym_id_1 
_pdbx_validate_close_contact.auth_comp_id_1 
_pdbx_validate_close_contact.auth_seq_id_1 
_pdbx_validate_close_contact.PDB_ins_code_1 
_pdbx_validate_close_contact.label_alt_id_1 
_pdbx_validate_close_contact.auth_atom_id_2 
_pdbx_validate_close_contact.auth_asym_id_2 
_pdbx_validate_close_contact.auth_comp_id_2 
_pdbx_validate_close_contact.auth_seq_id_2 
_pdbx_validate_close_contact.PDB_ins_code_2 
_pdbx_validate_close_contact.label_alt_id_2 
_pdbx_validate_close_contact.dist 
1 1 NH2 A ARG 112 ? ? O A HOH 401 ? ? 2.06 
2 1 OE2 A GLU 144 ? ? O A HOH 402 ? ? 2.13 
3 1 O   A HOH 463 ? ? O A HOH 465 ? ? 2.18 
4 1 OE1 A GLU 108 ? ? O A HOH 403 ? ? 2.19 
# 
_pdbx_validate_torsion.id              1 
_pdbx_validate_torsion.PDB_model_num   1 
_pdbx_validate_torsion.auth_comp_id    PRO 
_pdbx_validate_torsion.auth_asym_id    A 
_pdbx_validate_torsion.auth_seq_id     92 
_pdbx_validate_torsion.PDB_ins_code    ? 
_pdbx_validate_torsion.label_alt_id    ? 
_pdbx_validate_torsion.phi             -48.68 
_pdbx_validate_torsion.psi             153.88 
# 
loop_
_pdbx_struct_special_symmetry.id 
_pdbx_struct_special_symmetry.PDB_model_num 
_pdbx_struct_special_symmetry.auth_asym_id 
_pdbx_struct_special_symmetry.auth_comp_id 
_pdbx_struct_special_symmetry.auth_seq_id 
_pdbx_struct_special_symmetry.PDB_ins_code 
_pdbx_struct_special_symmetry.label_asym_id 
_pdbx_struct_special_symmetry.label_comp_id 
_pdbx_struct_special_symmetry.label_seq_id 
1 1 A NO3 301 ? B NO3 . 
2 1 A NO3 301 ? B NO3 . 
3 1 A HOH 439 ? C HOH . 
# 
_pdbx_entry_details.entry_id                 6XYN 
_pdbx_entry_details.has_ligand_of_interest   Y 
_pdbx_entry_details.compound_details         ? 
_pdbx_entry_details.source_details           ? 
_pdbx_entry_details.nonpolymer_details       ? 
_pdbx_entry_details.sequence_details         ? 
# 
loop_
_pdbx_unobs_or_zero_occ_residues.id 
_pdbx_unobs_or_zero_occ_residues.PDB_model_num 
_pdbx_unobs_or_zero_occ_residues.polymer_flag 
_pdbx_unobs_or_zero_occ_residues.occupancy_flag 
_pdbx_unobs_or_zero_occ_residues.auth_asym_id 
_pdbx_unobs_or_zero_occ_residues.auth_comp_id 
_pdbx_unobs_or_zero_occ_residues.auth_seq_id 
_pdbx_unobs_or_zero_occ_residues.PDB_ins_code 
_pdbx_unobs_or_zero_occ_residues.label_asym_id 
_pdbx_unobs_or_zero_occ_residues.label_comp_id 
_pdbx_unobs_or_zero_occ_residues.label_seq_id 
1  1 Y 1 A MET 1   ? A MET 1   
2  1 Y 1 A ILE 2   ? A ILE 2   
3  1 Y 1 A VAL 3   ? A VAL 3   
4  1 Y 1 A LYS 4   ? A LYS 4   
5  1 Y 1 A ARG 5   ? A ARG 5   
6  1 Y 1 A PRO 6   ? A PRO 6   
7  1 Y 1 A VAL 7   ? A VAL 7   
8  1 Y 1 A SER 8   ? A SER 8   
9  1 Y 1 A ALA 9   ? A ALA 9   
10 1 Y 1 A SER 10  ? A SER 10  
11 1 Y 1 A LEU 11  ? A LEU 11  
12 1 Y 1 A ALA 12  ? A ALA 12  
13 1 Y 1 A ARG 171 ? A ARG 171 
14 1 Y 1 A ILE 172 ? A ILE 172 
15 1 Y 1 A ARG 173 ? A ARG 173 
16 1 Y 1 A HIS 174 ? A HIS 174 
17 1 Y 1 A GLN 175 ? A GLN 175 
18 1 Y 1 A VAL 176 ? A VAL 176 
19 1 Y 1 A VAL 177 ? A VAL 177 
20 1 Y 1 A ALA 178 ? A ALA 178 
21 1 Y 1 A PRO 179 ? A PRO 179 
22 1 Y 1 A LEU 180 ? A LEU 180 
23 1 Y 1 A ASN 181 ? A ASN 181 
24 1 Y 1 A GLN 182 ? A GLN 182 
25 1 Y 1 A LEU 183 ? A LEU 183 
26 1 Y 1 A VAL 184 ? A VAL 184 
27 1 Y 1 A THR 185 ? A THR 185 
28 1 Y 1 A ALA 186 ? A ALA 186 
29 1 Y 1 A SER 187 ? A SER 187 
30 1 Y 1 A GLN 188 ? A GLN 188 
31 1 Y 1 A ARG 189 ? A ARG 189 
32 1 Y 1 A ILE 190 ? A ILE 190 
33 1 Y 1 A GLU 191 ? A GLU 191 
34 1 Y 1 A HIS 192 ? A HIS 192 
35 1 Y 1 A GLY 193 ? A GLY 193 
36 1 Y 1 A GLN 194 ? A GLN 194 
37 1 Y 1 A PHE 195 ? A PHE 195 
38 1 Y 1 A ASP 196 ? A ASP 196 
39 1 Y 1 A SER 197 ? A SER 197 
40 1 Y 1 A PRO 198 ? A PRO 198 
41 1 Y 1 A PRO 199 ? A PRO 199 
42 1 Y 1 A LEU 200 ? A LEU 200 
43 1 Y 1 A ASP 201 ? A ASP 201 
44 1 Y 1 A THR 202 ? A THR 202 
45 1 Y 1 A ASN 203 ? A ASN 203 
46 1 Y 1 A LEU 204 ? A LEU 204 
47 1 Y 1 A PRO 205 ? A PRO 205 
48 1 Y 1 A ASN 206 ? A ASN 206 
49 1 Y 1 A GLU 207 ? A GLU 207 
50 1 Y 1 A LEU 208 ? A LEU 208 
51 1 Y 1 A GLY 209 ? A GLY 209 
52 1 Y 1 A LEU 210 ? A LEU 210 
53 1 Y 1 A LEU 211 ? A LEU 211 
54 1 Y 1 A ALA 212 ? A ALA 212 
55 1 Y 1 A LYS 213 ? A LYS 213 
56 1 Y 1 A THR 214 ? A THR 214 
57 1 Y 1 A PHE 215 ? A PHE 215 
58 1 Y 1 A ASN 216 ? A ASN 216 
59 1 Y 1 A GLN 217 ? A GLN 217 
60 1 Y 1 A MET 218 ? A MET 218 
61 1 Y 1 A SER 219 ? A SER 219 
62 1 Y 1 A SER 220 ? A SER 220 
63 1 Y 1 A GLU 221 ? A GLU 221 
64 1 Y 1 A LEU 222 ? A LEU 222 
65 1 Y 1 A HIS 223 ? A HIS 223 
66 1 Y 1 A LYS 224 ? A LYS 224 
67 1 Y 1 A LEU 225 ? A LEU 225 
68 1 Y 1 A TYR 226 ? A TYR 226 
69 1 Y 1 A ARG 227 ? A ARG 227 
70 1 Y 1 A SER 228 ? A SER 228 
71 1 Y 1 A LEU 229 ? A LEU 229 
72 1 Y 1 A GLU 230 ? A GLU 230 
73 1 Y 1 A HIS 231 ? A HIS 231 
74 1 Y 1 A HIS 232 ? A HIS 232 
75 1 Y 1 A HIS 233 ? A HIS 233 
76 1 Y 1 A HIS 234 ? A HIS 234 
77 1 Y 1 A HIS 235 ? A HIS 235 
78 1 Y 1 A HIS 236 ? A HIS 236 
# 
loop_
_chem_comp_atom.comp_id 
_chem_comp_atom.atom_id 
_chem_comp_atom.type_symbol 
_chem_comp_atom.pdbx_aromatic_flag 
_chem_comp_atom.pdbx_stereo_config 
_chem_comp_atom.pdbx_ordinal 
ALA N    N N N 1   
ALA CA   C N S 2   
ALA C    C N N 3   
ALA O    O N N 4   
ALA CB   C N N 5   
ALA OXT  O N N 6   
ALA H    H N N 7   
ALA H2   H N N 8   
ALA HA   H N N 9   
ALA HB1  H N N 10  
ALA HB2  H N N 11  
ALA HB3  H N N 12  
ALA HXT  H N N 13  
ARG N    N N N 14  
ARG CA   C N S 15  
ARG C    C N N 16  
ARG O    O N N 17  
ARG CB   C N N 18  
ARG CG   C N N 19  
ARG CD   C N N 20  
ARG NE   N N N 21  
ARG CZ   C N N 22  
ARG NH1  N N N 23  
ARG NH2  N N N 24  
ARG OXT  O N N 25  
ARG H    H N N 26  
ARG H2   H N N 27  
ARG HA   H N N 28  
ARG HB2  H N N 29  
ARG HB3  H N N 30  
ARG HG2  H N N 31  
ARG HG3  H N N 32  
ARG HD2  H N N 33  
ARG HD3  H N N 34  
ARG HE   H N N 35  
ARG HH11 H N N 36  
ARG HH12 H N N 37  
ARG HH21 H N N 38  
ARG HH22 H N N 39  
ARG HXT  H N N 40  
ASN N    N N N 41  
ASN CA   C N S 42  
ASN C    C N N 43  
ASN O    O N N 44  
ASN CB   C N N 45  
ASN CG   C N N 46  
ASN OD1  O N N 47  
ASN ND2  N N N 48  
ASN OXT  O N N 49  
ASN H    H N N 50  
ASN H2   H N N 51  
ASN HA   H N N 52  
ASN HB2  H N N 53  
ASN HB3  H N N 54  
ASN HD21 H N N 55  
ASN HD22 H N N 56  
ASN HXT  H N N 57  
ASP N    N N N 58  
ASP CA   C N S 59  
ASP C    C N N 60  
ASP O    O N N 61  
ASP CB   C N N 62  
ASP CG   C N N 63  
ASP OD1  O N N 64  
ASP OD2  O N N 65  
ASP OXT  O N N 66  
ASP H    H N N 67  
ASP H2   H N N 68  
ASP HA   H N N 69  
ASP HB2  H N N 70  
ASP HB3  H N N 71  
ASP HD2  H N N 72  
ASP HXT  H N N 73  
GLN N    N N N 74  
GLN CA   C N S 75  
GLN C    C N N 76  
GLN O    O N N 77  
GLN CB   C N N 78  
GLN CG   C N N 79  
GLN CD   C N N 80  
GLN OE1  O N N 81  
GLN NE2  N N N 82  
GLN OXT  O N N 83  
GLN H    H N N 84  
GLN H2   H N N 85  
GLN HA   H N N 86  
GLN HB2  H N N 87  
GLN HB3  H N N 88  
GLN HG2  H N N 89  
GLN HG3  H N N 90  
GLN HE21 H N N 91  
GLN HE22 H N N 92  
GLN HXT  H N N 93  
GLU N    N N N 94  
GLU CA   C N S 95  
GLU C    C N N 96  
GLU O    O N N 97  
GLU CB   C N N 98  
GLU CG   C N N 99  
GLU CD   C N N 100 
GLU OE1  O N N 101 
GLU OE2  O N N 102 
GLU OXT  O N N 103 
GLU H    H N N 104 
GLU H2   H N N 105 
GLU HA   H N N 106 
GLU HB2  H N N 107 
GLU HB3  H N N 108 
GLU HG2  H N N 109 
GLU HG3  H N N 110 
GLU HE2  H N N 111 
GLU HXT  H N N 112 
GLY N    N N N 113 
GLY CA   C N N 114 
GLY C    C N N 115 
GLY O    O N N 116 
GLY OXT  O N N 117 
GLY H    H N N 118 
GLY H2   H N N 119 
GLY HA2  H N N 120 
GLY HA3  H N N 121 
GLY HXT  H N N 122 
HIS N    N N N 123 
HIS CA   C N S 124 
HIS C    C N N 125 
HIS O    O N N 126 
HIS CB   C N N 127 
HIS CG   C Y N 128 
HIS ND1  N Y N 129 
HIS CD2  C Y N 130 
HIS CE1  C Y N 131 
HIS NE2  N Y N 132 
HIS OXT  O N N 133 
HIS H    H N N 134 
HIS H2   H N N 135 
HIS HA   H N N 136 
HIS HB2  H N N 137 
HIS HB3  H N N 138 
HIS HD1  H N N 139 
HIS HD2  H N N 140 
HIS HE1  H N N 141 
HIS HE2  H N N 142 
HIS HXT  H N N 143 
HOH O    O N N 144 
HOH H1   H N N 145 
HOH H2   H N N 146 
ILE N    N N N 147 
ILE CA   C N S 148 
ILE C    C N N 149 
ILE O    O N N 150 
ILE CB   C N S 151 
ILE CG1  C N N 152 
ILE CG2  C N N 153 
ILE CD1  C N N 154 
ILE OXT  O N N 155 
ILE H    H N N 156 
ILE H2   H N N 157 
ILE HA   H N N 158 
ILE HB   H N N 159 
ILE HG12 H N N 160 
ILE HG13 H N N 161 
ILE HG21 H N N 162 
ILE HG22 H N N 163 
ILE HG23 H N N 164 
ILE HD11 H N N 165 
ILE HD12 H N N 166 
ILE HD13 H N N 167 
ILE HXT  H N N 168 
LEU N    N N N 169 
LEU CA   C N S 170 
LEU C    C N N 171 
LEU O    O N N 172 
LEU CB   C N N 173 
LEU CG   C N N 174 
LEU CD1  C N N 175 
LEU CD2  C N N 176 
LEU OXT  O N N 177 
LEU H    H N N 178 
LEU H2   H N N 179 
LEU HA   H N N 180 
LEU HB2  H N N 181 
LEU HB3  H N N 182 
LEU HG   H N N 183 
LEU HD11 H N N 184 
LEU HD12 H N N 185 
LEU HD13 H N N 186 
LEU HD21 H N N 187 
LEU HD22 H N N 188 
LEU HD23 H N N 189 
LEU HXT  H N N 190 
LYS N    N N N 191 
LYS CA   C N S 192 
LYS C    C N N 193 
LYS O    O N N 194 
LYS CB   C N N 195 
LYS CG   C N N 196 
LYS CD   C N N 197 
LYS CE   C N N 198 
LYS NZ   N N N 199 
LYS OXT  O N N 200 
LYS H    H N N 201 
LYS H2   H N N 202 
LYS HA   H N N 203 
LYS HB2  H N N 204 
LYS HB3  H N N 205 
LYS HG2  H N N 206 
LYS HG3  H N N 207 
LYS HD2  H N N 208 
LYS HD3  H N N 209 
LYS HE2  H N N 210 
LYS HE3  H N N 211 
LYS HZ1  H N N 212 
LYS HZ2  H N N 213 
LYS HZ3  H N N 214 
LYS HXT  H N N 215 
MET N    N N N 216 
MET CA   C N S 217 
MET C    C N N 218 
MET O    O N N 219 
MET CB   C N N 220 
MET CG   C N N 221 
MET SD   S N N 222 
MET CE   C N N 223 
MET OXT  O N N 224 
MET H    H N N 225 
MET H2   H N N 226 
MET HA   H N N 227 
MET HB2  H N N 228 
MET HB3  H N N 229 
MET HG2  H N N 230 
MET HG3  H N N 231 
MET HE1  H N N 232 
MET HE2  H N N 233 
MET HE3  H N N 234 
MET HXT  H N N 235 
NO3 N    N N N 236 
NO3 O1   O N N 237 
NO3 O2   O N N 238 
NO3 O3   O N N 239 
PHE N    N N N 240 
PHE CA   C N S 241 
PHE C    C N N 242 
PHE O    O N N 243 
PHE CB   C N N 244 
PHE CG   C Y N 245 
PHE CD1  C Y N 246 
PHE CD2  C Y N 247 
PHE CE1  C Y N 248 
PHE CE2  C Y N 249 
PHE CZ   C Y N 250 
PHE OXT  O N N 251 
PHE H    H N N 252 
PHE H2   H N N 253 
PHE HA   H N N 254 
PHE HB2  H N N 255 
PHE HB3  H N N 256 
PHE HD1  H N N 257 
PHE HD2  H N N 258 
PHE HE1  H N N 259 
PHE HE2  H N N 260 
PHE HZ   H N N 261 
PHE HXT  H N N 262 
PRO N    N N N 263 
PRO CA   C N S 264 
PRO C    C N N 265 
PRO O    O N N 266 
PRO CB   C N N 267 
PRO CG   C N N 268 
PRO CD   C N N 269 
PRO OXT  O N N 270 
PRO H    H N N 271 
PRO HA   H N N 272 
PRO HB2  H N N 273 
PRO HB3  H N N 274 
PRO HG2  H N N 275 
PRO HG3  H N N 276 
PRO HD2  H N N 277 
PRO HD3  H N N 278 
PRO HXT  H N N 279 
SER N    N N N 280 
SER CA   C N S 281 
SER C    C N N 282 
SER O    O N N 283 
SER CB   C N N 284 
SER OG   O N N 285 
SER OXT  O N N 286 
SER H    H N N 287 
SER H2   H N N 288 
SER HA   H N N 289 
SER HB2  H N N 290 
SER HB3  H N N 291 
SER HG   H N N 292 
SER HXT  H N N 293 
THR N    N N N 294 
THR CA   C N S 295 
THR C    C N N 296 
THR O    O N N 297 
THR CB   C N R 298 
THR OG1  O N N 299 
THR CG2  C N N 300 
THR OXT  O N N 301 
THR H    H N N 302 
THR H2   H N N 303 
THR HA   H N N 304 
THR HB   H N N 305 
THR HG1  H N N 306 
THR HG21 H N N 307 
THR HG22 H N N 308 
THR HG23 H N N 309 
THR HXT  H N N 310 
TRP N    N N N 311 
TRP CA   C N S 312 
TRP C    C N N 313 
TRP O    O N N 314 
TRP CB   C N N 315 
TRP CG   C Y N 316 
TRP CD1  C Y N 317 
TRP CD2  C Y N 318 
TRP NE1  N Y N 319 
TRP CE2  C Y N 320 
TRP CE3  C Y N 321 
TRP CZ2  C Y N 322 
TRP CZ3  C Y N 323 
TRP CH2  C Y N 324 
TRP OXT  O N N 325 
TRP H    H N N 326 
TRP H2   H N N 327 
TRP HA   H N N 328 
TRP HB2  H N N 329 
TRP HB3  H N N 330 
TRP HD1  H N N 331 
TRP HE1  H N N 332 
TRP HE3  H N N 333 
TRP HZ2  H N N 334 
TRP HZ3  H N N 335 
TRP HH2  H N N 336 
TRP HXT  H N N 337 
TYR N    N N N 338 
TYR CA   C N S 339 
TYR C    C N N 340 
TYR O    O N N 341 
TYR CB   C N N 342 
TYR CG   C Y N 343 
TYR CD1  C Y N 344 
TYR CD2  C Y N 345 
TYR CE1  C Y N 346 
TYR CE2  C Y N 347 
TYR CZ   C Y N 348 
TYR OH   O N N 349 
TYR OXT  O N N 350 
TYR H    H N N 351 
TYR H2   H N N 352 
TYR HA   H N N 353 
TYR HB2  H N N 354 
TYR HB3  H N N 355 
TYR HD1  H N N 356 
TYR HD2  H N N 357 
TYR HE1  H N N 358 
TYR HE2  H N N 359 
TYR HH   H N N 360 
TYR HXT  H N N 361 
VAL N    N N N 362 
VAL CA   C N S 363 
VAL C    C N N 364 
VAL O    O N N 365 
VAL CB   C N N 366 
VAL CG1  C N N 367 
VAL CG2  C N N 368 
VAL OXT  O N N 369 
VAL H    H N N 370 
VAL H2   H N N 371 
VAL HA   H N N 372 
VAL HB   H N N 373 
VAL HG11 H N N 374 
VAL HG12 H N N 375 
VAL HG13 H N N 376 
VAL HG21 H N N 377 
VAL HG22 H N N 378 
VAL HG23 H N N 379 
VAL HXT  H N N 380 
# 
loop_
_chem_comp_bond.comp_id 
_chem_comp_bond.atom_id_1 
_chem_comp_bond.atom_id_2 
_chem_comp_bond.value_order 
_chem_comp_bond.pdbx_aromatic_flag 
_chem_comp_bond.pdbx_stereo_config 
_chem_comp_bond.pdbx_ordinal 
ALA N   CA   sing N N 1   
ALA N   H    sing N N 2   
ALA N   H2   sing N N 3   
ALA CA  C    sing N N 4   
ALA CA  CB   sing N N 5   
ALA CA  HA   sing N N 6   
ALA C   O    doub N N 7   
ALA C   OXT  sing N N 8   
ALA CB  HB1  sing N N 9   
ALA CB  HB2  sing N N 10  
ALA CB  HB3  sing N N 11  
ALA OXT HXT  sing N N 12  
ARG N   CA   sing N N 13  
ARG N   H    sing N N 14  
ARG N   H2   sing N N 15  
ARG CA  C    sing N N 16  
ARG CA  CB   sing N N 17  
ARG CA  HA   sing N N 18  
ARG C   O    doub N N 19  
ARG C   OXT  sing N N 20  
ARG CB  CG   sing N N 21  
ARG CB  HB2  sing N N 22  
ARG CB  HB3  sing N N 23  
ARG CG  CD   sing N N 24  
ARG CG  HG2  sing N N 25  
ARG CG  HG3  sing N N 26  
ARG CD  NE   sing N N 27  
ARG CD  HD2  sing N N 28  
ARG CD  HD3  sing N N 29  
ARG NE  CZ   sing N N 30  
ARG NE  HE   sing N N 31  
ARG CZ  NH1  sing N N 32  
ARG CZ  NH2  doub N N 33  
ARG NH1 HH11 sing N N 34  
ARG NH1 HH12 sing N N 35  
ARG NH2 HH21 sing N N 36  
ARG NH2 HH22 sing N N 37  
ARG OXT HXT  sing N N 38  
ASN N   CA   sing N N 39  
ASN N   H    sing N N 40  
ASN N   H2   sing N N 41  
ASN CA  C    sing N N 42  
ASN CA  CB   sing N N 43  
ASN CA  HA   sing N N 44  
ASN C   O    doub N N 45  
ASN C   OXT  sing N N 46  
ASN CB  CG   sing N N 47  
ASN CB  HB2  sing N N 48  
ASN CB  HB3  sing N N 49  
ASN CG  OD1  doub N N 50  
ASN CG  ND2  sing N N 51  
ASN ND2 HD21 sing N N 52  
ASN ND2 HD22 sing N N 53  
ASN OXT HXT  sing N N 54  
ASP N   CA   sing N N 55  
ASP N   H    sing N N 56  
ASP N   H2   sing N N 57  
ASP CA  C    sing N N 58  
ASP CA  CB   sing N N 59  
ASP CA  HA   sing N N 60  
ASP C   O    doub N N 61  
ASP C   OXT  sing N N 62  
ASP CB  CG   sing N N 63  
ASP CB  HB2  sing N N 64  
ASP CB  HB3  sing N N 65  
ASP CG  OD1  doub N N 66  
ASP CG  OD2  sing N N 67  
ASP OD2 HD2  sing N N 68  
ASP OXT HXT  sing N N 69  
GLN N   CA   sing N N 70  
GLN N   H    sing N N 71  
GLN N   H2   sing N N 72  
GLN CA  C    sing N N 73  
GLN CA  CB   sing N N 74  
GLN CA  HA   sing N N 75  
GLN C   O    doub N N 76  
GLN C   OXT  sing N N 77  
GLN CB  CG   sing N N 78  
GLN CB  HB2  sing N N 79  
GLN CB  HB3  sing N N 80  
GLN CG  CD   sing N N 81  
GLN CG  HG2  sing N N 82  
GLN CG  HG3  sing N N 83  
GLN CD  OE1  doub N N 84  
GLN CD  NE2  sing N N 85  
GLN NE2 HE21 sing N N 86  
GLN NE2 HE22 sing N N 87  
GLN OXT HXT  sing N N 88  
GLU N   CA   sing N N 89  
GLU N   H    sing N N 90  
GLU N   H2   sing N N 91  
GLU CA  C    sing N N 92  
GLU CA  CB   sing N N 93  
GLU CA  HA   sing N N 94  
GLU C   O    doub N N 95  
GLU C   OXT  sing N N 96  
GLU CB  CG   sing N N 97  
GLU CB  HB2  sing N N 98  
GLU CB  HB3  sing N N 99  
GLU CG  CD   sing N N 100 
GLU CG  HG2  sing N N 101 
GLU CG  HG3  sing N N 102 
GLU CD  OE1  doub N N 103 
GLU CD  OE2  sing N N 104 
GLU OE2 HE2  sing N N 105 
GLU OXT HXT  sing N N 106 
GLY N   CA   sing N N 107 
GLY N   H    sing N N 108 
GLY N   H2   sing N N 109 
GLY CA  C    sing N N 110 
GLY CA  HA2  sing N N 111 
GLY CA  HA3  sing N N 112 
GLY C   O    doub N N 113 
GLY C   OXT  sing N N 114 
GLY OXT HXT  sing N N 115 
HIS N   CA   sing N N 116 
HIS N   H    sing N N 117 
HIS N   H2   sing N N 118 
HIS CA  C    sing N N 119 
HIS CA  CB   sing N N 120 
HIS CA  HA   sing N N 121 
HIS C   O    doub N N 122 
HIS C   OXT  sing N N 123 
HIS CB  CG   sing N N 124 
HIS CB  HB2  sing N N 125 
HIS CB  HB3  sing N N 126 
HIS CG  ND1  sing Y N 127 
HIS CG  CD2  doub Y N 128 
HIS ND1 CE1  doub Y N 129 
HIS ND1 HD1  sing N N 130 
HIS CD2 NE2  sing Y N 131 
HIS CD2 HD2  sing N N 132 
HIS CE1 NE2  sing Y N 133 
HIS CE1 HE1  sing N N 134 
HIS NE2 HE2  sing N N 135 
HIS OXT HXT  sing N N 136 
HOH O   H1   sing N N 137 
HOH O   H2   sing N N 138 
ILE N   CA   sing N N 139 
ILE N   H    sing N N 140 
ILE N   H2   sing N N 141 
ILE CA  C    sing N N 142 
ILE CA  CB   sing N N 143 
ILE CA  HA   sing N N 144 
ILE C   O    doub N N 145 
ILE C   OXT  sing N N 146 
ILE CB  CG1  sing N N 147 
ILE CB  CG2  sing N N 148 
ILE CB  HB   sing N N 149 
ILE CG1 CD1  sing N N 150 
ILE CG1 HG12 sing N N 151 
ILE CG1 HG13 sing N N 152 
ILE CG2 HG21 sing N N 153 
ILE CG2 HG22 sing N N 154 
ILE CG2 HG23 sing N N 155 
ILE CD1 HD11 sing N N 156 
ILE CD1 HD12 sing N N 157 
ILE CD1 HD13 sing N N 158 
ILE OXT HXT  sing N N 159 
LEU N   CA   sing N N 160 
LEU N   H    sing N N 161 
LEU N   H2   sing N N 162 
LEU CA  C    sing N N 163 
LEU CA  CB   sing N N 164 
LEU CA  HA   sing N N 165 
LEU C   O    doub N N 166 
LEU C   OXT  sing N N 167 
LEU CB  CG   sing N N 168 
LEU CB  HB2  sing N N 169 
LEU CB  HB3  sing N N 170 
LEU CG  CD1  sing N N 171 
LEU CG  CD2  sing N N 172 
LEU CG  HG   sing N N 173 
LEU CD1 HD11 sing N N 174 
LEU CD1 HD12 sing N N 175 
LEU CD1 HD13 sing N N 176 
LEU CD2 HD21 sing N N 177 
LEU CD2 HD22 sing N N 178 
LEU CD2 HD23 sing N N 179 
LEU OXT HXT  sing N N 180 
LYS N   CA   sing N N 181 
LYS N   H    sing N N 182 
LYS N   H2   sing N N 183 
LYS CA  C    sing N N 184 
LYS CA  CB   sing N N 185 
LYS CA  HA   sing N N 186 
LYS C   O    doub N N 187 
LYS C   OXT  sing N N 188 
LYS CB  CG   sing N N 189 
LYS CB  HB2  sing N N 190 
LYS CB  HB3  sing N N 191 
LYS CG  CD   sing N N 192 
LYS CG  HG2  sing N N 193 
LYS CG  HG3  sing N N 194 
LYS CD  CE   sing N N 195 
LYS CD  HD2  sing N N 196 
LYS CD  HD3  sing N N 197 
LYS CE  NZ   sing N N 198 
LYS CE  HE2  sing N N 199 
LYS CE  HE3  sing N N 200 
LYS NZ  HZ1  sing N N 201 
LYS NZ  HZ2  sing N N 202 
LYS NZ  HZ3  sing N N 203 
LYS OXT HXT  sing N N 204 
MET N   CA   sing N N 205 
MET N   H    sing N N 206 
MET N   H2   sing N N 207 
MET CA  C    sing N N 208 
MET CA  CB   sing N N 209 
MET CA  HA   sing N N 210 
MET C   O    doub N N 211 
MET C   OXT  sing N N 212 
MET CB  CG   sing N N 213 
MET CB  HB2  sing N N 214 
MET CB  HB3  sing N N 215 
MET CG  SD   sing N N 216 
MET CG  HG2  sing N N 217 
MET CG  HG3  sing N N 218 
MET SD  CE   sing N N 219 
MET CE  HE1  sing N N 220 
MET CE  HE2  sing N N 221 
MET CE  HE3  sing N N 222 
MET OXT HXT  sing N N 223 
NO3 N   O1   doub N N 224 
NO3 N   O2   sing N N 225 
NO3 N   O3   sing N N 226 
PHE N   CA   sing N N 227 
PHE N   H    sing N N 228 
PHE N   H2   sing N N 229 
PHE CA  C    sing N N 230 
PHE CA  CB   sing N N 231 
PHE CA  HA   sing N N 232 
PHE C   O    doub N N 233 
PHE C   OXT  sing N N 234 
PHE CB  CG   sing N N 235 
PHE CB  HB2  sing N N 236 
PHE CB  HB3  sing N N 237 
PHE CG  CD1  doub Y N 238 
PHE CG  CD2  sing Y N 239 
PHE CD1 CE1  sing Y N 240 
PHE CD1 HD1  sing N N 241 
PHE CD2 CE2  doub Y N 242 
PHE CD2 HD2  sing N N 243 
PHE CE1 CZ   doub Y N 244 
PHE CE1 HE1  sing N N 245 
PHE CE2 CZ   sing Y N 246 
PHE CE2 HE2  sing N N 247 
PHE CZ  HZ   sing N N 248 
PHE OXT HXT  sing N N 249 
PRO N   CA   sing N N 250 
PRO N   CD   sing N N 251 
PRO N   H    sing N N 252 
PRO CA  C    sing N N 253 
PRO CA  CB   sing N N 254 
PRO CA  HA   sing N N 255 
PRO C   O    doub N N 256 
PRO C   OXT  sing N N 257 
PRO CB  CG   sing N N 258 
PRO CB  HB2  sing N N 259 
PRO CB  HB3  sing N N 260 
PRO CG  CD   sing N N 261 
PRO CG  HG2  sing N N 262 
PRO CG  HG3  sing N N 263 
PRO CD  HD2  sing N N 264 
PRO CD  HD3  sing N N 265 
PRO OXT HXT  sing N N 266 
SER N   CA   sing N N 267 
SER N   H    sing N N 268 
SER N   H2   sing N N 269 
SER CA  C    sing N N 270 
SER CA  CB   sing N N 271 
SER CA  HA   sing N N 272 
SER C   O    doub N N 273 
SER C   OXT  sing N N 274 
SER CB  OG   sing N N 275 
SER CB  HB2  sing N N 276 
SER CB  HB3  sing N N 277 
SER OG  HG   sing N N 278 
SER OXT HXT  sing N N 279 
THR N   CA   sing N N 280 
THR N   H    sing N N 281 
THR N   H2   sing N N 282 
THR CA  C    sing N N 283 
THR CA  CB   sing N N 284 
THR CA  HA   sing N N 285 
THR C   O    doub N N 286 
THR C   OXT  sing N N 287 
THR CB  OG1  sing N N 288 
THR CB  CG2  sing N N 289 
THR CB  HB   sing N N 290 
THR OG1 HG1  sing N N 291 
THR CG2 HG21 sing N N 292 
THR CG2 HG22 sing N N 293 
THR CG2 HG23 sing N N 294 
THR OXT HXT  sing N N 295 
TRP N   CA   sing N N 296 
TRP N   H    sing N N 297 
TRP N   H2   sing N N 298 
TRP CA  C    sing N N 299 
TRP CA  CB   sing N N 300 
TRP CA  HA   sing N N 301 
TRP C   O    doub N N 302 
TRP C   OXT  sing N N 303 
TRP CB  CG   sing N N 304 
TRP CB  HB2  sing N N 305 
TRP CB  HB3  sing N N 306 
TRP CG  CD1  doub Y N 307 
TRP CG  CD2  sing Y N 308 
TRP CD1 NE1  sing Y N 309 
TRP CD1 HD1  sing N N 310 
TRP CD2 CE2  doub Y N 311 
TRP CD2 CE3  sing Y N 312 
TRP NE1 CE2  sing Y N 313 
TRP NE1 HE1  sing N N 314 
TRP CE2 CZ2  sing Y N 315 
TRP CE3 CZ3  doub Y N 316 
TRP CE3 HE3  sing N N 317 
TRP CZ2 CH2  doub Y N 318 
TRP CZ2 HZ2  sing N N 319 
TRP CZ3 CH2  sing Y N 320 
TRP CZ3 HZ3  sing N N 321 
TRP CH2 HH2  sing N N 322 
TRP OXT HXT  sing N N 323 
TYR N   CA   sing N N 324 
TYR N   H    sing N N 325 
TYR N   H2   sing N N 326 
TYR CA  C    sing N N 327 
TYR CA  CB   sing N N 328 
TYR CA  HA   sing N N 329 
TYR C   O    doub N N 330 
TYR C   OXT  sing N N 331 
TYR CB  CG   sing N N 332 
TYR CB  HB2  sing N N 333 
TYR CB  HB3  sing N N 334 
TYR CG  CD1  doub Y N 335 
TYR CG  CD2  sing Y N 336 
TYR CD1 CE1  sing Y N 337 
TYR CD1 HD1  sing N N 338 
TYR CD2 CE2  doub Y N 339 
TYR CD2 HD2  sing N N 340 
TYR CE1 CZ   doub Y N 341 
TYR CE1 HE1  sing N N 342 
TYR CE2 CZ   sing Y N 343 
TYR CE2 HE2  sing N N 344 
TYR CZ  OH   sing N N 345 
TYR OH  HH   sing N N 346 
TYR OXT HXT  sing N N 347 
VAL N   CA   sing N N 348 
VAL N   H    sing N N 349 
VAL N   H2   sing N N 350 
VAL CA  C    sing N N 351 
VAL CA  CB   sing N N 352 
VAL CA  HA   sing N N 353 
VAL C   O    doub N N 354 
VAL C   OXT  sing N N 355 
VAL CB  CG1  sing N N 356 
VAL CB  CG2  sing N N 357 
VAL CB  HB   sing N N 358 
VAL CG1 HG11 sing N N 359 
VAL CG1 HG12 sing N N 360 
VAL CG1 HG13 sing N N 361 
VAL CG2 HG21 sing N N 362 
VAL CG2 HG22 sing N N 363 
VAL CG2 HG23 sing N N 364 
VAL OXT HXT  sing N N 365 
# 
loop_
_pdbx_audit_support.funding_organization 
_pdbx_audit_support.country 
_pdbx_audit_support.grant_number 
_pdbx_audit_support.ordinal 
'Russian Science Foundation'      'Russian Federation' 18-74-10053       1 
'French National Research Agency' France               ANR-10-INSB-05-02 2 
'French National Research Agency' France               ANR-10-LABX-49-01 3 
# 
_pdbx_entity_instance_feature.ordinal        1 
_pdbx_entity_instance_feature.comp_id        NO3 
_pdbx_entity_instance_feature.asym_id        ? 
_pdbx_entity_instance_feature.seq_num        ? 
_pdbx_entity_instance_feature.auth_comp_id   NO3 
_pdbx_entity_instance_feature.auth_asym_id   ? 
_pdbx_entity_instance_feature.auth_seq_num   ? 
_pdbx_entity_instance_feature.feature_type   'SUBJECT OF INVESTIGATION' 
_pdbx_entity_instance_feature.details        ? 
# 
_pdbx_initial_refinement_model.id               1 
_pdbx_initial_refinement_model.entity_id_list   ? 
_pdbx_initial_refinement_model.type             'experimental model' 
_pdbx_initial_refinement_model.source_name      PDB 
_pdbx_initial_refinement_model.accession_code   5IJI 
_pdbx_initial_refinement_model.details          ? 
# 
_atom_sites.entry_id                    6XYN 
_atom_sites.Cartn_transf_matrix[1][1]   ? 
_atom_sites.Cartn_transf_matrix[1][2]   ? 
_atom_sites.Cartn_transf_matrix[1][3]   ? 
_atom_sites.Cartn_transf_matrix[2][1]   ? 
_atom_sites.Cartn_transf_matrix[2][2]   ? 
_atom_sites.Cartn_transf_matrix[2][3]   ? 
_atom_sites.Cartn_transf_matrix[3][1]   ? 
_atom_sites.Cartn_transf_matrix[3][2]   ? 
_atom_sites.Cartn_transf_matrix[3][3]   ? 
_atom_sites.Cartn_transf_vector[1]      ? 
_atom_sites.Cartn_transf_vector[2]      ? 
_atom_sites.Cartn_transf_vector[3]      ? 
_atom_sites.fract_transf_matrix[1][1]   -0.01885888 
_atom_sites.fract_transf_matrix[1][2]   0.00201303 
_atom_sites.fract_transf_matrix[1][3]   -0.00453213 
_atom_sites.fract_transf_matrix[2][1]   -0.00314643 
_atom_sites.fract_transf_matrix[2][2]   -0.01863184 
_atom_sites.fract_transf_matrix[2][3]   0.00481710 
_atom_sites.fract_transf_matrix[3][1]   -0.00107424 
_atom_sites.fract_transf_matrix[3][2]   0.00151058 
_atom_sites.fract_transf_matrix[3][3]   0.00514105 
_atom_sites.fract_transf_vector[1]      0.115662 
_atom_sites.fract_transf_vector[2]      0.408398 
_atom_sites.fract_transf_vector[3]      0.009879 
_atom_sites.solution_primary            ? 
_atom_sites.solution_secondary          ? 
_atom_sites.solution_hydrogens          ? 
_atom_sites.special_details             ? 
# 
loop_
_atom_type.symbol 
C 
N 
O 
S 
# 
loop_
_atom_site.group_PDB 
_atom_site.id 
_atom_site.type_symbol 
_atom_site.label_atom_id 
_atom_site.label_alt_id 
_atom_site.label_comp_id 
_atom_site.label_asym_id 
_atom_site.label_entity_id 
_atom_site.label_seq_id 
_atom_site.pdbx_PDB_ins_code 
_atom_site.Cartn_x 
_atom_site.Cartn_y 
_atom_site.Cartn_z 
_atom_site.occupancy 
_atom_site.B_iso_or_equiv 
_atom_site.pdbx_formal_charge 
_atom_site.auth_seq_id 
_atom_site.auth_comp_id 
_atom_site.auth_asym_id 
_atom_site.auth_atom_id 
_atom_site.pdbx_PDB_model_num 
ATOM   1    N N   . ARG A 1 13  ? -8.065  13.577  40.583  1.00 142.80 ?  13  ARG A N   1 
ATOM   2    C CA  . ARG A 1 13  ? -7.382  14.311  39.479  1.00 141.14 ?  13  ARG A CA  1 
ATOM   3    C C   . ARG A 1 13  ? -6.215  13.506  38.912  1.00 162.24 ?  13  ARG A C   1 
ATOM   4    O O   . ARG A 1 13  ? -6.026  13.444  37.696  1.00 189.71 ?  13  ARG A O   1 
ATOM   5    C CB  . ARG A 1 13  ? -6.882  15.669  39.974  1.00 120.99 ?  13  ARG A CB  1 
ATOM   6    N N   . ALA A 1 14  ? -5.434  12.894  39.798  1.00 156.16 ?  14  ALA A N   1 
ATOM   7    C CA  . ALA A 1 14  ? -4.267  12.117  39.390  1.00 144.01 ?  14  ALA A CA  1 
ATOM   8    C C   . ALA A 1 14  ? -4.662  10.903  38.554  1.00 141.55 ?  14  ALA A C   1 
ATOM   9    O O   . ALA A 1 14  ? -4.116  10.682  37.472  1.00 145.38 ?  14  ALA A O   1 
ATOM   10   C CB  . ALA A 1 14  ? -3.475  11.677  40.612  1.00 138.07 ?  14  ALA A CB  1 
ATOM   11   N N   . PHE A 1 15  ? -5.608  10.120  39.059  1.00 141.68 ?  15  PHE A N   1 
ATOM   12   C CA  . PHE A 1 15  ? -6.047  8.906   38.376  1.00 141.41 ?  15  PHE A CA  1 
ATOM   13   C C   . PHE A 1 15  ? -6.844  9.221   37.114  1.00 149.41 ?  15  PHE A C   1 
ATOM   14   O O   . PHE A 1 15  ? -6.840  8.444   36.159  1.00 166.42 ?  15  PHE A O   1 
ATOM   15   C CB  . PHE A 1 15  ? -6.881  8.035   39.316  1.00 141.77 ?  15  PHE A CB  1 
ATOM   16   C CG  . PHE A 1 15  ? -6.064  7.301   40.340  1.00 151.90 ?  15  PHE A CG  1 
ATOM   17   C CD1 . PHE A 1 15  ? -5.217  6.274   39.959  1.00 161.98 ?  15  PHE A CD1 1 
ATOM   18   C CD2 . PHE A 1 15  ? -6.144  7.636   41.682  1.00 157.85 ?  15  PHE A CD2 1 
ATOM   19   C CE1 . PHE A 1 15  ? -4.462  5.594   40.896  1.00 161.80 ?  15  PHE A CE1 1 
ATOM   20   C CE2 . PHE A 1 15  ? -5.392  6.960   42.624  1.00 163.13 ?  15  PHE A CE2 1 
ATOM   21   C CZ  . PHE A 1 15  ? -4.549  5.938   42.231  1.00 178.63 ?  15  PHE A CZ  1 
ATOM   22   N N   . PHE A 1 16  ? -7.529  10.360  37.114  1.00 150.27 ?  16  PHE A N   1 
ATOM   23   C CA  . PHE A 1 16  ? -8.275  10.798  35.941  1.00 146.29 ?  16  PHE A CA  1 
ATOM   24   C C   . PHE A 1 16  ? -7.335  11.005  34.757  1.00 155.05 ?  16  PHE A C   1 
ATOM   25   O O   . PHE A 1 16  ? -7.662  10.643  33.626  1.00 149.74 ?  16  PHE A O   1 
ATOM   26   C CB  . PHE A 1 16  ? -9.032  12.092  36.247  1.00 137.73 ?  16  PHE A CB  1 
ATOM   27   C CG  . PHE A 1 16  ? -9.521  12.814  35.024  1.00 133.78 ?  16  PHE A CG  1 
ATOM   28   C CD1 . PHE A 1 16  ? -10.721 12.463  34.427  1.00 132.40 ?  16  PHE A CD1 1 
ATOM   29   C CD2 . PHE A 1 16  ? -8.782  13.851  34.476  1.00 133.86 ?  16  PHE A CD2 1 
ATOM   30   C CE1 . PHE A 1 16  ? -11.173 13.129  33.302  1.00 130.59 ?  16  PHE A CE1 1 
ATOM   31   C CE2 . PHE A 1 16  ? -9.228  14.521  33.352  1.00 137.09 ?  16  PHE A CE2 1 
ATOM   32   C CZ  . PHE A 1 16  ? -10.425 14.160  32.764  1.00 134.29 ?  16  PHE A CZ  1 
ATOM   33   N N   . TYR A 1 17  ? -6.165  11.581  35.024  1.00 159.92 ?  17  TYR A N   1 
ATOM   34   C CA  . TYR A 1 17  ? -5.172  11.827  33.980  1.00 165.00 ?  17  TYR A CA  1 
ATOM   35   C C   . TYR A 1 17  ? -4.471  10.540  33.550  1.00 160.53 ?  17  TYR A C   1 
ATOM   36   O O   . TYR A 1 17  ? -4.035  10.419  32.405  1.00 168.52 ?  17  TYR A O   1 
ATOM   37   C CB  . TYR A 1 17  ? -4.134  12.850  34.448  1.00 158.74 ?  17  TYR A CB  1 
ATOM   38   C CG  . TYR A 1 17  ? -4.645  14.273  34.479  1.00 161.34 ?  17  TYR A CG  1 
ATOM   39   C CD1 . TYR A 1 17  ? -5.297  14.821  33.380  1.00 163.21 ?  17  TYR A CD1 1 
ATOM   40   C CD2 . TYR A 1 17  ? -4.463  15.074  35.597  1.00 165.94 ?  17  TYR A CD2 1 
ATOM   41   C CE1 . TYR A 1 17  ? -5.764  16.120  33.401  1.00 163.91 ?  17  TYR A CE1 1 
ATOM   42   C CE2 . TYR A 1 17  ? -4.925  16.377  35.627  1.00 173.70 ?  17  TYR A CE2 1 
ATOM   43   C CZ  . TYR A 1 17  ? -5.574  16.894  34.526  1.00 172.53 ?  17  TYR A CZ  1 
ATOM   44   O OH  . TYR A 1 17  ? -6.037  18.190  34.550  1.00 184.37 ?  17  TYR A OH  1 
ATOM   45   N N   . ILE A 1 18  ? -4.359  9.586   34.468  1.00 153.37 ?  18  ILE A N   1 
ATOM   46   C CA  . ILE A 1 18  ? -3.730  8.304   34.163  1.00 140.14 ?  18  ILE A CA  1 
ATOM   47   C C   . ILE A 1 18  ? -4.621  7.455   33.259  1.00 134.66 ?  18  ILE A C   1 
ATOM   48   O O   . ILE A 1 18  ? -4.128  6.741   32.386  1.00 135.70 ?  18  ILE A O   1 
ATOM   49   C CB  . ILE A 1 18  ? -3.405  7.515   35.444  1.00 138.05 ?  18  ILE A CB  1 
ATOM   50   C CG1 . ILE A 1 18  ? -2.256  8.184   36.198  1.00 142.46 ?  18  ILE A CG1 1 
ATOM   51   C CG2 . ILE A 1 18  ? -3.042  6.077   35.103  1.00 139.70 ?  18  ILE A CG2 1 
ATOM   52   C CD1 . ILE A 1 18  ? -1.957  7.552   37.540  1.00 152.29 ?  18  ILE A CD1 1 
ATOM   53   N N   . VAL A 1 19  ? -5.931  7.531   33.473  1.00 141.04 ?  19  VAL A N   1 
ATOM   54   C CA  . VAL A 1 19  ? -6.883  6.804   32.637  1.00 155.68 ?  19  VAL A CA  1 
ATOM   55   C C   . VAL A 1 19  ? -7.039  7.487   31.286  1.00 170.30 ?  19  VAL A C   1 
ATOM   56   O O   . VAL A 1 19  ? -7.027  6.832   30.243  1.00 191.81 ?  19  VAL A O   1 
ATOM   57   C CB  . VAL A 1 19  ? -8.266  6.708   33.303  1.00 163.03 ?  19  VAL A CB  1 
ATOM   58   C CG1 . VAL A 1 19  ? -9.322  6.299   32.288  1.00 170.84 ?  19  VAL A CG1 1 
ATOM   59   C CG2 . VAL A 1 19  ? -8.225  5.723   34.457  1.00 163.63 ?  19  VAL A CG2 1 
ATOM   60   N N   . LEU A 1 20  ? -7.193  8.806   31.311  1.00 169.79 ?  20  LEU A N   1 
ATOM   61   C CA  . LEU A 1 20  ? -7.305  9.588   30.088  1.00 162.97 ?  20  LEU A CA  1 
ATOM   62   C C   . LEU A 1 20  ? -6.138  9.278   29.158  1.00 167.23 ?  20  LEU A C   1 
ATOM   63   O O   . LEU A 1 20  ? -6.326  9.045   27.963  1.00 188.71 ?  20  LEU A O   1 
ATOM   64   C CB  . LEU A 1 20  ? -7.316  11.082  30.416  1.00 165.87 ?  20  LEU A CB  1 
ATOM   65   C CG  . LEU A 1 20  ? -7.468  12.021  29.219  1.00 175.89 ?  20  LEU A CG  1 
ATOM   66   C CD1 . LEU A 1 20  ? -8.825  11.825  28.560  1.00 184.69 ?  20  LEU A CD1 1 
ATOM   67   C CD2 . LEU A 1 20  ? -7.278  13.469  29.642  1.00 172.32 ?  20  LEU A CD2 1 
ATOM   68   N N   . LEU A 1 21  ? -4.935  9.273   29.720  1.00 156.89 ?  21  LEU A N   1 
ATOM   69   C CA  . LEU A 1 21  ? -3.723  9.009   28.956  1.00 141.78 ?  21  LEU A CA  1 
ATOM   70   C C   . LEU A 1 21  ? -3.733  7.590   28.393  1.00 124.08 ?  21  LEU A C   1 
ATOM   71   O O   . LEU A 1 21  ? -3.439  7.378   27.216  1.00 115.26 ?  21  LEU A O   1 
ATOM   72   C CB  . LEU A 1 21  ? -2.494  9.213   29.845  1.00 148.86 ?  21  LEU A CB  1 
ATOM   73   C CG  . LEU A 1 21  ? -1.138  9.257   29.140  1.00 153.50 ?  21  LEU A CG  1 
ATOM   74   C CD1 . LEU A 1 21  ? -1.139  10.301  28.034  1.00 159.69 ?  21  LEU A CD1 1 
ATOM   75   C CD2 . LEU A 1 21  ? -0.034  9.541   30.146  1.00 144.48 ?  21  LEU A CD2 1 
ATOM   76   N N   . SER A 1 22  ? -4.076  6.624   29.239  1.00 116.54 ?  22  SER A N   1 
ATOM   77   C CA  . SER A 1 22  ? -4.141  5.223   28.834  1.00 117.00 ?  22  SER A CA  1 
ATOM   78   C C   . SER A 1 22  ? -5.160  5.002   27.717  1.00 127.12 ?  22  SER A C   1 
ATOM   79   O O   . SER A 1 22  ? -4.951  4.171   26.833  1.00 134.57 ?  22  SER A O   1 
ATOM   80   C CB  . SER A 1 22  ? -4.498  4.342   30.033  1.00 119.93 ?  22  SER A CB  1 
ATOM   81   O OG  . SER A 1 22  ? -4.854  3.032   29.622  1.00 111.71 ?  22  SER A OG  1 
ATOM   82   N N   . ILE A 1 23  ? -6.264  5.741   27.768  1.00 125.43 ?  23  ILE A N   1 
ATOM   83   C CA  . ILE A 1 23  ? -7.321  5.610   26.771  1.00 118.19 ?  23  ILE A CA  1 
ATOM   84   C C   . ILE A 1 23  ? -6.937  6.289   25.458  1.00 116.86 ?  23  ILE A C   1 
ATOM   85   O O   . ILE A 1 23  ? -7.150  5.733   24.380  1.00 116.97 ?  23  ILE A O   1 
ATOM   86   C CB  . ILE A 1 23  ? -8.651  6.195   27.282  1.00 117.93 ?  23  ILE A CB  1 
ATOM   87   C CG1 . ILE A 1 23  ? -9.277  5.250   28.311  1.00 115.40 ?  23  ILE A CG1 1 
ATOM   88   C CG2 . ILE A 1 23  ? -9.613  6.421   26.127  1.00 122.77 ?  23  ILE A CG2 1 
ATOM   89   C CD1 . ILE A 1 23  ? -10.538 5.787   28.951  1.00 119.00 ?  23  ILE A CD1 1 
ATOM   90   N N   . LEU A 1 24  ? -6.376  7.490   25.550  1.00 109.18 ?  24  LEU A N   1 
ATOM   91   C CA  . LEU A 1 24  ? -5.904  8.197   24.363  1.00 116.46 ?  24  LEU A CA  1 
ATOM   92   C C   . LEU A 1 24  ? -4.838  7.383   23.637  1.00 122.43 ?  24  LEU A C   1 
ATOM   93   O O   . LEU A 1 24  ? -5.020  6.993   22.483  1.00 118.24 ?  24  LEU A O   1 
ATOM   94   C CB  . LEU A 1 24  ? -5.343  9.572   24.734  1.00 112.13 ?  24  LEU A CB  1 
ATOM   95   C CG  . LEU A 1 24  ? -6.245  10.774  24.445  1.00 109.47 ?  24  LEU A CG  1 
ATOM   96   C CD1 . LEU A 1 24  ? -7.631  10.586  25.043  1.00 108.12 ?  24  LEU A CD1 1 
ATOM   97   C CD2 . LEU A 1 24  ? -5.599  12.051  24.962  1.00 115.87 ?  24  LEU A CD2 1 
ATOM   98   N N   . SER A 1 25  ? -3.729  7.125   24.322  1.00 125.08 ?  25  SER A N   1 
ATOM   99   C CA  . SER A 1 25  ? -2.607  6.403   23.732  1.00 120.09 ?  25  SER A CA  1 
ATOM   100  C C   . SER A 1 25  ? -3.047  5.071   23.127  1.00 120.18 ?  25  SER A C   1 
ATOM   101  O O   . SER A 1 25  ? -2.719  4.763   21.981  1.00 114.26 ?  25  SER A O   1 
ATOM   102  C CB  . SER A 1 25  ? -1.517  6.164   24.780  1.00 116.04 ?  25  SER A CB  1 
ATOM   103  O OG  . SER A 1 25  ? -1.975  5.303   25.809  1.00 100.98 ?  25  SER A OG  1 
ATOM   104  N N   . THR A 1 26  ? -3.787  4.284   23.902  1.00 116.97 ?  26  THR A N   1 
ATOM   105  C CA  . THR A 1 26  ? -4.264  2.985   23.438  1.00 121.96 ?  26  THR A CA  1 
ATOM   106  C C   . THR A 1 26  ? -5.223  3.140   22.264  1.00 135.03 ?  26  THR A C   1 
ATOM   107  O O   . THR A 1 26  ? -5.211  2.335   21.332  1.00 140.40 ?  26  THR A O   1 
ATOM   108  C CB  . THR A 1 26  ? -4.989  2.221   24.561  1.00 119.67 ?  26  THR A CB  1 
ATOM   109  O OG1 . THR A 1 26  ? -4.077  1.967   25.636  1.00 137.12 ?  26  THR A OG1 1 
ATOM   110  C CG2 . THR A 1 26  ? -5.538  0.901   24.042  1.00 117.91 ?  26  THR A CG2 1 
ATOM   111  N N   . GLY A 1 27  ? -6.051  4.178   22.315  1.00 144.77 ?  27  GLY A N   1 
ATOM   112  C CA  . GLY A 1 27  ? -7.037  4.431   21.268  1.00 135.43 ?  27  GLY A CA  1 
ATOM   113  C C   . GLY A 1 27  ? -6.402  4.772   19.934  1.00 117.58 ?  27  GLY A C   1 
ATOM   114  O O   . GLY A 1 27  ? -6.734  4.176   18.910  1.00 111.81 ?  27  GLY A O   1 
ATOM   115  N N   . ILE A 1 28  ? -5.486  5.734   19.946  1.00 106.56 ?  28  ILE A N   1 
ATOM   116  C CA  . ILE A 1 28  ? -4.816  6.168   18.726  1.00 113.88 ?  28  ILE A CA  1 
ATOM   117  C C   . ILE A 1 28  ? -3.968  5.042   18.141  1.00 123.20 ?  28  ILE A C   1 
ATOM   118  O O   . ILE A 1 28  ? -3.954  4.826   16.930  1.00 124.96 ?  28  ILE A O   1 
ATOM   119  C CB  . ILE A 1 28  ? -3.912  7.388   18.981  1.00 114.39 ?  28  ILE A CB  1 
ATOM   120  C CG1 . ILE A 1 28  ? -4.729  8.547   19.557  1.00 113.00 ?  28  ILE A CG1 1 
ATOM   121  C CG2 . ILE A 1 28  ? -3.226  7.811   17.692  1.00 112.05 ?  28  ILE A CG2 1 
ATOM   122  C CD1 . ILE A 1 28  ? -3.888  9.714   20.032  1.00 113.87 ?  28  ILE A CD1 1 
ATOM   123  N N   . ALA A 1 29  ? -3.260  4.327   19.010  1.00 122.84 ?  29  ALA A N   1 
ATOM   124  C CA  . ALA A 1 29  ? -2.431  3.210   18.584  1.00 120.49 ?  29  ALA A CA  1 
ATOM   125  C C   . ALA A 1 29  ? -3.276  2.160   17.871  1.00 125.10 ?  29  ALA A C   1 
ATOM   126  O O   . ALA A 1 29  ? -2.936  1.717   16.775  1.00 151.83 ?  29  ALA A O   1 
ATOM   127  C CB  . ALA A 1 29  ? -1.722  2.594   19.779  1.00 124.08 ?  29  ALA A CB  1 
ATOM   128  N N   . LEU A 1 30  ? -4.380  1.767   18.497  1.00 122.02 ?  30  LEU A N   1 
ATOM   129  C CA  . LEU A 1 30  ? -5.255  0.742   17.939  1.00 120.98 ?  30  LEU A CA  1 
ATOM   130  C C   . LEU A 1 30  ? -5.951  1.215   16.669  1.00 115.07 ?  30  LEU A C   1 
ATOM   131  O O   . LEU A 1 30  ? -6.215  0.422   15.766  1.00 113.60 ?  30  LEU A O   1 
ATOM   132  C CB  . LEU A 1 30  ? -6.302  0.318   18.968  1.00 119.08 ?  30  LEU A CB  1 
ATOM   133  C CG  . LEU A 1 30  ? -5.775  -0.531  20.123  1.00 128.05 ?  30  LEU A CG  1 
ATOM   134  C CD1 . LEU A 1 30  ? -6.883  -0.813  21.122  1.00 127.93 ?  30  LEU A CD1 1 
ATOM   135  C CD2 . LEU A 1 30  ? -5.177  -1.828  19.602  1.00 127.92 ?  30  LEU A CD2 1 
ATOM   136  N N   . LEU A 1 31  ? -6.253  2.506   16.604  1.00 115.65 ?  31  LEU A N   1 
ATOM   137  C CA  . LEU A 1 31  ? -6.941  3.066   15.448  1.00 118.53 ?  31  LEU A CA  1 
ATOM   138  C C   . LEU A 1 31  ? -6.001  3.094   14.250  1.00 119.01 ?  31  LEU A C   1 
ATOM   139  O O   . LEU A 1 31  ? -6.415  2.864   13.113  1.00 120.81 ?  31  LEU A O   1 
ATOM   140  C CB  . LEU A 1 31  ? -7.439  4.477   15.760  1.00 124.55 ?  31  LEU A CB  1 
ATOM   141  C CG  . LEU A 1 31  ? -8.724  4.894   15.047  1.00 130.08 ?  31  LEU A CG  1 
ATOM   142  C CD1 . LEU A 1 31  ? -9.867  3.960   15.421  1.00 118.01 ?  31  LEU A CD1 1 
ATOM   143  C CD2 . LEU A 1 31  ? -9.074  6.335   15.386  1.00 132.37 ?  31  LEU A CD2 1 
ATOM   144  N N   . THR A 1 32  ? -4.730  3.375   14.516  1.00 115.25 ?  32  THR A N   1 
ATOM   145  C CA  . THR A 1 32  ? -3.707  3.368   13.480  1.00 104.51 ?  32  THR A CA  1 
ATOM   146  C C   . THR A 1 32  ? -3.348  1.934   13.098  1.00 87.70  ?  32  THR A C   1 
ATOM   147  O O   . THR A 1 32  ? -3.181  1.623   11.922  1.00 90.11  ?  32  THR A O   1 
ATOM   148  C CB  . THR A 1 32  ? -2.441  4.115   13.941  1.00 104.86 ?  32  THR A CB  1 
ATOM   149  O OG1 . THR A 1 32  ? -2.746  5.503   14.126  1.00 84.36  ?  32  THR A OG1 1 
ATOM   150  C CG2 . THR A 1 32  ? -1.329  3.978   12.914  1.00 112.55 ?  32  THR A CG2 1 
ATOM   151  N N   . LEU A 1 33  ? -3.242  1.063   14.097  1.00 88.16  ?  33  LEU A N   1 
ATOM   152  C CA  . LEU A 1 33  ? -2.961  -0.350  13.857  1.00 95.22  ?  33  LEU A CA  1 
ATOM   153  C C   . LEU A 1 33  ? -4.076  -1.001  13.046  1.00 104.52 ?  33  LEU A C   1 
ATOM   154  O O   . LEU A 1 33  ? -3.817  -1.810  12.154  1.00 102.70 ?  33  LEU A O   1 
ATOM   155  C CB  . LEU A 1 33  ? -2.791  -1.097  15.183  1.00 98.82  ?  33  LEU A CB  1 
ATOM   156  C CG  . LEU A 1 33  ? -1.457  -0.911  15.909  1.00 103.77 ?  33  LEU A CG  1 
ATOM   157  C CD1 . LEU A 1 33  ? -1.560  -1.356  17.359  1.00 103.68 ?  33  LEU A CD1 1 
ATOM   158  C CD2 . LEU A 1 33  ? -0.349  -1.667  15.191  1.00 102.46 ?  33  LEU A CD2 1 
ATOM   159  N N   . ALA A 1 34  ? -5.317  -0.647  13.365  1.00 107.64 ?  34  ALA A N   1 
ATOM   160  C CA  . ALA A 1 34  ? -6.475  -1.199  12.671  1.00 93.15  ?  34  ALA A CA  1 
ATOM   161  C C   . ALA A 1 34  ? -6.479  -0.774  11.208  1.00 82.83  ?  34  ALA A C   1 
ATOM   162  O O   . ALA A 1 34  ? -6.965  -1.502  10.344  1.00 95.31  ?  34  ALA A O   1 
ATOM   163  C CB  . ALA A 1 34  ? -7.761  -0.758  13.352  1.00 91.18  ?  34  ALA A CB  1 
ATOM   164  N N   . SER A 1 35  ? -5.938  0.408   10.935  1.00 72.20  ?  35  SER A N   1 
ATOM   165  C CA  . SER A 1 35  ? -5.853  0.916   9.571   1.00 68.63  ?  35  SER A CA  1 
ATOM   166  C C   . SER A 1 35  ? -4.567  0.448   8.887   1.00 79.71  ?  35  SER A C   1 
ATOM   167  O O   . SER A 1 35  ? -4.153  1.019   7.874   1.00 63.63  ?  35  SER A O   1 
ATOM   168  C CB  . SER A 1 35  ? -5.890  2.443   9.578   1.00 68.19  ?  35  SER A CB  1 
ATOM   169  O OG  . SER A 1 35  ? -4.675  2.976   10.074  1.00 74.59  ?  35  SER A OG  1 
ATOM   170  N N   . SER A 1 36  ? -3.939  -0.583  9.450   1.00 71.75  ?  36  SER A N   1 
ATOM   171  C CA  . SER A 1 36  ? -2.647  -1.062  8.971   1.00 53.91  ?  36  SER A CA  1 
ATOM   172  C C   . SER A 1 36  ? -2.544  -2.583  9.021   1.00 53.96  ?  36  SER A C   1 
ATOM   173  O O   . SER A 1 36  ? -1.472  -3.144  8.802   1.00 70.91  ?  36  SER A O   1 
ATOM   174  C CB  . SER A 1 36  ? -1.509  -0.453  9.801   1.00 54.86  ?  36  SER A CB  1 
ATOM   175  O OG  . SER A 1 36  ? -1.259  0.896   9.442   1.00 56.98  ?  36  SER A OG  1 
ATOM   176  N N   . LEU A 1 37  ? -3.650  -3.259  9.305   1.00 64.46  ?  37  LEU A N   1 
ATOM   177  C CA  . LEU A 1 37  ? -3.633  -4.718  9.360   1.00 75.44  ?  37  LEU A CA  1 
ATOM   178  C C   . LEU A 1 37  ? -3.438  -5.346  7.978   1.00 76.80  ?  37  LEU A C   1 
ATOM   179  O O   . LEU A 1 37  ? -3.278  -6.562  7.862   1.00 73.38  ?  37  LEU A O   1 
ATOM   180  C CB  . LEU A 1 37  ? -4.920  -5.250  9.996   1.00 84.42  ?  37  LEU A CB  1 
ATOM   181  C CG  . LEU A 1 37  ? -5.164  -4.876  11.461  1.00 99.66  ?  37  LEU A CG  1 
ATOM   182  C CD1 . LEU A 1 37  ? -6.363  -5.638  12.001  1.00 90.69  ?  37  LEU A CD1 1 
ATOM   183  C CD2 . LEU A 1 37  ? -3.934  -5.149  12.316  1.00 107.59 ?  37  LEU A CD2 1 
ATOM   184  N N   . ARG A 1 38  ? -3.453  -4.523  6.934   1.00 73.54  ?  38  ARG A N   1 
ATOM   185  C CA  . ARG A 1 38  ? -3.324  -5.025  5.568   1.00 82.20  ?  38  ARG A CA  1 
ATOM   186  C C   . ARG A 1 38  ? -2.277  -4.237  4.778   1.00 73.05  ?  38  ARG A C   1 
ATOM   187  O O   . ARG A 1 38  ? -2.252  -4.272  3.546   1.00 61.21  ?  38  ARG A O   1 
ATOM   188  C CB  . ARG A 1 38  ? -4.681  -4.980  4.854   1.00 82.95  ?  38  ARG A CB  1 
ATOM   189  C CG  . ARG A 1 38  ? -5.662  -6.041  5.332   1.00 89.80  ?  38  ARG A CG  1 
ATOM   190  C CD  . ARG A 1 38  ? -7.093  -5.722  4.919   1.00 100.26 ?  38  ARG A CD  1 
ATOM   191  N NE  . ARG A 1 38  ? -7.365  -6.013  3.513   1.00 106.50 ?  38  ARG A NE  1 
ATOM   192  C CZ  . ARG A 1 38  ? -7.885  -7.155  3.069   1.00 102.56 ?  38  ARG A CZ  1 
ATOM   193  N NH1 . ARG A 1 38  ? -8.187  -8.128  3.919   1.00 97.09  ?  38  ARG A NH1 1 
ATOM   194  N NH2 . ARG A 1 38  ? -8.101  -7.327  1.770   1.00 89.71  ?  38  ARG A NH2 1 
ATOM   195  N N   . ASP A 1 39  ? -1.411  -3.530  5.491   1.00 64.94  ?  39  ASP A N   1 
ATOM   196  C CA  . ASP A 1 39  ? -0.340  -2.781  4.844   1.00 60.46  ?  39  ASP A CA  1 
ATOM   197  C C   . ASP A 1 39  ? 0.623   -3.721  4.114   1.00 57.29  ?  39  ASP A C   1 
ATOM   198  O O   . ASP A 1 39  ? 1.070   -3.441  3.002   1.00 57.36  ?  39  ASP A O   1 
ATOM   199  C CB  . ASP A 1 39  ? 0.420   -1.953  5.876   1.00 66.21  ?  39  ASP A CB  1 
ATOM   200  C CG  . ASP A 1 39  ? -0.391  -0.779  6.392   1.00 93.59  ?  39  ASP A CG  1 
ATOM   201  O OD1 . ASP A 1 39  ? -1.489  -0.525  5.846   1.00 89.02  ?  39  ASP A OD1 1 
ATOM   202  O OD2 . ASP A 1 39  ? 0.068   -0.106  7.339   1.00 112.83 -1 39  ASP A OD2 1 
ATOM   203  N N   . ALA A 1 40  ? 0.934   -4.839  4.753   1.00 53.18  ?  40  ALA A N   1 
ATOM   204  C CA  . ALA A 1 40  ? 1.864   -5.805  4.202   1.00 48.41  ?  40  ALA A CA  1 
ATOM   205  C C   . ALA A 1 40  ? 1.254   -6.490  2.981   1.00 46.70  ?  40  ALA A C   1 
ATOM   206  O O   . ALA A 1 40  ? 1.931   -6.711  1.973   1.00 47.34  ?  40  ALA A O   1 
ATOM   207  C CB  . ALA A 1 40  ? 2.238   -6.825  5.270   1.00 45.58  ?  40  ALA A CB  1 
ATOM   208  N N   . GLU A 1 41  ? -0.030  -6.823  3.076   1.00 52.37  ?  41  GLU A N   1 
ATOM   209  C CA  . GLU A 1 41  ? -0.751  -7.428  1.961   1.00 49.61  ?  41  GLU A CA  1 
ATOM   210  C C   . GLU A 1 41  ? -0.744  -6.497  0.755   1.00 48.86  ?  41  GLU A C   1 
ATOM   211  O O   . GLU A 1 41  ? -0.487  -6.921  -0.374  1.00 43.69  ?  41  GLU A O   1 
ATOM   212  C CB  . GLU A 1 41  ? -2.192  -7.723  2.365   1.00 56.29  ?  41  GLU A CB  1 
ATOM   213  C CG  . GLU A 1 41  ? -3.045  -8.277  1.239   1.00 55.14  ?  41  GLU A CG  1 
ATOM   214  C CD  . GLU A 1 41  ? -4.435  -8.662  1.703   1.00 62.77  ?  41  GLU A CD  1 
ATOM   215  O OE1 . GLU A 1 41  ? -4.879  -8.125  2.738   1.00 57.80  ?  41  GLU A OE1 1 
ATOM   216  O OE2 . GLU A 1 41  ? -5.079  -9.501  1.032   1.00 56.90  -1 41  GLU A OE2 1 
ATOM   217  N N   . ALA A 1 42  ? -1.022  -5.223  1.006   1.00 44.34  ?  42  ALA A N   1 
ATOM   218  C CA  . ALA A 1 42  ? -1.075  -4.231  -0.056  1.00 45.14  ?  42  ALA A CA  1 
ATOM   219  C C   . ALA A 1 42  ? 0.251   -4.171  -0.804  1.00 43.66  ?  42  ALA A C   1 
ATOM   220  O O   . ALA A 1 42  ? 0.282   -4.217  -2.033  1.00 40.93  ?  42  ALA A O   1 
ATOM   221  C CB  . ALA A 1 42  ? -1.428  -2.864  0.516   1.00 38.14  ?  42  ALA A CB  1 
ATOM   222  N N   . ILE A 1 43  ? 1.339   -4.069  -0.049  1.00 49.96  ?  43  ILE A N   1 
ATOM   223  C CA  . ILE A 1 43  ? 2.690   -4.019  -0.612  1.00 42.01  ?  43  ILE A CA  1 
ATOM   224  C C   . ILE A 1 43  ? 3.004   -5.278  -1.413  1.00 32.92  ?  43  ILE A C   1 
ATOM   225  O O   . ILE A 1 43  ? 3.605   -5.202  -2.479  1.00 35.64  ?  43  ILE A O   1 
ATOM   226  C CB  . ILE A 1 43  ? 3.737   -3.837  0.501   1.00 45.49  ?  43  ILE A CB  1 
ATOM   227  C CG1 . ILE A 1 43  ? 3.530   -2.482  1.183   1.00 47.72  ?  43  ILE A CG1 1 
ATOM   228  C CG2 . ILE A 1 43  ? 5.153   -3.933  -0.059  1.00 47.55  ?  43  ILE A CG2 1 
ATOM   229  C CD1 . ILE A 1 43  ? 4.167   -2.381  2.550   1.00 48.86  ?  43  ILE A CD1 1 
ATOM   230  N N   . ASN A 1 44  ? 2.575   -6.432  -0.915  1.00 30.92  ?  44  ASN A N   1 
ATOM   231  C CA  . ASN A 1 44  ? 2.790   -7.681  -1.632  1.00 33.79  ?  44  ASN A CA  1 
ATOM   232  C C   . ASN A 1 44  ? 2.054   -7.675  -2.963  1.00 42.12  ?  44  ASN A C   1 
ATOM   233  O O   . ASN A 1 44  ? 2.671   -7.855  -4.017  1.00 40.55  ?  44  ASN A O   1 
ATOM   234  C CB  . ASN A 1 44  ? 2.348   -8.879  -0.787  1.00 33.69  ?  44  ASN A CB  1 
ATOM   235  C CG  . ASN A 1 44  ? 2.578   -10.203 -1.485  1.00 38.09  ?  44  ASN A CG  1 
ATOM   236  O OD1 . ASN A 1 44  ? 3.086   -10.243 -2.606  1.00 50.25  ?  44  ASN A OD1 1 
ATOM   237  N ND2 . ASN A 1 44  ? 2.214   -11.298 -0.823  1.00 36.33  ?  44  ASN A ND2 1 
ATOM   238  N N   . ILE A 1 45  ? 0.742   -7.447  -2.913  1.00 40.46  ?  45  ILE A N   1 
ATOM   239  C CA  . ILE A 1 45  ? -0.090  -7.468  -4.117  1.00 40.62  ?  45  ILE A CA  1 
ATOM   240  C C   . ILE A 1 45  ? 0.276   -6.350  -5.098  1.00 32.84  ?  45  ILE A C   1 
ATOM   241  O O   . ILE A 1 45  ? 0.359   -6.589  -6.301  1.00 37.90  ?  45  ILE A O   1 
ATOM   242  C CB  . ILE A 1 45  ? -1.592  -7.401  -3.769  1.00 44.90  ?  45  ILE A CB  1 
ATOM   243  C CG1 . ILE A 1 45  ? -2.026  -8.707  -3.103  1.00 51.67  ?  45  ILE A CG1 1 
ATOM   244  C CG2 . ILE A 1 45  ? -2.425  -7.172  -5.021  1.00 39.74  ?  45  ILE A CG2 1 
ATOM   245  C CD1 . ILE A 1 45  ? -3.487  -8.736  -2.708  1.00 75.38  ?  45  ILE A CD1 1 
ATOM   246  N N   . ALA A 1 46  ? 0.509   -5.141  -4.596  1.00 28.62  ?  46  ALA A N   1 
ATOM   247  C CA  . ALA A 1 46  ? 0.959   -4.052  -5.461  1.00 31.16  ?  46  ALA A CA  1 
ATOM   248  C C   . ALA A 1 46  ? 2.269   -4.442  -6.093  1.00 34.86  ?  46  ALA A C   1 
ATOM   249  O O   . ALA A 1 46  ? 2.519   -4.146  -7.261  1.00 34.46  ?  46  ALA A O   1 
ATOM   250  C CB  . ALA A 1 46  ? 1.141   -2.765  -4.682  1.00 34.00  ?  46  ALA A CB  1 
ATOM   251  N N   . GLY A 1 47  ? 3.105   -5.109  -5.303  1.00 37.84  ?  47  GLY A N   1 
ATOM   252  C CA  . GLY A 1 47  ? 4.421   -5.512  -5.752  1.00 26.65  ?  47  GLY A CA  1 
ATOM   253  C C   . GLY A 1 47  ? 4.316   -6.465  -6.909  1.00 24.81  ?  47  GLY A C   1 
ATOM   254  O O   . GLY A 1 47  ? 5.032   -6.328  -7.891  1.00 23.98  ?  47  GLY A O   1 
ATOM   255  N N   . SER A 1 48  ? 3.392   -7.418  -6.796  1.00 30.54  ?  48  SER A N   1 
ATOM   256  C CA  . SER A 1 48  ? 3.216   -8.476  -7.790  1.00 24.67  ?  48  SER A CA  1 
ATOM   257  C C   . SER A 1 48  ? 2.865   -7.938  -9.159  1.00 23.97  ?  48  SER A C   1 
ATOM   258  O O   . SER A 1 48  ? 3.154   -8.573  -10.178 1.00 34.69  ?  48  SER A O   1 
ATOM   259  C CB  . SER A 1 48  ? 2.121   -9.439  -7.342  1.00 29.66  ?  48  SER A CB  1 
ATOM   260  O OG  . SER A 1 48  ? 0.874   -8.773  -7.257  1.00 33.46  ?  48  SER A OG  1 
ATOM   261  N N   . LEU A 1 49  ? 2.237   -6.768  -9.199  1.00 28.41  ?  49  LEU A N   1 
ATOM   262  C CA  . LEU A 1 49  ? 1.869   -6.152  -10.469 1.00 28.67  ?  49  LEU A CA  1 
ATOM   263  C C   . LEU A 1 49  ? 3.105   -6.007  -11.355 1.00 28.82  ?  49  LEU A C   1 
ATOM   264  O O   . LEU A 1 49  ? 3.026   -6.124  -12.575 1.00 28.73  ?  49  LEU A O   1 
ATOM   265  C CB  . LEU A 1 49  ? 1.228   -4.780  -10.240 1.00 32.08  ?  49  LEU A CB  1 
ATOM   266  C CG  . LEU A 1 49  ? -0.032  -4.741  -9.379  1.00 32.25  ?  49  LEU A CG  1 
ATOM   267  C CD1 . LEU A 1 49  ? -0.522  -3.309  -9.267  1.00 35.74  ?  49  LEU A CD1 1 
ATOM   268  C CD2 . LEU A 1 49  ? -1.123  -5.641  -9.939  1.00 31.97  ?  49  LEU A CD2 1 
ATOM   269  N N   . ARG A 1 50  ? 4.250   -5.780  -10.728 1.00 31.15  ?  50  ARG A N   1 
ATOM   270  C CA  . ARG A 1 50  ? 5.512   -5.633  -11.449 1.00 28.47  ?  50  ARG A CA  1 
ATOM   271  C C   . ARG A 1 50  ? 5.886   -6.927  -12.164 1.00 31.62  ?  50  ARG A C   1 
ATOM   272  O O   . ARG A 1 50  ? 6.194   -6.923  -13.363 1.00 27.89  ?  50  ARG A O   1 
ATOM   273  C CB  . ARG A 1 50  ? 6.623   -5.220  -10.480 1.00 29.11  ?  50  ARG A CB  1 
ATOM   274  C CG  . ARG A 1 50  ? 6.338   -3.921  -9.724  1.00 30.60  ?  50  ARG A CG  1 
ATOM   275  C CD  . ARG A 1 50  ? 7.471   -3.544  -8.770  1.00 36.95  ?  50  ARG A CD  1 
ATOM   276  N NE  . ARG A 1 50  ? 7.444   -4.354  -7.553  1.00 35.20  ?  50  ARG A NE  1 
ATOM   277  C CZ  . ARG A 1 50  ? 8.124   -4.079  -6.445  1.00 30.98  ?  50  ARG A CZ  1 
ATOM   278  N NH1 . ARG A 1 50  ? 8.907   -3.008  -6.380  1.00 31.69  ?  50  ARG A NH1 1 
ATOM   279  N NH2 . ARG A 1 50  ? 8.029   -4.885  -5.403  1.00 34.71  ?  50  ARG A NH2 1 
ATOM   280  N N   . MET A 1 51  ? 5.852   -8.035  -11.433 1.00 35.48  ?  51  MET A N   1 
ATOM   281  C CA  . MET A 1 51  ? 6.158   -9.341  -12.007 1.00 27.97  ?  51  MET A CA  1 
ATOM   282  C C   . MET A 1 51  ? 5.166   -9.698  -13.097 1.00 23.61  ?  51  MET A C   1 
ATOM   283  O O   . MET A 1 51  ? 5.538   -10.140 -14.185 1.00 20.27  ?  51  MET A O   1 
ATOM   284  C CB  . MET A 1 51  ? 6.095   -10.427 -10.932 1.00 32.58  ?  51  MET A CB  1 
ATOM   285  C CG  . MET A 1 51  ? 6.250   -11.826 -11.503 1.00 39.81  ?  51  MET A CG  1 
ATOM   286  S SD  . MET A 1 51  ? 4.692   -12.586 -12.008 1.00 37.71  ?  51  MET A SD  1 
ATOM   287  C CE  . MET A 1 51  ? 4.009   -12.877 -10.379 1.00 36.88  ?  51  MET A CE  1 
ATOM   288  N N   . GLN A 1 52  ? 3.891   -9.504  -12.805 1.00 25.58  ?  52  GLN A N   1 
ATOM   289  C CA  . GLN A 1 52  ? 2.856   -9.816  -13.787 1.00 32.47  ?  52  GLN A CA  1 
ATOM   290  C C   . GLN A 1 52  ? 3.060   -9.041  -15.072 1.00 26.14  ?  52  GLN A C   1 
ATOM   291  O O   . GLN A 1 52  ? 2.819   -9.575  -16.164 1.00 27.60  ?  52  GLN A O   1 
ATOM   292  C CB  . GLN A 1 52  ? 1.467   -9.542  -13.217 1.00 26.17  ?  52  GLN A CB  1 
ATOM   293  C CG  . GLN A 1 52  ? 1.150   -10.454 -12.065 1.00 29.48  ?  52  GLN A CG  1 
ATOM   294  C CD  . GLN A 1 52  ? -0.283  -10.343 -11.612 1.00 30.60  ?  52  GLN A CD  1 
ATOM   295  O OE1 . GLN A 1 52  ? -1.211  -10.516 -12.402 1.00 29.29  ?  52  GLN A OE1 1 
ATOM   296  N NE2 . GLN A 1 52  ? -0.471  -10.074 -10.328 1.00 27.94  ?  52  GLN A NE2 1 
ATOM   297  N N   . SER A 1 53  ? 3.513   -7.793  -14.948 1.00 25.01  ?  53  SER A N   1 
ATOM   298  C CA  . SER A 1 53  ? 3.744   -6.947  -16.122 1.00 22.77  ?  53  SER A CA  1 
ATOM   299  C C   . SER A 1 53  ? 4.875   -7.481  -16.993 1.00 26.00  ?  53  SER A C   1 
ATOM   300  O O   . SER A 1 53  ? 4.741   -7.554  -18.222 1.00 31.40  ?  53  SER A O   1 
ATOM   301  C CB  . SER A 1 53  ? 4.032   -5.511  -15.701 1.00 27.72  ?  53  SER A CB  1 
ATOM   302  O OG  . SER A 1 53  ? 2.878   -4.952  -15.099 1.00 29.97  ?  53  SER A OG  1 
ATOM   303  N N   . TYR A 1 54  ? 5.979   -7.886  -16.370 1.00 25.19  ?  54  TYR A N   1 
ATOM   304  C CA  . TYR A 1 54  ? 7.067   -8.504  -17.127 1.00 20.51  ?  54  TYR A CA  1 
ATOM   305  C C   . TYR A 1 54  ? 6.680   -9.925  -17.594 1.00 22.73  ?  54  TYR A C   1 
ATOM   306  O O   . TYR A 1 54  ? 7.000   -10.334 -18.707 1.00 28.09  ?  54  TYR A O   1 
ATOM   307  C CB  . TYR A 1 54  ? 8.381   -8.485  -16.325 1.00 21.10  ?  54  TYR A CB  1 
ATOM   308  C CG  . TYR A 1 54  ? 9.274   -7.293  -16.668 1.00 23.72  ?  54  TYR A CG  1 
ATOM   309  C CD1 . TYR A 1 54  ? 9.883   -7.207  -17.903 1.00 28.34  ?  54  TYR A CD1 1 
ATOM   310  C CD2 . TYR A 1 54  ? 9.484   -6.255  -15.771 1.00 26.94  ?  54  TYR A CD2 1 
ATOM   311  C CE1 . TYR A 1 54  ? 10.678  -6.134  -18.242 1.00 29.46  ?  54  TYR A CE1 1 
ATOM   312  C CE2 . TYR A 1 54  ? 10.290  -5.172  -16.107 1.00 28.47  ?  54  TYR A CE2 1 
ATOM   313  C CZ  . TYR A 1 54  ? 10.878  -5.125  -17.354 1.00 22.32  ?  54  TYR A CZ  1 
ATOM   314  O OH  . TYR A 1 54  ? 11.668  -4.070  -17.740 1.00 37.93  ?  54  TYR A OH  1 
ATOM   315  N N   . ARG A 1 55  ? 5.962   -10.674 -16.778 1.00 23.67  ?  55  ARG A N   1 
ATOM   316  C CA  . ARG A 1 55  ? 5.504   -11.996 -17.233 1.00 26.15  ?  55  ARG A CA  1 
ATOM   317  C C   . ARG A 1 55  ? 4.660   -11.900 -18.498 1.00 30.74  ?  55  ARG A C   1 
ATOM   318  O O   . ARG A 1 55  ? 4.672   -12.818 -19.320 1.00 35.89  ?  55  ARG A O   1 
ATOM   319  C CB  . ARG A 1 55  ? 4.716   -12.707 -16.142 1.00 27.77  ?  55  ARG A CB  1 
ATOM   320  C CG  . ARG A 1 55  ? 4.292   -14.107 -16.531 1.00 33.77  ?  55  ARG A CG  1 
ATOM   321  C CD  . ARG A 1 55  ? 3.741   -14.863 -15.343 1.00 25.45  ?  55  ARG A CD  1 
ATOM   322  N NE  . ARG A 1 55  ? 2.472   -14.321 -14.894 1.00 26.43  ?  55  ARG A NE  1 
ATOM   323  C CZ  . ARG A 1 55  ? 1.822   -14.743 -13.814 1.00 30.55  ?  55  ARG A CZ  1 
ATOM   324  N NH1 . ARG A 1 55  ? 2.332   -15.715 -13.071 1.00 36.73  ?  55  ARG A NH1 1 
ATOM   325  N NH2 . ARG A 1 55  ? 0.660   -14.197 -13.478 1.00 38.08  ?  55  ARG A NH2 1 
ATOM   326  N N   . LEU A 1 56  ? 3.921   -10.799 -18.654 1.00 30.72  ?  56  LEU A N   1 
ATOM   327  C CA  . LEU A 1 56  ? 3.126   -10.558 -19.873 1.00 27.40  ?  56  LEU A CA  1 
ATOM   328  C C   . LEU A 1 56  ? 3.997   -10.401 -21.128 1.00 36.84  ?  56  LEU A C   1 
ATOM   329  O O   . LEU A 1 56  ? 3.705   -10.964 -22.201 1.00 28.46  ?  56  LEU A O   1 
ATOM   330  C CB  . LEU A 1 56  ? 2.250   -9.311  -19.697 1.00 26.96  ?  56  LEU A CB  1 
ATOM   331  C CG  . LEU A 1 56  ? 1.078   -9.485  -18.731 1.00 28.54  ?  56  LEU A CG  1 
ATOM   332  C CD1 . LEU A 1 56  ? 0.390   -8.165  -18.441 1.00 28.77  ?  56  LEU A CD1 1 
ATOM   333  C CD2 . LEU A 1 56  ? 0.083   -10.491 -19.278 1.00 30.09  ?  56  LEU A CD2 1 
ATOM   334  N N   . GLY A 1 57  ? 5.065   -9.623  -20.999 1.00 31.34  ?  57  GLY A N   1 
ATOM   335  C CA  . GLY A 1 57  ? 6.023   -9.488  -22.086 1.00 33.29  ?  57  GLY A CA  1 
ATOM   336  C C   . GLY A 1 57  ? 6.656   -10.821 -22.428 1.00 31.08  ?  57  GLY A C   1 
ATOM   337  O O   . GLY A 1 57  ? 6.846   -11.144 -23.594 1.00 42.02  ?  57  GLY A O   1 
ATOM   338  N N   . TYR A 1 58  ? 7.004   -11.585 -21.401 1.00 27.25  ?  58  TYR A N   1 
ATOM   339  C CA  . TYR A 1 58  ? 7.533   -12.933 -21.588 1.00 34.38  ?  58  TYR A CA  1 
ATOM   340  C C   . TYR A 1 58  ? 6.551   -13.854 -22.323 1.00 43.87  ?  58  TYR A C   1 
ATOM   341  O O   . TYR A 1 58  ? 6.955   -14.654 -23.168 1.00 34.15  ?  58  TYR A O   1 
ATOM   342  C CB  . TYR A 1 58  ? 7.874   -13.535 -20.235 1.00 34.56  ?  58  TYR A CB  1 
ATOM   343  C CG  . TYR A 1 58  ? 8.193   -14.996 -20.275 1.00 41.67  ?  58  TYR A CG  1 
ATOM   344  C CD1 . TYR A 1 58  ? 9.468   -15.440 -20.591 1.00 45.41  ?  58  TYR A CD1 1 
ATOM   345  C CD2 . TYR A 1 58  ? 7.225   -15.942 -19.970 1.00 47.73  ?  58  TYR A CD2 1 
ATOM   346  C CE1 . TYR A 1 58  ? 9.767   -16.791 -20.608 1.00 47.26  ?  58  TYR A CE1 1 
ATOM   347  C CE2 . TYR A 1 58  ? 7.517   -17.288 -19.986 1.00 42.32  ?  58  TYR A CE2 1 
ATOM   348  C CZ  . TYR A 1 58  ? 8.787   -17.706 -20.310 1.00 40.80  ?  58  TYR A CZ  1 
ATOM   349  O OH  . TYR A 1 58  ? 9.073   -19.049 -20.324 1.00 50.96  ?  58  TYR A OH  1 
ATOM   350  N N   . ASP A 1 59  ? 5.264   -13.748 -21.997 1.00 42.07  ?  59  ASP A N   1 
ATOM   351  C CA  . ASP A 1 59  ? 4.235   -14.507 -22.718 1.00 43.05  ?  59  ASP A CA  1 
ATOM   352  C C   . ASP A 1 59  ? 4.174   -14.063 -24.175 1.00 40.49  ?  59  ASP A C   1 
ATOM   353  O O   . ASP A 1 59  ? 4.113   -14.887 -25.084 1.00 42.75  ?  59  ASP A O   1 
ATOM   354  C CB  . ASP A 1 59  ? 2.861   -14.305 -22.075 1.00 37.17  ?  59  ASP A CB  1 
ATOM   355  C CG  . ASP A 1 59  ? 2.770   -14.914 -20.706 1.00 40.60  ?  59  ASP A CG  1 
ATOM   356  O OD1 . ASP A 1 59  ? 3.617   -15.772 -20.375 1.00 39.73  ?  59  ASP A OD1 1 
ATOM   357  O OD2 . ASP A 1 59  ? 1.848   -14.539 -19.960 1.00 46.93  -1 59  ASP A OD2 1 
ATOM   358  N N   . LEU A 1 60  ? 4.192   -12.749 -24.380 1.00 41.27  ?  60  LEU A N   1 
ATOM   359  C CA  . LEU A 1 60  ? 4.107   -12.163 -25.705 1.00 43.00  ?  60  LEU A CA  1 
ATOM   360  C C   . LEU A 1 60  ? 5.297   -12.553 -26.587 1.00 55.10  ?  60  LEU A C   1 
ATOM   361  O O   . LEU A 1 60  ? 5.172   -12.595 -27.807 1.00 61.83  ?  60  LEU A O   1 
ATOM   362  C CB  . LEU A 1 60  ? 4.017   -10.641 -25.582 1.00 53.51  ?  60  LEU A CB  1 
ATOM   363  C CG  . LEU A 1 60  ? 3.653   -9.860  -26.846 1.00 54.10  ?  60  LEU A CG  1 
ATOM   364  C CD1 . LEU A 1 60  ? 2.266   -10.232 -27.338 1.00 55.94  ?  60  LEU A CD1 1 
ATOM   365  C CD2 . LEU A 1 60  ? 3.737   -8.368  -26.576 1.00 59.99  ?  60  LEU A CD2 1 
ATOM   366  N N   . GLN A 1 61  ? 6.440   -12.848 -25.969 1.00 54.48  ?  61  GLN A N   1 
ATOM   367  C CA  . GLN A 1 61  ? 7.654   -13.202 -26.710 1.00 53.08  ?  61  GLN A CA  1 
ATOM   368  C C   . GLN A 1 61  ? 7.714   -14.692 -27.006 1.00 52.13  ?  61  GLN A C   1 
ATOM   369  O O   . GLN A 1 61  ? 8.248   -15.110 -28.029 1.00 55.31  ?  61  GLN A O   1 
ATOM   370  C CB  . GLN A 1 61  ? 8.909   -12.813 -25.918 1.00 41.37  ?  61  GLN A CB  1 
ATOM   371  C CG  . GLN A 1 61  ? 9.132   -11.323 -25.773 1.00 48.14  ?  61  GLN A CG  1 
ATOM   372  C CD  . GLN A 1 61  ? 10.439  -11.006 -25.068 1.00 53.87  ?  61  GLN A CD  1 
ATOM   373  O OE1 . GLN A 1 61  ? 10.967  -11.829 -24.320 1.00 56.72  ?  61  GLN A OE1 1 
ATOM   374  N NE2 . GLN A 1 61  ? 10.967  -9.813  -25.305 1.00 51.17  ?  61  GLN A NE2 1 
ATOM   375  N N   . SER A 1 62  ? 7.182   -15.494 -26.093 1.00 54.86  ?  62  SER A N   1 
ATOM   376  C CA  . SER A 1 62  ? 7.206   -16.941 -26.242 1.00 51.14  ?  62  SER A CA  1 
ATOM   377  C C   . SER A 1 62  ? 5.936   -17.472 -26.902 1.00 57.54  ?  62  SER A C   1 
ATOM   378  O O   . SER A 1 62  ? 5.814   -18.677 -27.121 1.00 60.36  ?  62  SER A O   1 
ATOM   379  C CB  . SER A 1 62  ? 7.380   -17.608 -24.878 1.00 52.60  ?  62  SER A CB  1 
ATOM   380  O OG  . SER A 1 62  ? 6.332   -17.237 -23.997 1.00 47.20  ?  62  SER A OG  1 
ATOM   381  N N   . GLY A 1 63  ? 4.998   -16.578 -27.209 1.00 58.76  ?  63  GLY A N   1 
ATOM   382  C CA  . GLY A 1 63  ? 3.715   -16.976 -27.791 1.00 59.39  ?  63  GLY A CA  1 
ATOM   383  C C   . GLY A 1 63  ? 2.910   -17.887 -26.879 1.00 53.38  ?  63  GLY A C   1 
ATOM   384  O O   . GLY A 1 63  ? 2.184   -18.765 -27.346 1.00 54.63  ?  63  GLY A O   1 
ATOM   385  N N   . SER A 1 64  ? 3.030   -17.668 -25.573 1.00 53.19  ?  64  SER A N   1 
ATOM   386  C CA  . SER A 1 64  ? 2.366   -18.511 -24.590 1.00 47.26  ?  64  SER A CA  1 
ATOM   387  C C   . SER A 1 64  ? 0.856   -18.445 -24.736 1.00 41.84  ?  64  SER A C   1 
ATOM   388  O O   . SER A 1 64  ? 0.295   -17.381 -25.021 1.00 42.93  ?  64  SER A O   1 
ATOM   389  C CB  . SER A 1 64  ? 2.752   -18.082 -23.179 1.00 48.46  ?  64  SER A CB  1 
ATOM   390  O OG  . SER A 1 64  ? 2.276   -19.015 -22.227 1.00 52.91  ?  64  SER A OG  1 
ATOM   391  N N   . PRO A 1 65  ? 0.188   -19.593 -24.564 1.00 49.12  ?  65  PRO A N   1 
ATOM   392  C CA  . PRO A 1 65  ? -1.276  -19.638 -24.556 1.00 48.16  ?  65  PRO A CA  1 
ATOM   393  C C   . PRO A 1 65  ? -1.873  -18.913 -23.340 1.00 42.07  ?  65  PRO A C   1 
ATOM   394  O O   . PRO A 1 65  ? -3.045  -18.537 -23.350 1.00 41.54  ?  65  PRO A O   1 
ATOM   395  C CB  . PRO A 1 65  ? -1.580  -21.141 -24.496 1.00 45.96  ?  65  PRO A CB  1 
ATOM   396  C CG  . PRO A 1 65  ? -0.354  -21.767 -23.932 1.00 52.87  ?  65  PRO A CG  1 
ATOM   397  C CD  . PRO A 1 65  ? 0.785   -20.935 -24.435 1.00 43.51  ?  65  PRO A CD  1 
ATOM   398  N N   . GLN A 1 66  ? -1.059  -18.704 -22.309 1.00 39.12  ?  66  GLN A N   1 
ATOM   399  C CA  . GLN A 1 66  ? -1.537  -18.120 -21.063 1.00 31.55  ?  66  GLN A CA  1 
ATOM   400  C C   . GLN A 1 66  ? -1.680  -16.609 -21.099 1.00 30.27  ?  66  GLN A C   1 
ATOM   401  O O   . GLN A 1 66  ? -2.036  -15.999 -20.092 1.00 26.50  ?  66  GLN A O   1 
ATOM   402  C CB  . GLN A 1 66  ? -0.599  -18.487 -19.932 1.00 28.86  ?  66  GLN A CB  1 
ATOM   403  C CG  . GLN A 1 66  ? -0.512  -19.971 -19.653 1.00 39.42  ?  66  GLN A CG  1 
ATOM   404  C CD  . GLN A 1 66  ? 0.400   -20.251 -18.484 1.00 42.20  ?  66  GLN A CD  1 
ATOM   405  O OE1 . GLN A 1 66  ? 1.623   -20.205 -18.616 1.00 54.80  ?  66  GLN A OE1 1 
ATOM   406  N NE2 . GLN A 1 66  ? -0.188  -20.517 -17.325 1.00 50.17  ?  66  GLN A NE2 1 
ATOM   407  N N   . LEU A 1 67  ? -1.407  -15.995 -22.244 1.00 32.43  ?  67  LEU A N   1 
ATOM   408  C CA  . LEU A 1 67  ? -1.360  -14.528 -22.306 1.00 38.56  ?  67  LEU A CA  1 
ATOM   409  C C   . LEU A 1 67  ? -2.650  -13.871 -21.819 1.00 38.94  ?  67  LEU A C   1 
ATOM   410  O O   . LEU A 1 67  ? -2.622  -12.947 -21.006 1.00 34.48  ?  67  LEU A O   1 
ATOM   411  C CB  . LEU A 1 67  ? -1.064  -14.060 -23.728 1.00 31.47  ?  67  LEU A CB  1 
ATOM   412  C CG  . LEU A 1 67  ? -1.003  -12.549 -23.907 1.00 43.73  ?  67  LEU A CG  1 
ATOM   413  C CD1 . LEU A 1 67  ? 0.112   -11.934 -23.066 1.00 43.35  ?  67  LEU A CD1 1 
ATOM   414  C CD2 . LEU A 1 67  ? -0.817  -12.213 -25.377 1.00 52.08  ?  67  LEU A CD2 1 
ATOM   415  N N   . ASN A 1 68  ? -3.785  -14.346 -22.319 1.00 35.38  ?  68  ASN A N   1 
ATOM   416  C CA  . ASN A 1 68  ? -5.054  -13.690 -22.024 1.00 36.02  ?  68  ASN A CA  1 
ATOM   417  C C   . ASN A 1 68  ? -5.467  -13.865 -20.574 1.00 33.55  ?  68  ASN A C   1 
ATOM   418  O O   . ASN A 1 68  ? -6.022  -12.960 -19.973 1.00 25.65  ?  68  ASN A O   1 
ATOM   419  C CB  . ASN A 1 68  ? -6.145  -14.188 -22.962 1.00 34.10  ?  68  ASN A CB  1 
ATOM   420  C CG  . ASN A 1 68  ? -5.895  -13.768 -24.398 1.00 37.01  ?  68  ASN A CG  1 
ATOM   421  O OD1 . ASN A 1 68  ? -4.919  -13.075 -24.695 1.00 39.85  ?  68  ASN A OD1 1 
ATOM   422  N ND2 . ASN A 1 68  ? -6.776  -14.179 -25.295 1.00 41.02  ?  68  ASN A ND2 1 
ATOM   423  N N   . ALA A 1 69  ? -5.153  -15.019 -20.005 1.00 32.68  ?  69  ALA A N   1 
ATOM   424  C CA  . ALA A 1 69  ? -5.461  -15.285 -18.617 1.00 31.41  ?  69  ALA A CA  1 
ATOM   425  C C   . ALA A 1 69  ? -4.644  -14.361 -17.701 1.00 32.72  ?  69  ALA A C   1 
ATOM   426  O O   . ALA A 1 69  ? -5.161  -13.796 -16.727 1.00 33.22  ?  69  ALA A O   1 
ATOM   427  C CB  . ALA A 1 69  ? -5.186  -16.752 -18.304 1.00 32.68  ?  69  ALA A CB  1 
ATOM   428  N N   . HIS A 1 70  ? -3.367  -14.195 -18.020 1.00 32.33  ?  70  HIS A N   1 
ATOM   429  C CA  . HIS A 1 70  ? -2.510  -13.290 -17.248 1.00 31.64  ?  70  HIS A CA  1 
ATOM   430  C C   . HIS A 1 70  ? -2.954  -11.841 -17.404 1.00 27.40  ?  70  HIS A C   1 
ATOM   431  O O   . HIS A 1 70  ? -2.988  -11.085 -16.434 1.00 29.66  ?  70  HIS A O   1 
ATOM   432  C CB  . HIS A 1 70  ? -1.051  -13.452 -17.661 1.00 32.58  ?  70  HIS A CB  1 
ATOM   433  C CG  . HIS A 1 70  ? -0.461  -14.762 -17.253 1.00 32.31  ?  70  HIS A CG  1 
ATOM   434  N ND1 . HIS A 1 70  ? 0.550   -15.379 -17.959 1.00 29.41  ?  70  HIS A ND1 1 
ATOM   435  C CD2 . HIS A 1 70  ? -0.756  -15.586 -16.218 1.00 36.61  ?  70  HIS A CD2 1 
ATOM   436  C CE1 . HIS A 1 70  ? 0.875   -16.510 -17.356 1.00 34.13  ?  70  HIS A CE1 1 
ATOM   437  N NE2 . HIS A 1 70  ? 0.096   -16.660 -16.299 1.00 30.36  ?  70  HIS A NE2 1 
ATOM   438  N N   . ARG A 1 71  ? -3.309  -11.443 -18.615 1.00 24.17  ?  71  ARG A N   1 
ATOM   439  C CA  . ARG A 1 71  ? -3.913  -10.119 -18.785 1.00 27.21  ?  71  ARG A CA  1 
ATOM   440  C C   . ARG A 1 71  ? -5.022  -9.918  -17.756 1.00 24.21  ?  71  ARG A C   1 
ATOM   441  O O   . ARG A 1 71  ? -4.976  -8.980  -16.977 1.00 29.71  ?  71  ARG A O   1 
ATOM   442  C CB  . ARG A 1 71  ? -4.441  -9.926  -20.215 1.00 25.39  ?  71  ARG A CB  1 
ATOM   443  C CG  . ARG A 1 71  ? -3.336  -9.906  -21.266 1.00 28.79  ?  71  ARG A CG  1 
ATOM   444  C CD  . ARG A 1 71  ? -3.883  -10.000 -22.684 1.00 27.62  ?  71  ARG A CD  1 
ATOM   445  N NE  . ARG A 1 71  ? -4.797  -8.904  -22.936 1.00 33.95  ?  71  ARG A NE  1 
ATOM   446  C CZ  . ARG A 1 71  ? -5.759  -8.900  -23.847 1.00 39.52  ?  71  ARG A CZ  1 
ATOM   447  N NH1 . ARG A 1 71  ? -5.960  -9.955  -24.628 1.00 43.67  ?  71  ARG A NH1 1 
ATOM   448  N NH2 . ARG A 1 71  ? -6.529  -7.827  -23.964 1.00 37.24  ?  71  ARG A NH2 1 
ATOM   449  N N   . GLN A 1 72  ? -6.007  -10.813 -17.717 1.00 28.19  ?  72  GLN A N   1 
ATOM   450  C CA  . GLN A 1 72  ? -7.142  -10.616 -16.809 1.00 22.74  ?  72  GLN A CA  1 
ATOM   451  C C   . GLN A 1 72  ? -6.769  -10.778 -15.336 1.00 25.93  ?  72  GLN A C   1 
ATOM   452  O O   . GLN A 1 72  ? -7.352  -10.130 -14.466 1.00 30.57  ?  72  GLN A O   1 
ATOM   453  C CB  . GLN A 1 72  ? -8.335  -11.497 -17.198 1.00 27.34  ?  72  GLN A CB  1 
ATOM   454  C CG  . GLN A 1 72  ? -8.012  -12.854 -17.791 0.50 27.44  ?  72  GLN A CG  1 
ATOM   455  C CD  . GLN A 1 72  ? -9.188  -13.445 -18.551 0.50 33.89  ?  72  GLN A CD  1 
ATOM   456  O OE1 . GLN A 1 72  ? -9.243  -14.659 -18.802 0.50 36.23  ?  72  GLN A OE1 1 
ATOM   457  N NE2 . GLN A 1 72  ? -10.144 -12.596 -18.911 0.50 34.29  ?  72  GLN A NE2 1 
ATOM   458  N N   . LEU A 1 73  ? -5.781  -11.620 -15.064 1.00 29.63  ?  73  LEU A N   1 
ATOM   459  C CA  . LEU A 1 73  ? -5.280  -11.829 -13.710 1.00 30.74  ?  73  LEU A CA  1 
ATOM   460  C C   . LEU A 1 73  ? -4.616  -10.554 -13.171 1.00 23.94  ?  73  LEU A C   1 
ATOM   461  O O   . LEU A 1 73  ? -4.813  -10.165 -12.018 1.00 26.27  ?  73  LEU A O   1 
ATOM   462  C CB  . LEU A 1 73  ? -4.269  -12.988 -13.717 1.00 39.79  ?  73  LEU A CB  1 
ATOM   463  C CG  . LEU A 1 73  ? -3.688  -13.430 -12.373 1.00 51.01  ?  73  LEU A CG  1 
ATOM   464  C CD1 . LEU A 1 73  ? -4.794  -13.978 -11.481 1.00 45.32  ?  73  LEU A CD1 1 
ATOM   465  C CD2 . LEU A 1 73  ? -2.586  -14.467 -12.572 1.00 54.48  ?  73  LEU A CD2 1 
ATOM   466  N N   . PHE A 1 74  ? -3.811  -9.911  -13.999 1.00 20.50  ?  74  PHE A N   1 
ATOM   467  C CA  . PHE A 1 74  ? -3.238  -8.620  -13.628 1.00 23.96  ?  74  PHE A CA  1 
ATOM   468  C C   . PHE A 1 74  ? -4.324  -7.618  -13.322 1.00 23.01  ?  74  PHE A C   1 
ATOM   469  O O   . PHE A 1 74  ? -4.235  -6.864  -12.351 1.00 25.32  ?  74  PHE A O   1 
ATOM   470  C CB  . PHE A 1 74  ? -2.362  -8.052  -14.739 1.00 26.60  ?  74  PHE A CB  1 
ATOM   471  C CG  . PHE A 1 74  ? -1.844  -6.672  -14.438 1.00 33.88  ?  74  PHE A CG  1 
ATOM   472  C CD1 . PHE A 1 74  ? -2.644  -5.557  -14.644 1.00 30.19  ?  74  PHE A CD1 1 
ATOM   473  C CD2 . PHE A 1 74  ? -0.565  -6.490  -13.926 1.00 29.56  ?  74  PHE A CD2 1 
ATOM   474  C CE1 . PHE A 1 74  ? -2.175  -4.284  -14.364 1.00 30.70  ?  74  PHE A CE1 1 
ATOM   475  C CE2 . PHE A 1 74  ? -0.097  -5.221  -13.642 1.00 33.56  ?  74  PHE A CE2 1 
ATOM   476  C CZ  . PHE A 1 74  ? -0.906  -4.116  -13.860 1.00 31.52  ?  74  PHE A CZ  1 
ATOM   477  N N   . GLN A 1 75  ? -5.365  -7.617  -14.145 1.00 28.41  ?  75  GLN A N   1 
ATOM   478  C CA  . GLN A 1 75  ? -6.463  -6.690  -13.959 1.00 27.47  ?  75  GLN A CA  1 
ATOM   479  C C   . GLN A 1 75  ? -7.158  -6.936  -12.636 1.00 34.81  ?  75  GLN A C   1 
ATOM   480  O O   . GLN A 1 75  ? -7.570  -5.992  -11.956 1.00 29.80  ?  75  GLN A O   1 
ATOM   481  C CB  . GLN A 1 75  ? -7.474  -6.830  -15.085 1.00 33.18  ?  75  GLN A CB  1 
ATOM   482  C CG  . GLN A 1 75  ? -8.714  -5.982  -14.874 1.00 40.55  ?  75  GLN A CG  1 
ATOM   483  C CD  . GLN A 1 75  ? -9.354  -5.578  -16.179 1.00 43.48  ?  75  GLN A CD  1 
ATOM   484  O OE1 . GLN A 1 75  ? -8.690  -5.048  -17.065 1.00 54.99  ?  75  GLN A OE1 1 
ATOM   485  N NE2 . GLN A 1 75  ? -10.648 -5.823  -16.304 1.00 54.21  ?  75  GLN A NE2 1 
ATOM   486  N N   . GLN A 1 76  ? -7.301  -8.210  -12.282 1.00 28.64  ?  76  GLN A N   1 
ATOM   487  C CA  . GLN A 1 76  ? -7.983  -8.582  -11.062 1.00 31.70  ?  76  GLN A CA  1 
ATOM   488  C C   . GLN A 1 76  ? -7.145  -8.166  -9.848  1.00 41.20  ?  76  GLN A C   1 
ATOM   489  O O   . GLN A 1 76  ? -7.666  -7.618  -8.876  1.00 41.80  ?  76  GLN A O   1 
ATOM   490  C CB  . GLN A 1 76  ? -8.268  -10.088 -11.079 1.00 35.30  ?  76  GLN A CB  1 
ATOM   491  C CG  . GLN A 1 76  ? -8.747  -10.689 -9.776  0.50 31.79  ?  76  GLN A CG  1 
ATOM   492  C CD  . GLN A 1 76  ? -9.014  -12.176 -9.908  0.50 31.41  ?  76  GLN A CD  1 
ATOM   493  O OE1 . GLN A 1 76  ? -8.222  -13.004 -9.452  0.50 37.44  ?  76  GLN A OE1 1 
ATOM   494  N NE2 . GLN A 1 76  ? -10.125 -12.523 -10.553 0.50 26.62  ?  76  GLN A NE2 1 
ATOM   495  N N   . ALA A 1 77  ? -5.838  -8.397  -9.916  1.00 40.63  ?  77  ALA A N   1 
ATOM   496  C CA  . ALA A 1 77  ? -4.940  -7.975  -8.843  1.00 35.31  ?  77  ALA A CA  1 
ATOM   497  C C   . ALA A 1 77  ? -4.936  -6.453  -8.720  1.00 35.86  ?  77  ALA A C   1 
ATOM   498  O O   . ALA A 1 77  ? -4.999  -5.903  -7.616  1.00 39.72  ?  77  ALA A O   1 
ATOM   499  C CB  . ALA A 1 77  ? -3.526  -8.492  -9.093  1.00 35.61  ?  77  ALA A CB  1 
ATOM   500  N N   . LEU A 1 78  ? -4.862  -5.771  -9.854  1.00 35.49  ?  78  LEU A N   1 
ATOM   501  C CA  . LEU A 1 78  ? -4.880  -4.313  -9.860  1.00 35.87  ?  78  LEU A CA  1 
ATOM   502  C C   . LEU A 1 78  ? -6.083  -3.785  -9.101  1.00 41.40  ?  78  LEU A C   1 
ATOM   503  O O   . LEU A 1 78  ? -5.978  -2.820  -8.341  1.00 41.74  ?  78  LEU A O   1 
ATOM   504  C CB  . LEU A 1 78  ? -4.887  -3.771  -11.296 1.00 38.24  ?  78  LEU A CB  1 
ATOM   505  C CG  . LEU A 1 78  ? -4.785  -2.245  -11.437 1.00 42.44  ?  78  LEU A CG  1 
ATOM   506  C CD1 . LEU A 1 78  ? -3.536  -1.714  -10.759 1.00 51.49  ?  78  LEU A CD1 1 
ATOM   507  C CD2 . LEU A 1 78  ? -4.798  -1.824  -12.894 1.00 39.17  ?  78  LEU A CD2 1 
ATOM   508  N N   . HIS A 1 79  ? -7.228  -4.427  -9.302  1.00 47.38  ?  79  HIS A N   1 
ATOM   509  C CA  . HIS A 1 79  ? -8.480  -3.950  -8.728  1.00 45.35  ?  79  HIS A CA  1 
ATOM   510  C C   . HIS A 1 79  ? -8.886  -4.758  -7.506  1.00 47.61  ?  79  HIS A C   1 
ATOM   511  O O   . HIS A 1 79  ? -10.072 -4.872  -7.199  1.00 64.08  ?  79  HIS A O   1 
ATOM   512  C CB  . HIS A 1 79  ? -9.591  -4.011  -9.777  1.00 52.53  ?  79  HIS A CB  1 
ATOM   513  C CG  . HIS A 1 79  ? -9.368  -3.098  -10.940 1.00 52.72  ?  79  HIS A CG  1 
ATOM   514  N ND1 . HIS A 1 79  ? -9.620  -3.473  -12.242 1.00 69.97  ?  79  HIS A ND1 1 
ATOM   515  C CD2 . HIS A 1 79  ? -8.908  -1.826  -10.998 1.00 52.54  ?  79  HIS A CD2 1 
ATOM   516  C CE1 . HIS A 1 79  ? -9.330  -2.469  -13.052 1.00 73.37  ?  79  HIS A CE1 1 
ATOM   517  N NE2 . HIS A 1 79  ? -8.893  -1.459  -12.322 1.00 62.31  ?  79  HIS A NE2 1 
ATOM   518  N N   . SER A 1 80  ? -7.903  -5.327  -6.817  1.00 45.66  ?  80  SER A N   1 
ATOM   519  C CA  A SER A 1 80  ? -8.157  -6.101  -5.602  0.50 48.74  ?  80  SER A CA  1 
ATOM   520  C CA  B SER A 1 80  ? -8.175  -6.104  -5.612  0.50 45.39  ?  80  SER A CA  1 
ATOM   521  C C   . SER A 1 80  ? -8.725  -5.202  -4.509  1.00 38.77  ?  80  SER A C   1 
ATOM   522  O O   . SER A 1 80  ? -8.401  -4.013  -4.445  1.00 35.02  ?  80  SER A O   1 
ATOM   523  C CB  A SER A 1 80  ? -6.864  -6.748  -5.090  0.50 46.82  ?  80  SER A CB  1 
ATOM   524  C CB  B SER A 1 80  ? -6.902  -6.795  -5.124  0.50 40.39  ?  80  SER A CB  1 
ATOM   525  O OG  A SER A 1 80  ? -6.290  -7.605  -6.060  0.50 51.29  ?  80  SER A OG  1 
ATOM   526  O OG  B SER A 1 80  ? -5.867  -5.850  -4.938  0.50 35.65  ?  80  SER A OG  1 
ATOM   527  N N   . PRO A 1 81  ? -9.567  -5.771  -3.635  1.00 40.03  ?  81  PRO A N   1 
ATOM   528  C CA  . PRO A 1 81  ? -10.116 -5.023  -2.503  1.00 49.99  ?  81  PRO A CA  1 
ATOM   529  C C   . PRO A 1 81  ? -9.047  -4.213  -1.778  1.00 47.35  ?  81  PRO A C   1 
ATOM   530  O O   . PRO A 1 81  ? -9.158  -2.990  -1.688  1.00 50.42  ?  81  PRO A O   1 
ATOM   531  C CB  . PRO A 1 81  ? -10.664 -6.128  -1.598  1.00 52.95  ?  81  PRO A CB  1 
ATOM   532  C CG  . PRO A 1 81  ? -11.050 -7.218  -2.547  1.00 48.23  ?  81  PRO A CG  1 
ATOM   533  C CD  . PRO A 1 81  ? -10.045 -7.165  -3.662  1.00 48.58  ?  81  PRO A CD  1 
ATOM   534  N N   . VAL A 1 82  ? -7.999  -4.883  -1.297  1.00 51.59  ?  82  VAL A N   1 
ATOM   535  C CA  . VAL A 1 82  ? -6.945  -4.201  -0.548  1.00 50.09  ?  82  VAL A CA  1 
ATOM   536  C C   . VAL A 1 82  ? -6.497  -2.928  -1.252  1.00 45.40  ?  82  VAL A C   1 
ATOM   537  O O   . VAL A 1 82  ? -6.245  -1.917  -0.601  1.00 46.37  ?  82  VAL A O   1 
ATOM   538  C CB  . VAL A 1 82  ? -5.712  -5.099  -0.309  1.00 52.81  ?  82  VAL A CB  1 
ATOM   539  C CG1 . VAL A 1 82  ? -4.918  -5.283  -1.594  1.00 62.77  ?  82  VAL A CG1 1 
ATOM   540  C CG2 . VAL A 1 82  ? -4.820  -4.499  0.770   1.00 54.06  ?  82  VAL A CG2 1 
ATOM   541  N N   . LEU A 1 83  ? -6.401  -2.976  -2.578  1.00 41.18  ?  83  LEU A N   1 
ATOM   542  C CA  . LEU A 1 83  ? -5.887  -1.849  -3.344  1.00 32.07  ?  83  LEU A CA  1 
ATOM   543  C C   . LEU A 1 83  ? -6.967  -0.818  -3.649  1.00 40.34  ?  83  LEU A C   1 
ATOM   544  O O   . LEU A 1 83  ? -6.702  0.384   -3.654  1.00 44.30  ?  83  LEU A O   1 
ATOM   545  C CB  . LEU A 1 83  ? -5.262  -2.324  -4.656  1.00 37.31  ?  83  LEU A CB  1 
ATOM   546  C CG  . LEU A 1 83  ? -3.931  -3.081  -4.586  1.00 45.73  ?  83  LEU A CG  1 
ATOM   547  C CD1 . LEU A 1 83  ? -3.265  -3.035  -5.958  1.00 43.18  ?  83  LEU A CD1 1 
ATOM   548  C CD2 . LEU A 1 83  ? -3.011  -2.503  -3.516  1.00 37.09  ?  83  LEU A CD2 1 
ATOM   549  N N   . THR A 1 84  ? -8.176  -1.286  -3.928  1.00 44.41  ?  84  THR A N   1 
ATOM   550  C CA  . THR A 1 84  ? -9.301  -0.381  -4.098  1.00 57.29  ?  84  THR A CA  1 
ATOM   551  C C   . THR A 1 84  ? -9.597  0.324   -2.766  1.00 58.48  ?  84  THR A C   1 
ATOM   552  O O   . THR A 1 84  ? -9.956  1.497   -2.738  1.00 54.60  ?  84  THR A O   1 
ATOM   553  C CB  . THR A 1 84  ? -10.551 -1.131  -4.597  1.00 64.82  ?  84  THR A CB  1 
ATOM   554  O OG1 . THR A 1 84  ? -10.866 -2.200  -3.695  1.00 67.90  ?  84  THR A OG1 1 
ATOM   555  C CG2 . THR A 1 84  ? -10.306 -1.706  -5.986  1.00 58.99  ?  84  THR A CG2 1 
ATOM   556  N N   . ASN A 1 85  ? -9.416  -0.389  -1.658  1.00 55.99  ?  85  ASN A N   1 
ATOM   557  C CA  . ASN A 1 85  ? -9.636  0.193   -0.335  1.00 60.58  ?  85  ASN A CA  1 
ATOM   558  C C   . ASN A 1 85  ? -8.664  1.324   0.004   1.00 64.12  ?  85  ASN A C   1 
ATOM   559  O O   . ASN A 1 85  ? -8.750  1.914   1.082   1.00 72.29  ?  85  ASN A O   1 
ATOM   560  C CB  . ASN A 1 85  ? -9.556  -0.892  0.739   1.00 52.05  ?  85  ASN A CB  1 
ATOM   561  C CG  . ASN A 1 85  ? -10.756 -1.810  0.727   1.00 52.08  ?  85  ASN A CG  1 
ATOM   562  O OD1 . ASN A 1 85  ? -11.755 -1.535  0.063   1.00 63.42  ?  85  ASN A OD1 1 
ATOM   563  N ND2 . ASN A 1 85  ? -10.668 -2.909  1.465   1.00 59.86  ?  85  ASN A ND2 1 
ATOM   564  N N   . LEU A 1 86  ? -7.740  1.624   -0.907  1.00 59.31  ?  86  LEU A N   1 
ATOM   565  C CA  . LEU A 1 86  ? -6.795  2.728   -0.714  1.00 66.28  ?  86  LEU A CA  1 
ATOM   566  C C   . LEU A 1 86  ? -7.457  4.068   -1.013  1.00 77.13  ?  86  LEU A C   1 
ATOM   567  O O   . LEU A 1 86  ? -6.968  5.127   -0.610  1.00 62.82  ?  86  LEU A O   1 
ATOM   568  C CB  . LEU A 1 86  ? -5.577  2.565   -1.628  1.00 68.56  ?  86  LEU A CB  1 
ATOM   569  C CG  . LEU A 1 86  ? -4.656  1.372   -1.373  1.00 64.11  ?  86  LEU A CG  1 
ATOM   570  C CD1 . LEU A 1 86  ? -3.607  1.285   -2.470  1.00 65.94  ?  86  LEU A CD1 1 
ATOM   571  C CD2 . LEU A 1 86  ? -3.997  1.472   -0.007  1.00 57.94  ?  86  LEU A CD2 1 
ATOM   572  N N   . ASN A 1 87  ? -8.561  4.015   -1.748  1.00 86.20  ?  87  ASN A N   1 
ATOM   573  C CA  . ASN A 1 87  ? -9.294  5.220   -2.100  1.00 91.45  ?  87  ASN A CA  1 
ATOM   574  C C   . ASN A 1 87  ? -10.225 5.616   -0.964  1.00 89.69  ?  87  ASN A C   1 
ATOM   575  O O   . ASN A 1 87  ? -11.441 5.450   -1.042  1.00 82.72  ?  87  ASN A O   1 
ATOM   576  C CB  . ASN A 1 87  ? -10.059 5.011   -3.404  1.00 81.51  ?  87  ASN A CB  1 
ATOM   577  C CG  . ASN A 1 87  ? -9.135  4.904   -4.603  1.00 81.55  ?  87  ASN A CG  1 
ATOM   578  O OD1 . ASN A 1 87  ? -8.181  5.673   -4.736  1.00 71.10  ?  87  ASN A OD1 1 
ATOM   579  N ND2 . ASN A 1 87  ? -9.411  3.947   -5.483  1.00 76.37  ?  87  ASN A ND2 1 
ATOM   580  N N   . VAL A 1 88  ? -9.619  6.127   0.102   1.00 95.95  ?  88  VAL A N   1 
ATOM   581  C CA  . VAL A 1 88  ? -10.339 6.524   1.298   1.00 103.76 ?  88  VAL A CA  1 
ATOM   582  C C   . VAL A 1 88  ? -9.743  7.840   1.787   1.00 117.66 ?  88  VAL A C   1 
ATOM   583  O O   . VAL A 1 88  ? -8.611  8.183   1.441   1.00 114.02 ?  88  VAL A O   1 
ATOM   584  C CB  . VAL A 1 88  ? -10.239 5.441   2.390   1.00 111.90 ?  88  VAL A CB  1 
ATOM   585  C CG1 . VAL A 1 88  ? -10.812 5.946   3.705   1.00 122.18 ?  88  VAL A CG1 1 
ATOM   586  C CG2 . VAL A 1 88  ? -10.957 4.174   1.945   1.00 107.70 ?  88  VAL A CG2 1 
ATOM   587  N N   . TRP A 1 89  ? -10.509 8.577   2.583   1.00 117.36 ?  89  TRP A N   1 
ATOM   588  C CA  . TRP A 1 89  ? -10.116 9.925   2.977   1.00 102.44 ?  89  TRP A CA  1 
ATOM   589  C C   . TRP A 1 89  ? -8.784  9.970   3.730   1.00 90.96  ?  89  TRP A C   1 
ATOM   590  O O   . TRP A 1 89  ? -8.021  10.927  3.586   1.00 92.68  ?  89  TRP A O   1 
ATOM   591  C CB  . TRP A 1 89  ? -11.229 10.591  3.801   1.00 95.47  ?  89  TRP A CB  1 
ATOM   592  C CG  . TRP A 1 89  ? -11.474 9.970   5.147   1.00 85.38  ?  89  TRP A CG  1 
ATOM   593  C CD1 . TRP A 1 89  ? -12.374 8.985   5.450   1.00 81.22  ?  89  TRP A CD1 1 
ATOM   594  C CD2 . TRP A 1 89  ? -10.819 10.308  6.377   1.00 71.43  ?  89  TRP A CD2 1 
ATOM   595  N NE1 . TRP A 1 89  ? -12.311 8.684   6.791   1.00 73.41  ?  89  TRP A NE1 1 
ATOM   596  C CE2 . TRP A 1 89  ? -11.365 9.482   7.382   1.00 73.40  ?  89  TRP A CE2 1 
ATOM   597  C CE3 . TRP A 1 89  ? -9.820  11.223  6.725   1.00 85.74  ?  89  TRP A CE3 1 
ATOM   598  C CZ2 . TRP A 1 89  ? -10.946 9.546   8.712   1.00 78.15  ?  89  TRP A CZ2 1 
ATOM   599  C CZ3 . TRP A 1 89  ? -9.403  11.284  8.045   1.00 94.32  ?  89  TRP A CZ3 1 
ATOM   600  C CH2 . TRP A 1 89  ? -9.966  10.450  9.021   1.00 86.03  ?  89  TRP A CH2 1 
ATOM   601  N N   . TYR A 1 90  ? -8.491  8.934   4.512   1.00 91.42  ?  90  TYR A N   1 
ATOM   602  C CA  . TYR A 1 90  ? -7.309  8.958   5.378   1.00 100.42 ?  90  TYR A CA  1 
ATOM   603  C C   . TYR A 1 90  ? -6.040  8.380   4.746   1.00 104.80 ?  90  TYR A C   1 
ATOM   604  O O   . TYR A 1 90  ? -4.986  8.379   5.382   1.00 105.72 ?  90  TYR A O   1 
ATOM   605  C CB  . TYR A 1 90  ? -7.595  8.250   6.705   1.00 100.71 ?  90  TYR A CB  1 
ATOM   606  C CG  . TYR A 1 90  ? -7.941  6.785   6.575   1.00 103.17 ?  90  TYR A CG  1 
ATOM   607  C CD1 . TYR A 1 90  ? -6.973  5.848   6.242   1.00 98.17  ?  90  TYR A CD1 1 
ATOM   608  C CD2 . TYR A 1 90  ? -9.234  6.336   6.806   1.00 108.40 ?  90  TYR A CD2 1 
ATOM   609  C CE1 . TYR A 1 90  ? -7.286  4.507   6.130   1.00 98.93  ?  90  TYR A CE1 1 
ATOM   610  C CE2 . TYR A 1 90  ? -9.556  4.996   6.698   1.00 114.77 ?  90  TYR A CE2 1 
ATOM   611  C CZ  . TYR A 1 90  ? -8.577  4.087   6.360   1.00 108.98 ?  90  TYR A CZ  1 
ATOM   612  O OH  . TYR A 1 90  ? -8.889  2.752   6.250   1.00 110.55 ?  90  TYR A OH  1 
ATOM   613  N N   . VAL A 1 91  ? -6.133  7.889   3.512   1.00 97.18  ?  91  VAL A N   1 
ATOM   614  C CA  . VAL A 1 91  ? -4.941  7.461   2.778   1.00 82.55  ?  91  VAL A CA  1 
ATOM   615  C C   . VAL A 1 91  ? -4.403  8.646   1.985   1.00 80.49  ?  91  VAL A C   1 
ATOM   616  O O   . VAL A 1 91  ? -5.139  9.267   1.222   1.00 87.36  ?  91  VAL A O   1 
ATOM   617  C CB  . VAL A 1 91  ? -5.226  6.285   1.819   1.00 69.47  ?  91  VAL A CB  1 
ATOM   618  C CG1 . VAL A 1 91  ? -4.037  6.045   0.900   1.00 64.15  ?  91  VAL A CG1 1 
ATOM   619  C CG2 . VAL A 1 91  ? -5.552  5.022   2.596   1.00 63.50  ?  91  VAL A CG2 1 
ATOM   620  N N   . PRO A 1 92  ? -3.112  8.962   2.162   1.00 82.40  ?  92  PRO A N   1 
ATOM   621  C CA  . PRO A 1 92  ? -2.533  10.158  1.553   1.00 74.15  ?  92  PRO A CA  1 
ATOM   622  C C   . PRO A 1 92  ? -2.865  10.289  0.074   1.00 77.87  ?  92  PRO A C   1 
ATOM   623  O O   . PRO A 1 92  ? -3.106  9.291   -0.602  1.00 100.33 ?  92  PRO A O   1 
ATOM   624  C CB  . PRO A 1 92  ? -1.020  9.979   1.758   1.00 79.40  ?  92  PRO A CB  1 
ATOM   625  C CG  . PRO A 1 92  ? -0.827  8.587   2.266   1.00 81.88  ?  92  PRO A CG  1 
ATOM   626  C CD  . PRO A 1 92  ? -2.114  8.187   2.914   1.00 78.11  ?  92  PRO A CD  1 
ATOM   627  N N   . GLU A 1 93  ? -2.866  11.523  -0.418  1.00 106.94 ?  93  GLU A N   1 
ATOM   628  C CA  . GLU A 1 93  ? -3.217  11.805  -1.805  1.00 112.66 ?  93  GLU A CA  1 
ATOM   629  C C   . GLU A 1 93  ? -2.227  11.167  -2.775  1.00 103.62 ?  93  GLU A C   1 
ATOM   630  O O   . GLU A 1 93  ? -2.596  10.782  -3.885  1.00 105.62 ?  93  GLU A O   1 
ATOM   631  C CB  . GLU A 1 93  ? -3.273  13.321  -2.026  1.00 116.76 ?  93  GLU A CB  1 
ATOM   632  C CG  . GLU A 1 93  ? -3.580  13.749  -3.454  0.50 110.29 ?  93  GLU A CG  1 
ATOM   633  C CD  . GLU A 1 93  ? -2.337  13.879  -4.312  0.50 104.50 ?  93  GLU A CD  1 
ATOM   634  O OE1 . GLU A 1 93  ? -1.281  13.332  -3.929  0.50 104.93 ?  93  GLU A OE1 1 
ATOM   635  O OE2 . GLU A 1 93  ? -2.417  14.534  -5.373  0.50 92.15  -1 93  GLU A OE2 1 
ATOM   636  N N   . ALA A 1 94  ? -0.972  11.055  -2.349  1.00 98.05  ?  94  ALA A N   1 
ATOM   637  C CA  . ALA A 1 94  ? 0.087   10.536  -3.210  1.00 99.03  ?  94  ALA A CA  1 
ATOM   638  C C   . ALA A 1 94  ? -0.149  9.076   -3.577  1.00 79.38  ?  94  ALA A C   1 
ATOM   639  O O   . ALA A 1 94  ? 0.090   8.666   -4.708  1.00 69.30  ?  94  ALA A O   1 
ATOM   640  C CB  . ALA A 1 94  ? 1.440   10.691  -2.533  1.00 111.31 ?  94  ALA A CB  1 
ATOM   641  N N   . VAL A 1 95  ? -0.615  8.296   -2.609  1.00 70.76  ?  95  VAL A N   1 
ATOM   642  C CA  . VAL A 1 95  ? -0.891  6.886   -2.830  1.00 64.88  ?  95  VAL A CA  1 
ATOM   643  C C   . VAL A 1 95  ? -2.070  6.717   -3.783  1.00 74.53  ?  95  VAL A C   1 
ATOM   644  O O   . VAL A 1 95  ? -1.983  5.974   -4.758  1.00 83.56  ?  95  VAL A O   1 
ATOM   645  C CB  . VAL A 1 95  ? -1.191  6.171   -1.504  1.00 60.73  ?  95  VAL A CB  1 
ATOM   646  C CG1 . VAL A 1 95  ? -1.704  4.760   -1.752  1.00 57.15  ?  95  VAL A CG1 1 
ATOM   647  C CG2 . VAL A 1 95  ? 0.053   6.150   -0.631  1.00 62.28  ?  95  VAL A CG2 1 
ATOM   648  N N   . LYS A 1 96  ? -3.161  7.426   -3.506  1.00 69.54  ?  96  LYS A N   1 
ATOM   649  C CA  . LYS A 1 96  ? -4.373  7.328   -4.317  1.00 61.07  ?  96  LYS A CA  1 
ATOM   650  C C   . LYS A 1 96  ? -4.134  7.816   -5.738  1.00 56.77  ?  96  LYS A C   1 
ATOM   651  O O   . LYS A 1 96  ? -4.709  7.291   -6.689  1.00 63.41  ?  96  LYS A O   1 
ATOM   652  C CB  . LYS A 1 96  ? -5.509  8.128   -3.675  1.00 63.45  ?  96  LYS A CB  1 
ATOM   653  C CG  . LYS A 1 96  ? -6.041  7.511   -2.391  1.00 79.46  ?  96  LYS A CG  1 
ATOM   654  C CD  . LYS A 1 96  ? -7.111  8.369   -1.734  1.00 75.32  ?  96  LYS A CD  1 
ATOM   655  C CE  . LYS A 1 96  ? -6.554  9.709   -1.281  1.00 78.71  ?  96  LYS A CE  1 
ATOM   656  N NZ  . LYS A 1 96  ? -7.297  10.238  -0.105  1.00 79.15  ?  96  LYS A NZ  1 
ATOM   657  N N   . THR A 1 97  ? -3.276  8.819   -5.879  1.00 64.14  ?  97  THR A N   1 
ATOM   658  C CA  . THR A 1 97  ? -3.007  9.419   -7.181  1.00 55.66  ?  97  THR A CA  1 
ATOM   659  C C   . THR A 1 97  ? -2.149  8.516   -8.052  1.00 53.27  ?  97  THR A C   1 
ATOM   660  O O   . THR A 1 97  ? -2.324  8.472   -9.270  1.00 59.32  ?  97  THR A O   1 
ATOM   661  C CB  . THR A 1 97  ? -2.298  10.778  -7.025  1.00 64.29  ?  97  THR A CB  1 
ATOM   662  O OG1 . THR A 1 97  ? -3.197  11.721  -6.428  1.00 74.24  ?  97  THR A OG1 1 
ATOM   663  C CG2 . THR A 1 97  ? -1.835  11.304  -8.376  1.00 62.12  ?  97  THR A CG2 1 
ATOM   664  N N   . ARG A 1 98  ? -1.211  7.811   -7.424  1.00 57.29  ?  98  ARG A N   1 
ATOM   665  C CA  . ARG A 1 98  ? -0.321  6.901   -8.137  1.00 48.36  ?  98  ARG A CA  1 
ATOM   666  C C   . ARG A 1 98  ? -1.109  5.692   -8.597  1.00 33.70  ?  98  ARG A C   1 
ATOM   667  O O   . ARG A 1 98  ? -0.930  5.205   -9.708  1.00 39.59  ?  98  ARG A O   1 
ATOM   668  C CB  . ARG A 1 98  ? 0.828   6.456   -7.229  1.00 59.99  ?  98  ARG A CB  1 
ATOM   669  C CG  . ARG A 1 98  ? 1.808   7.569   -6.905  1.00 71.24  ?  98  ARG A CG  1 
ATOM   670  C CD  . ARG A 1 98  ? 3.080   7.049   -6.249  1.00 66.27  ?  98  ARG A CD  1 
ATOM   671  N NE  . ARG A 1 98  ? 4.081   8.106   -6.137  1.00 55.72  ?  98  ARG A NE  1 
ATOM   672  C CZ  . ARG A 1 98  ? 4.799   8.563   -7.155  1.00 53.79  ?  98  ARG A CZ  1 
ATOM   673  N NH1 . ARG A 1 98  ? 4.636   8.052   -8.369  1.00 55.99  ?  98  ARG A NH1 1 
ATOM   674  N NH2 . ARG A 1 98  ? 5.684   9.530   -6.960  1.00 59.95  ?  98  ARG A NH2 1 
ATOM   675  N N   . TYR A 1 99  ? -1.977  5.217   -7.719  1.00 39.38  ?  99  TYR A N   1 
ATOM   676  C CA  . TYR A 1 99  ? -2.878  4.117   -8.023  1.00 52.17  ?  99  TYR A CA  1 
ATOM   677  C C   . TYR A 1 99  ? -3.678  4.441   -9.269  1.00 59.60  ?  99  TYR A C   1 
ATOM   678  O O   . TYR A 1 99  ? -3.711  3.660   -10.214 1.00 72.84  ?  99  TYR A O   1 
ATOM   679  C CB  . TYR A 1 99  ? -3.822  3.887   -6.841  1.00 50.11  ?  99  TYR A CB  1 
ATOM   680  C CG  . TYR A 1 99  ? -4.718  2.682   -6.981  1.00 49.83  ?  99  TYR A CG  1 
ATOM   681  C CD1 . TYR A 1 99  ? -4.204  1.446   -7.362  1.00 48.01  ?  99  TYR A CD1 1 
ATOM   682  C CD2 . TYR A 1 99  ? -6.077  2.773   -6.713  1.00 39.83  ?  99  TYR A CD2 1 
ATOM   683  C CE1 . TYR A 1 99  ? -5.024  0.339   -7.482  1.00 47.19  ?  99  TYR A CE1 1 
ATOM   684  C CE2 . TYR A 1 99  ? -6.905  1.674   -6.832  1.00 46.73  ?  99  TYR A CE2 1 
ATOM   685  C CZ  . TYR A 1 99  ? -6.376  0.459   -7.216  1.00 50.08  ?  99  TYR A CZ  1 
ATOM   686  O OH  . TYR A 1 99  ? -7.206  -0.632  -7.331  1.00 45.49  ?  99  TYR A OH  1 
ATOM   687  N N   . ALA A 1 100 ? -4.311  5.609   -9.265  1.00 66.56  ?  100 ALA A N   1 
ATOM   688  C CA  . ALA A 1 100 ? -5.148  6.038   -10.377 1.00 65.33  ?  100 ALA A CA  1 
ATOM   689  C C   . ALA A 1 100 ? -4.376  5.991   -11.687 1.00 49.05  ?  100 ALA A C   1 
ATOM   690  O O   . ALA A 1 100 ? -4.889  5.523   -12.701 1.00 55.90  ?  100 ALA A O   1 
ATOM   691  C CB  . ALA A 1 100 ? -5.679  7.442   -10.122 1.00 83.96  ?  100 ALA A CB  1 
ATOM   692  N N   . HIS A 1 101 ? -3.146  6.491   -11.660 1.00 43.49  ?  101 HIS A N   1 
ATOM   693  C CA  . HIS A 1 101 ? -2.280  6.471   -12.829 1.00 48.23  ?  101 HIS A CA  1 
ATOM   694  C C   . HIS A 1 101 ? -2.091  5.038   -13.324 1.00 59.63  ?  101 HIS A C   1 
ATOM   695  O O   . HIS A 1 101 ? -2.233  4.759   -14.515 1.00 56.88  ?  101 HIS A O   1 
ATOM   696  C CB  . HIS A 1 101 ? -0.911  7.068   -12.492 1.00 58.22  ?  101 HIS A CB  1 
ATOM   697  C CG  . HIS A 1 101 ? -0.837  8.557   -12.625 1.00 83.53  ?  101 HIS A CG  1 
ATOM   698  N ND1 . HIS A 1 101 ? -0.760  9.192   -13.847 1.00 104.14 ?  101 HIS A ND1 1 
ATOM   699  C CD2 . HIS A 1 101 ? -0.795  9.536   -11.690 1.00 104.25 ?  101 HIS A CD2 1 
ATOM   700  C CE1 . HIS A 1 101 ? -0.692  10.498  -13.658 1.00 111.42 ?  101 HIS A CE1 1 
ATOM   701  N NE2 . HIS A 1 101 ? -0.712  10.733  -12.358 1.00 122.38 ?  101 HIS A NE2 1 
ATOM   702  N N   . LEU A 1 102 ? -1.753  4.131   -12.407 1.00 41.53  ?  102 LEU A N   1 
ATOM   703  C CA  . LEU A 1 102 ? -1.514  2.743   -12.776 1.00 46.65  ?  102 LEU A CA  1 
ATOM   704  C C   . LEU A 1 102 ? -2.711  2.242   -13.556 1.00 38.81  ?  102 LEU A C   1 
ATOM   705  O O   . LEU A 1 102 ? -2.560  1.629   -14.617 1.00 39.22  ?  102 LEU A O   1 
ATOM   706  C CB  . LEU A 1 102 ? -1.284  1.858   -11.538 1.00 39.63  ?  102 LEU A CB  1 
ATOM   707  C CG  . LEU A 1 102 ? -0.036  2.156   -10.696 1.00 41.43  ?  102 LEU A CG  1 
ATOM   708  C CD1 . LEU A 1 102 ? 0.181   1.064   -9.661  1.00 44.73  ?  102 LEU A CD1 1 
ATOM   709  C CD2 . LEU A 1 102 ? 1.202   2.312   -11.570 1.00 41.14  ?  102 LEU A CD2 1 
ATOM   710  N N   . ASN A 1 103 ? -3.893  2.525   -13.018 1.00 38.37  ?  103 ASN A N   1 
ATOM   711  C CA  . ASN A 1 103 ? -5.167  2.132   -13.620 1.00 51.64  ?  103 ASN A CA  1 
ATOM   712  C C   . ASN A 1 103 ? -5.354  2.623   -15.048 1.00 49.90  ?  103 ASN A C   1 
ATOM   713  O O   . ASN A 1 103 ? -6.002  1.956   -15.855 1.00 54.86  ?  103 ASN A O   1 
ATOM   714  C CB  . ASN A 1 103 ? -6.330  2.634   -12.760 1.00 53.95  ?  103 ASN A CB  1 
ATOM   715  C CG  . ASN A 1 103 ? -6.746  1.635   -11.693 1.00 52.36  ?  103 ASN A CG  1 
ATOM   716  O OD1 . ASN A 1 103 ? -7.055  0.483   -11.992 1.00 45.53  ?  103 ASN A OD1 1 
ATOM   717  N ND2 . ASN A 1 103 ? -6.777  2.080   -10.443 1.00 57.91  ?  103 ASN A ND2 1 
ATOM   718  N N   . ALA A 1 104 ? -4.795  3.788   -15.354 1.00 52.62  ?  104 ALA A N   1 
ATOM   719  C CA  . ALA A 1 104 ? -4.872  4.345   -16.702 1.00 46.76  ?  104 ALA A CA  1 
ATOM   720  C C   . ALA A 1 104 ? -3.809  3.728   -17.597 1.00 40.18  ?  104 ALA A C   1 
ATOM   721  O O   . ALA A 1 104 ? -4.081  3.387   -18.747 1.00 53.94  ?  104 ALA A O   1 
ATOM   722  C CB  . ALA A 1 104 ? -4.721  5.862   -16.664 1.00 44.56  ?  104 ALA A CB  1 
ATOM   723  N N   . ASN A 1 105 ? -2.589  3.600   -17.080 1.00 36.36  ?  105 ASN A N   1 
ATOM   724  C CA  . ASN A 1 105 ? -1.510  2.969   -17.842 1.00 33.96  ?  105 ASN A CA  1 
ATOM   725  C C   . ASN A 1 105 ? -1.876  1.545   -18.276 1.00 31.36  ?  105 ASN A C   1 
ATOM   726  O O   . ASN A 1 105 ? -1.497  1.092   -19.350 1.00 33.22  ?  105 ASN A O   1 
ATOM   727  C CB  . ASN A 1 105 ? -0.231  2.900   -17.008 1.00 47.13  ?  105 ASN A CB  1 
ATOM   728  C CG  . ASN A 1 105 ? 0.161   4.238   -16.411 1.00 53.68  ?  105 ASN A CG  1 
ATOM   729  O OD1 . ASN A 1 105 ? -0.600  5.205   -16.456 1.00 54.37  ?  105 ASN A OD1 1 
ATOM   730  N ND2 . ASN A 1 105 ? 1.359   4.294   -15.836 1.00 52.22  ?  105 ASN A ND2 1 
ATOM   731  N N   . TRP A 1 106 ? -2.608  0.835   -17.428 1.00 31.26  ?  106 TRP A N   1 
ATOM   732  C CA  . TRP A 1 106 ? -2.940  -0.561  -17.717 1.00 39.79  ?  106 TRP A CA  1 
ATOM   733  C C   . TRP A 1 106 ? -3.829  -0.671  -18.950 1.00 34.71  ?  106 TRP A C   1 
ATOM   734  O O   . TRP A 1 106 ? -3.657  -1.569  -19.770 1.00 32.92  ?  106 TRP A O   1 
ATOM   735  C CB  . TRP A 1 106 ? -3.615  -1.205  -16.513 1.00 28.05  ?  106 TRP A CB  1 
ATOM   736  C CG  . TRP A 1 106 ? -4.319  -2.480  -16.813 1.00 30.14  ?  106 TRP A CG  1 
ATOM   737  C CD1 . TRP A 1 106 ? -5.629  -2.769  -16.543 1.00 31.79  ?  106 TRP A CD1 1 
ATOM   738  C CD2 . TRP A 1 106 ? -3.775  -3.643  -17.448 1.00 26.23  ?  106 TRP A CD2 1 
ATOM   739  N NE1 . TRP A 1 106 ? -5.930  -4.033  -16.972 1.00 25.87  ?  106 TRP A NE1 1 
ATOM   740  C CE2 . TRP A 1 106 ? -4.809  -4.595  -17.527 1.00 29.23  ?  106 TRP A CE2 1 
ATOM   741  C CE3 . TRP A 1 106 ? -2.510  -3.975  -17.951 1.00 25.90  ?  106 TRP A CE3 1 
ATOM   742  C CZ2 . TRP A 1 106 ? -4.619  -5.869  -18.091 1.00 27.68  ?  106 TRP A CZ2 1 
ATOM   743  C CZ3 . TRP A 1 106 ? -2.320  -5.234  -18.503 1.00 25.89  ?  106 TRP A CZ3 1 
ATOM   744  C CH2 . TRP A 1 106 ? -3.373  -6.169  -18.562 1.00 27.67  ?  106 TRP A CH2 1 
ATOM   745  N N   . LEU A 1 107 ? -4.766  0.256   -19.092 1.00 36.53  ?  107 LEU A N   1 
ATOM   746  C CA  . LEU A 1 107 ? -5.673  0.230   -20.234 1.00 30.50  ?  107 LEU A CA  1 
ATOM   747  C C   . LEU A 1 107 ? -4.895  0.276   -21.547 1.00 32.79  ?  107 LEU A C   1 
ATOM   748  O O   . LEU A 1 107 ? -5.182  -0.477  -22.463 1.00 31.15  ?  107 LEU A O   1 
ATOM   749  C CB  . LEU A 1 107 ? -6.670  1.380   -20.140 1.00 35.56  ?  107 LEU A CB  1 
ATOM   750  C CG  . LEU A 1 107 ? -7.549  1.333   -18.890 1.00 31.67  ?  107 LEU A CG  1 
ATOM   751  C CD1 . LEU A 1 107 ? -8.610  2.418   -18.937 1.00 37.44  ?  107 LEU A CD1 1 
ATOM   752  C CD2 . LEU A 1 107 ? -8.196  -0.036  -18.727 1.00 34.26  ?  107 LEU A CD2 1 
ATOM   753  N N   . GLU A 1 108 ? -3.881  1.129   -21.629 1.00 34.65  ?  108 GLU A N   1 
ATOM   754  C CA  . GLU A 1 108 ? -3.059  1.188   -22.834 1.00 30.63  ?  108 GLU A CA  1 
ATOM   755  C C   . GLU A 1 108 ? -2.285  -0.100  -23.023 1.00 36.52  ?  108 GLU A C   1 
ATOM   756  O O   . GLU A 1 108 ? -2.334  -0.719  -24.092 1.00 48.36  ?  108 GLU A O   1 
ATOM   757  C CB  . GLU A 1 108 ? -2.080  2.368   -22.771 1.00 37.97  ?  108 GLU A CB  1 
ATOM   758  C CG  . GLU A 1 108 ? -1.391  2.638   -24.097 1.00 39.75  ?  108 GLU A CG  1 
ATOM   759  C CD  . GLU A 1 108 ? -2.384  3.006   -25.185 0.50 43.51  ?  108 GLU A CD  1 
ATOM   760  O OE1 . GLU A 1 108 ? -3.242  3.874   -24.922 0.50 44.27  ?  108 GLU A OE1 1 
ATOM   761  O OE2 . GLU A 1 108 ? -2.313  2.429   -26.292 0.50 41.51  -1 108 GLU A OE2 1 
ATOM   762  N N   . MET A 1 109 ? -1.562  -0.499  -21.979 1.00 32.79  ?  109 MET A N   1 
ATOM   763  C CA  . MET A 1 109 ? -0.757  -1.718  -22.014 1.00 37.24  ?  109 MET A CA  1 
ATOM   764  C C   . MET A 1 109 ? -1.604  -2.922  -22.456 1.00 28.90  ?  109 MET A C   1 
ATOM   765  O O   . MET A 1 109 ? -1.184  -3.718  -23.302 1.00 33.42  ?  109 MET A O   1 
ATOM   766  C CB  . MET A 1 109 ? -0.111  -1.931  -20.630 1.00 39.62  ?  109 MET A CB  1 
ATOM   767  C CG  . MET A 1 109 ? 0.537   -3.289  -20.374 1.00 39.02  ?  109 MET A CG  1 
ATOM   768  S SD  . MET A 1 109 ? 1.866   -3.707  -21.504 1.00 40.11  ?  109 MET A SD  1 
ATOM   769  C CE  . MET A 1 109 ? 3.240   -2.735  -20.873 1.00 31.37  ?  109 MET A CE  1 
ATOM   770  N N   . ASN A 1 110 ? -2.808  -3.043  -21.921 1.00 30.32  ?  110 ASN A N   1 
ATOM   771  C CA  . ASN A 1 110 ? -3.653  -4.201  -22.232 1.00 34.05  ?  110 ASN A CA  1 
ATOM   772  C C   . ASN A 1 110 ? -4.093  -4.217  -23.692 1.00 37.70  ?  110 ASN A C   1 
ATOM   773  O O   . ASN A 1 110 ? -4.095  -5.264  -24.350 1.00 29.72  ?  110 ASN A O   1 
ATOM   774  C CB  . ASN A 1 110 ? -4.893  -4.214  -21.343 1.00 34.86  ?  110 ASN A CB  1 
ATOM   775  C CG  . ASN A 1 110 ? -5.548  -5.582  -21.290 1.00 37.69  ?  110 ASN A CG  1 
ATOM   776  O OD1 . ASN A 1 110 ? -4.883  -6.599  -21.447 1.00 48.68  ?  110 ASN A OD1 1 
ATOM   777  N ND2 . ASN A 1 110 ? -6.846  -5.610  -21.044 1.00 29.47  ?  110 ASN A ND2 1 
ATOM   778  N N   . ASN A 1 111 ? -4.483  -3.038  -24.171 1.00 30.68  ?  111 ASN A N   1 
ATOM   779  C CA  . ASN A 1 111 ? -4.872  -2.820  -25.558 1.00 34.00  ?  111 ASN A CA  1 
ATOM   780  C C   . ASN A 1 111 ? -3.719  -3.162  -26.489 1.00 33.34  ?  111 ASN A C   1 
ATOM   781  O O   . ASN A 1 111 ? -3.895  -3.894  -27.459 1.00 53.11  ?  111 ASN A O   1 
ATOM   782  C CB  . ASN A 1 111 ? -5.313  -1.351  -25.732 1.00 38.66  ?  111 ASN A CB  1 
ATOM   783  C CG  . ASN A 1 111 ? -5.759  -1.018  -27.150 1.00 61.15  ?  111 ASN A CG  1 
ATOM   784  O OD1 . ASN A 1 111 ? -5.786  0.157   -27.542 1.00 59.01  ?  111 ASN A OD1 1 
ATOM   785  N ND2 . ASN A 1 111 ? -6.117  -2.041  -27.922 1.00 57.56  ?  111 ASN A ND2 1 
ATOM   786  N N   . ARG A 1 112 ? -2.529  -2.653  -26.172 1.00 36.62  ?  112 ARG A N   1 
ATOM   787  C CA  . ARG A 1 112 ? -1.313  -3.015  -26.892 1.00 34.73  ?  112 ARG A CA  1 
ATOM   788  C C   . ARG A 1 112 ? -1.076  -4.523  -26.882 1.00 44.08  ?  112 ARG A C   1 
ATOM   789  O O   . ARG A 1 112 ? -0.750  -5.124  -27.907 1.00 52.76  ?  112 ARG A O   1 
ATOM   790  C CB  . ARG A 1 112 ? -0.112  -2.322  -26.250 1.00 51.22  ?  112 ARG A CB  1 
ATOM   791  C CG  . ARG A 1 112 ? -0.142  -0.804  -26.346 1.00 49.99  ?  112 ARG A CG  1 
ATOM   792  C CD  . ARG A 1 112 ? 0.279   -0.340  -27.730 1.00 49.57  ?  112 ARG A CD  1 
ATOM   793  N NE  . ARG A 1 112 ? 0.335   1.118   -27.829 1.00 53.30  ?  112 ARG A NE  1 
ATOM   794  C CZ  . ARG A 1 112 ? 0.721   1.770   -28.922 1.00 50.21  ?  112 ARG A CZ  1 
ATOM   795  N NH1 . ARG A 1 112 ? 1.081   1.093   -30.007 1.00 47.90  ?  112 ARG A NH1 1 
ATOM   796  N NH2 . ARG A 1 112 ? 0.741   3.096   -28.932 1.00 45.59  ?  112 ARG A NH2 1 
ATOM   797  N N   . LEU A 1 113 ? -1.217  -5.139  -25.716 1.00 39.01  ?  113 LEU A N   1 
ATOM   798  C CA  . LEU A 1 113 ? -1.042  -6.585  -25.623 1.00 38.74  ?  113 LEU A CA  1 
ATOM   799  C C   . LEU A 1 113 ? -2.066  -7.343  -26.470 1.00 40.99  ?  113 LEU A C   1 
ATOM   800  O O   . LEU A 1 113 ? -1.749  -8.413  -27.000 1.00 49.31  ?  113 LEU A O   1 
ATOM   801  C CB  . LEU A 1 113 ? -1.129  -7.056  -24.176 1.00 33.72  ?  113 LEU A CB  1 
ATOM   802  C CG  . LEU A 1 113 ? -0.014  -6.584  -23.235 1.00 31.48  ?  113 LEU A CG  1 
ATOM   803  C CD1 . LEU A 1 113 ? -0.413  -6.851  -21.796 1.00 25.19  ?  113 LEU A CD1 1 
ATOM   804  C CD2 . LEU A 1 113 ? 1.309   -7.270  -23.563 1.00 33.36  ?  113 LEU A CD2 1 
ATOM   805  N N   . SER A 1 114 ? -3.283  -6.814  -26.607 1.00 30.08  ?  114 SER A N   1 
ATOM   806  C CA  . SER A 1 114 ? -4.292  -7.508  -27.421 1.00 34.57  ?  114 SER A CA  1 
ATOM   807  C C   . SER A 1 114 ? -3.941  -7.426  -28.912 1.00 37.82  ?  114 SER A C   1 
ATOM   808  O O   . SER A 1 114 ? -4.205  -8.360  -29.665 1.00 41.82  ?  114 SER A O   1 
ATOM   809  C CB  . SER A 1 114 ? -5.714  -6.987  -27.160 1.00 33.09  ?  114 SER A CB  1 
ATOM   810  O OG  . SER A 1 114 ? -5.875  -5.629  -27.541 1.00 37.85  ?  114 SER A OG  1 
ATOM   811  N N   . LYS A 1 115 ? -3.327  -6.320  -29.321 1.00 42.85  ?  115 LYS A N   1 
ATOM   812  C CA  . LYS A 1 115 ? -2.908  -6.126  -30.709 1.00 43.22  ?  115 LYS A CA  1 
ATOM   813  C C   . LYS A 1 115 ? -1.524  -6.709  -30.989 1.00 48.49  ?  115 LYS A C   1 
ATOM   814  O O   . LYS A 1 115 ? -0.939  -6.443  -32.032 1.00 64.87  ?  115 LYS A O   1 
ATOM   815  C CB  . LYS A 1 115 ? -2.919  -4.636  -31.071 1.00 47.11  ?  115 LYS A CB  1 
ATOM   816  C CG  . LYS A 1 115 ? -4.313  -4.057  -31.278 1.00 52.92  ?  115 LYS A CG  1 
ATOM   817  N N   . GLY A 1 116 ? -1.002  -7.491  -30.047 1.00 51.46  ?  116 GLY A N   1 
ATOM   818  C CA  . GLY A 1 116 ? 0.263   -8.206  -30.232 1.00 43.71  ?  116 GLY A CA  1 
ATOM   819  C C   . GLY A 1 116 ? 1.495   -7.324  -30.360 1.00 45.05  ?  116 GLY A C   1 
ATOM   820  O O   . GLY A 1 116 ? 2.537   -7.787  -30.817 1.00 48.09  ?  116 GLY A O   1 
ATOM   821  N N   . ASP A 1 117 ? 1.385   -6.071  -29.921 1.00 45.14  ?  117 ASP A N   1 
ATOM   822  C CA  . ASP A 1 117 ? 2.399   -5.045  -30.190 1.00 44.19  ?  117 ASP A CA  1 
ATOM   823  C C   . ASP A 1 117 ? 3.648   -5.141  -29.289 1.00 53.39  ?  117 ASP A C   1 
ATOM   824  O O   . ASP A 1 117 ? 3.790   -4.402  -28.311 1.00 51.99  ?  117 ASP A O   1 
ATOM   825  C CB  . ASP A 1 117 ? 1.769   -3.659  -30.050 1.00 40.80  ?  117 ASP A CB  1 
ATOM   826  C CG  . ASP A 1 117 ? 2.558   -2.581  -30.774 1.00 47.64  ?  117 ASP A CG  1 
ATOM   827  O OD1 . ASP A 1 117 ? 3.596   -2.911  -31.380 1.00 59.12  ?  117 ASP A OD1 1 
ATOM   828  O OD2 . ASP A 1 117 ? 2.140   -1.401  -30.738 1.00 59.24  -1 117 ASP A OD2 1 
ATOM   829  N N   . LEU A 1 118 ? 4.561   -6.039  -29.639 1.00 42.14  ?  118 LEU A N   1 
ATOM   830  C CA  . LEU A 1 118 ? 5.777   -6.235  -28.859 1.00 51.56  ?  118 LEU A CA  1 
ATOM   831  C C   . LEU A 1 118 ? 6.715   -5.021  -28.910 1.00 64.33  ?  118 LEU A C   1 
ATOM   832  O O   . LEU A 1 118 ? 7.280   -4.632  -27.887 1.00 77.87  ?  118 LEU A O   1 
ATOM   833  C CB  . LEU A 1 118 ? 6.504   -7.494  -29.337 1.00 49.50  ?  118 LEU A CB  1 
ATOM   834  C CG  . LEU A 1 118 ? 7.822   -7.856  -28.648 1.00 40.59  ?  118 LEU A CG  1 
ATOM   835  C CD1 . LEU A 1 118 ? 7.664   -7.900  -27.140 1.00 45.02  ?  118 LEU A CD1 1 
ATOM   836  C CD2 . LEU A 1 118 ? 8.324   -9.189  -29.169 1.00 42.34  ?  118 LEU A CD2 1 
ATOM   837  N N   . PRO A 1 119 ? 6.888   -4.417  -30.097 1.00 76.05  ?  119 PRO A N   1 
ATOM   838  C CA  . PRO A 1 119 ? 7.775   -3.256  -30.227 1.00 68.78  ?  119 PRO A CA  1 
ATOM   839  C C   . PRO A 1 119 ? 7.439   -2.093  -29.299 1.00 54.02  ?  119 PRO A C   1 
ATOM   840  O O   . PRO A 1 119 ? 8.340   -1.426  -28.797 1.00 79.18  ?  119 PRO A O   1 
ATOM   841  C CB  . PRO A 1 119 ? 7.594   -2.850  -31.690 1.00 61.86  ?  119 PRO A CB  1 
ATOM   842  C CG  . PRO A 1 119 ? 7.301   -4.140  -32.378 1.00 74.95  ?  119 PRO A CG  1 
ATOM   843  C CD  . PRO A 1 119 ? 6.458   -4.926  -31.412 1.00 71.66  ?  119 PRO A CD  1 
ATOM   844  N N   . TRP A 1 120 ? 6.154   -1.842  -29.082 1.00 56.31  ?  120 TRP A N   1 
ATOM   845  C CA  . TRP A 1 120 ? 5.728   -0.783  -28.171 1.00 41.82  ?  120 TRP A CA  1 
ATOM   846  C C   . TRP A 1 120 ? 5.950   -1.226  -26.730 1.00 58.29  ?  120 TRP A C   1 
ATOM   847  O O   . TRP A 1 120 ? 6.234   -0.413  -25.839 1.00 51.82  ?  120 TRP A O   1 
ATOM   848  C CB  . TRP A 1 120 ? 4.246   -0.463  -28.380 1.00 41.79  ?  120 TRP A CB  1 
ATOM   849  C CG  . TRP A 1 120 ? 3.710   0.532   -27.388 1.00 39.94  ?  120 TRP A CG  1 
ATOM   850  C CD1 . TRP A 1 120 ? 3.510   1.860   -27.593 1.00 45.31  ?  120 TRP A CD1 1 
ATOM   851  C CD2 . TRP A 1 120 ? 3.311   0.271   -26.034 1.00 41.40  ?  120 TRP A CD2 1 
ATOM   852  N NE1 . TRP A 1 120 ? 3.013   2.448   -26.450 1.00 47.48  ?  120 TRP A NE1 1 
ATOM   853  C CE2 . TRP A 1 120 ? 2.883   1.492   -25.481 1.00 38.09  ?  120 TRP A CE2 1 
ATOM   854  C CE3 . TRP A 1 120 ? 3.277   -0.876  -25.236 1.00 47.08  ?  120 TRP A CE3 1 
ATOM   855  C CZ2 . TRP A 1 120 ? 2.434   1.599   -24.169 1.00 42.15  ?  120 TRP A CZ2 1 
ATOM   856  C CZ3 . TRP A 1 120 ? 2.829   -0.762  -23.931 1.00 36.85  ?  120 TRP A CZ3 1 
ATOM   857  C CH2 . TRP A 1 120 ? 2.410   0.460   -23.415 1.00 37.53  ?  120 TRP A CH2 1 
ATOM   858  N N   . TYR A 1 121 ? 5.796   -2.526  -26.504 1.00 54.40  ?  121 TYR A N   1 
ATOM   859  C CA  . TYR A 1 121 ? 6.018   -3.092  -25.195 1.00 48.84  ?  121 TYR A CA  1 
ATOM   860  C C   . TYR A 1 121 ? 7.490   -2.936  -24.839 1.00 35.97  ?  121 TYR A C   1 
ATOM   861  O O   . TYR A 1 121 ? 7.824   -2.396  -23.798 1.00 34.44  ?  121 TYR A O   1 
ATOM   862  C CB  . TYR A 1 121 ? 5.615   -4.567  -25.173 1.00 44.59  ?  121 TYR A CB  1 
ATOM   863  C CG  . TYR A 1 121 ? 5.824   -5.227  -23.830 1.00 44.83  ?  121 TYR A CG  1 
ATOM   864  C CD1 . TYR A 1 121 ? 7.074   -5.701  -23.458 1.00 52.04  ?  121 TYR A CD1 1 
ATOM   865  C CD2 . TYR A 1 121 ? 4.773   -5.365  -22.927 1.00 40.76  ?  121 TYR A CD2 1 
ATOM   866  C CE1 . TYR A 1 121 ? 7.274   -6.307  -22.229 1.00 57.84  ?  121 TYR A CE1 1 
ATOM   867  C CE2 . TYR A 1 121 ? 4.961   -5.960  -21.694 1.00 43.25  ?  121 TYR A CE2 1 
ATOM   868  C CZ  . TYR A 1 121 ? 6.215   -6.431  -21.352 1.00 49.17  ?  121 TYR A CZ  1 
ATOM   869  O OH  . TYR A 1 121 ? 6.420   -7.027  -20.133 1.00 35.97  ?  121 TYR A OH  1 
ATOM   870  N N   . GLN A 1 122 ? 8.363   -3.419  -25.711 1.00 40.95  ?  122 GLN A N   1 
ATOM   871  C CA  . GLN A 1 122 ? 9.800   -3.341  -25.481 1.00 48.53  ?  122 GLN A CA  1 
ATOM   872  C C   . GLN A 1 122 ? 10.237  -1.923  -25.146 1.00 51.81  ?  122 GLN A C   1 
ATOM   873  O O   . GLN A 1 122 ? 11.117  -1.718  -24.304 1.00 44.47  ?  122 GLN A O   1 
ATOM   874  C CB  . GLN A 1 122 ? 10.560  -3.845  -26.708 1.00 60.16  ?  122 GLN A CB  1 
ATOM   875  C CG  . GLN A 1 122 ? 10.565  -5.362  -26.842 1.00 63.89  ?  122 GLN A CG  1 
ATOM   876  C CD  . GLN A 1 122 ? 11.217  -5.846  -28.125 1.00 72.85  ?  122 GLN A CD  1 
ATOM   877  O OE1 . GLN A 1 122 ? 11.723  -6.968  -28.189 1.00 76.93  ?  122 GLN A OE1 1 
ATOM   878  N NE2 . GLN A 1 122 ? 11.201  -5.008  -29.155 1.00 81.62  ?  122 GLN A NE2 1 
ATOM   879  N N   . ALA A 1 123 ? 9.600   -0.949  -25.791 1.00 45.63  ?  123 ALA A N   1 
ATOM   880  C CA  . ALA A 1 123 ? 10.006  0.444   -25.682 1.00 42.69  ?  123 ALA A CA  1 
ATOM   881  C C   . ALA A 1 123 ? 9.480   1.109   -24.422 1.00 42.99  ?  123 ALA A C   1 
ATOM   882  O O   . ALA A 1 123 ? 10.036  2.114   -23.969 1.00 41.37  ?  123 ALA A O   1 
ATOM   883  C CB  . ALA A 1 123 ? 9.546   1.219   -26.911 1.00 54.29  ?  123 ALA A CB  1 
ATOM   884  N N   . ASN A 1 124 ? 8.417   0.556   -23.844 1.00 39.30  ?  124 ASN A N   1 
ATOM   885  C CA  . ASN A 1 124 ? 7.744   1.215   -22.726 1.00 34.56  ?  124 ASN A CA  1 
ATOM   886  C C   . ASN A 1 124 ? 7.769   0.473   -21.402 1.00 29.85  ?  124 ASN A C   1 
ATOM   887  O O   . ASN A 1 124 ? 7.439   1.047   -20.357 1.00 32.73  ?  124 ASN A O   1 
ATOM   888  C CB  . ASN A 1 124 ? 6.295   1.504   -23.101 1.00 46.33  ?  124 ASN A CB  1 
ATOM   889  C CG  . ASN A 1 124 ? 6.166   2.672   -24.055 1.00 43.85  ?  124 ASN A CG  1 
ATOM   890  O OD1 . ASN A 1 124 ? 5.908   3.796   -23.635 1.00 48.29  ?  124 ASN A OD1 1 
ATOM   891  N ND2 . ASN A 1 124 ? 6.360   2.414   -25.343 1.00 46.34  ?  124 ASN A ND2 1 
ATOM   892  N N   . ILE A 1 125 ? 8.156   -0.793  -21.423 1.00 34.46  ?  125 ILE A N   1 
ATOM   893  C CA  . ILE A 1 125 ? 8.001   -1.622  -20.230 1.00 36.82  ?  125 ILE A CA  1 
ATOM   894  C C   . ILE A 1 125 ? 8.775   -1.089  -19.018 1.00 34.97  ?  125 ILE A C   1 
ATOM   895  O O   . ILE A 1 125 ? 8.270   -1.110  -17.892 1.00 30.88  ?  125 ILE A O   1 
ATOM   896  C CB  . ILE A 1 125 ? 8.377   -3.085  -20.497 1.00 36.65  ?  125 ILE A CB  1 
ATOM   897  C CG1 . ILE A 1 125 ? 8.030   -3.937  -19.272 1.00 40.55  ?  125 ILE A CG1 1 
ATOM   898  C CG2 . ILE A 1 125 ? 9.843   -3.205  -20.878 1.00 39.14  ?  125 ILE A CG2 1 
ATOM   899  C CD1 . ILE A 1 125 ? 6.627   -3.692  -18.745 1.00 38.45  ?  125 ILE A CD1 1 
ATOM   900  N N   . ASN A 1 126 ? 9.973   -0.566  -19.247 1.00 34.07  ?  126 ASN A N   1 
ATOM   901  C CA  . ASN A 1 126 ? 10.786  -0.059  -18.145 1.00 31.35  ?  126 ASN A CA  1 
ATOM   902  C C   . ASN A 1 126 ? 10.080  1.065   -17.411 1.00 31.77  ?  126 ASN A C   1 
ATOM   903  O O   . ASN A 1 126 ? 9.875   1.007   -16.188 1.00 34.10  ?  126 ASN A O   1 
ATOM   904  C CB  . ASN A 1 126 ? 12.150  0.409   -18.656 1.00 42.70  ?  126 ASN A CB  1 
ATOM   905  C CG  . ASN A 1 126 ? 13.115  0.719   -17.534 1.00 42.88  ?  126 ASN A CG  1 
ATOM   906  O OD1 . ASN A 1 126 ? 13.456  -0.152  -16.734 1.00 53.82  ?  126 ASN A OD1 1 
ATOM   907  N ND2 . ASN A 1 126 ? 13.558  1.965   -17.464 1.00 49.58  ?  126 ASN A ND2 1 
ATOM   908  N N   . ASN A 1 127 ? 9.682   2.087   -18.159 1.00 35.63  ?  127 ASN A N   1 
ATOM   909  C CA  . ASN A 1 127 ? 8.920   3.191   -17.589 1.00 31.24  ?  127 ASN A CA  1 
ATOM   910  C C   . ASN A 1 127 ? 7.647   2.714   -16.903 1.00 28.34  ?  127 ASN A C   1 
ATOM   911  O O   . ASN A 1 127 ? 7.354   3.083   -15.760 1.00 41.91  ?  127 ASN A O   1 
ATOM   912  C CB  . ASN A 1 127 ? 8.578   4.204   -18.686 1.00 46.11  ?  127 ASN A CB  1 
ATOM   913  C CG  . ASN A 1 127 ? 7.689   5.325   -18.183 1.00 59.66  ?  127 ASN A CG  1 
ATOM   914  O OD1 . ASN A 1 127 ? 6.619   5.583   -18.741 1.00 54.88  ?  127 ASN A OD1 1 
ATOM   915  N ND2 . ASN A 1 127 ? 8.116   5.984   -17.104 1.00 63.34  ?  127 ASN A ND2 1 
ATOM   916  N N   . TYR A 1 128 ? 6.877   1.896   -17.611 1.00 34.80  ?  128 TYR A N   1 
ATOM   917  C CA  . TYR A 1 128 ? 5.656   1.303   -17.061 1.00 26.69  ?  128 TYR A CA  1 
ATOM   918  C C   . TYR A 1 128 ? 5.924   0.654   -15.701 1.00 27.44  ?  128 TYR A C   1 
ATOM   919  O O   . TYR A 1 128 ? 5.219   0.914   -14.727 1.00 29.70  ?  128 TYR A O   1 
ATOM   920  C CB  . TYR A 1 128 ? 5.104   0.275   -18.056 1.00 27.75  ?  128 TYR A CB  1 
ATOM   921  C CG  . TYR A 1 128 ? 3.756   -0.347  -17.709 1.00 32.00  ?  128 TYR A CG  1 
ATOM   922  C CD1 . TYR A 1 128 ? 2.567   0.234   -18.138 1.00 32.62  ?  128 TYR A CD1 1 
ATOM   923  C CD2 . TYR A 1 128 ? 3.681   -1.541  -17.003 1.00 33.84  ?  128 TYR A CD2 1 
ATOM   924  C CE1 . TYR A 1 128 ? 1.341   -0.338  -17.840 1.00 32.08  ?  128 TYR A CE1 1 
ATOM   925  C CE2 . TYR A 1 128 ? 2.464   -2.126  -16.705 1.00 28.21  ?  128 TYR A CE2 1 
ATOM   926  C CZ  . TYR A 1 128 ? 1.295   -1.523  -17.125 1.00 32.92  ?  128 TYR A CZ  1 
ATOM   927  O OH  . TYR A 1 128 ? 0.078   -2.104  -16.835 1.00 36.43  ?  128 TYR A OH  1 
ATOM   928  N N   . VAL A 1 129 ? 6.955   -0.179  -15.610 1.00 27.97  ?  129 VAL A N   1 
ATOM   929  C CA  . VAL A 1 129 ? 7.219   -0.852  -14.336 1.00 29.18  ?  129 VAL A CA  1 
ATOM   930  C C   . VAL A 1 129 ? 7.798   0.090   -13.280 1.00 31.59  ?  129 VAL A C   1 
ATOM   931  O O   . VAL A 1 129 ? 7.543   -0.081  -12.072 1.00 27.93  ?  129 VAL A O   1 
ATOM   932  C CB  . VAL A 1 129 ? 8.134   -2.080  -14.502 1.00 31.17  ?  129 VAL A CB  1 
ATOM   933  C CG1 . VAL A 1 129 ? 8.452   -2.668  -13.139 1.00 36.44  ?  129 VAL A CG1 1 
ATOM   934  C CG2 . VAL A 1 129 ? 7.450   -3.132  -15.369 1.00 31.50  ?  129 VAL A CG2 1 
ATOM   935  N N   . ASN A 1 130 ? 8.574   1.082   -13.725 1.00 33.93  ?  130 ASN A N   1 
ATOM   936  C CA  . ASN A 1 130 ? 9.070   2.125   -12.826 1.00 29.03  ?  130 ASN A CA  1 
ATOM   937  C C   . ASN A 1 130 ? 7.934   2.817   -12.064 1.00 35.42  ?  130 ASN A C   1 
ATOM   938  O O   . ASN A 1 130 ? 8.051   3.098   -10.863 1.00 33.73  ?  130 ASN A O   1 
ATOM   939  C CB  . ASN A 1 130 ? 9.881   3.158   -13.603 1.00 35.43  ?  130 ASN A CB  1 
ATOM   940  C CG  . ASN A 1 130 ? 11.306  2.705   -13.871 1.00 41.05  ?  130 ASN A CG  1 
ATOM   941  O OD1 . ASN A 1 130 ? 11.716  1.605   -13.486 1.00 40.46  ?  130 ASN A OD1 1 
ATOM   942  N ND2 . ASN A 1 130 ? 12.074  3.557   -14.542 1.00 41.49  ?  130 ASN A ND2 1 
ATOM   943  N N   . GLN A 1 131 ? 6.827   3.071   -12.756 1.00 37.43  ?  131 GLN A N   1 
ATOM   944  C CA  . GLN A 1 131 ? 5.648   3.662   -12.117 1.00 36.08  ?  131 GLN A CA  1 
ATOM   945  C C   . GLN A 1 131 ? 5.060   2.751   -11.054 1.00 38.06  ?  131 GLN A C   1 
ATOM   946  O O   . GLN A 1 131 ? 4.724   3.200   -9.958  1.00 43.93  ?  131 GLN A O   1 
ATOM   947  C CB  . GLN A 1 131 ? 4.569   3.978   -13.155 1.00 40.63  ?  131 GLN A CB  1 
ATOM   948  C CG  . GLN A 1 131 ? 5.047   4.883   -14.275 1.00 57.93  ?  131 GLN A CG  1 
ATOM   949  C CD  . GLN A 1 131 ? 5.774   6.100   -13.754 1.00 58.34  ?  131 GLN A CD  1 
ATOM   950  O OE1 . GLN A 1 131 ? 6.842   6.462   -14.255 1.00 62.40  ?  131 GLN A OE1 1 
ATOM   951  N NE2 . GLN A 1 131 ? 5.203   6.737   -12.734 1.00 72.48  ?  131 GLN A NE2 1 
ATOM   952  N N   . ILE A 1 132 ? 4.906   1.468   -11.368 1.00 40.84  ?  132 ILE A N   1 
ATOM   953  C CA  . ILE A 1 132 ? 4.416   0.533   -10.355 1.00 33.59  ?  132 ILE A CA  1 
ATOM   954  C C   . ILE A 1 132 ? 5.391   0.611   -9.186  1.00 29.07  ?  132 ILE A C   1 
ATOM   955  O O   . ILE A 1 132 ? 4.993   0.654   -8.030  1.00 37.84  ?  132 ILE A O   1 
ATOM   956  C CB  . ILE A 1 132 ? 4.302   -0.918  -10.893 1.00 32.56  ?  132 ILE A CB  1 
ATOM   957  C CG1 . ILE A 1 132 ? 3.335   -0.982  -12.081 1.00 34.40  ?  132 ILE A CG1 1 
ATOM   958  C CG2 . ILE A 1 132 ? 3.798   -1.867  -9.814  1.00 28.95  ?  132 ILE A CG2 1 
ATOM   959  C CD1 . ILE A 1 132 ? 3.527   -2.202  -12.958 1.00 38.15  ?  132 ILE A CD1 1 
ATOM   960  N N   . ASP A 1 133 ? 6.681   0.636   -9.494  1.00 31.82  ?  133 ASP A N   1 
ATOM   961  C CA  . ASP A 1 133 ? 7.709   0.675   -8.448  1.00 33.33  ?  133 ASP A CA  1 
ATOM   962  C C   . ASP A 1 133 ? 7.480   1.843   -7.474  1.00 37.86  ?  133 ASP A C   1 
ATOM   963  O O   . ASP A 1 133 ? 7.454   1.661   -6.251  1.00 34.91  ?  133 ASP A O   1 
ATOM   964  C CB  . ASP A 1 133 ? 9.097   0.782   -9.084  1.00 36.86  ?  133 ASP A CB  1 
ATOM   965  C CG  . ASP A 1 133 ? 10.177  0.169   -8.221  1.00 55.72  ?  133 ASP A CG  1 
ATOM   966  O OD1 . ASP A 1 133 ? 9.869   -0.795  -7.485  1.00 60.79  ?  133 ASP A OD1 1 
ATOM   967  O OD2 . ASP A 1 133 ? 11.332  0.648   -8.278  1.00 72.36  -1 133 ASP A OD2 1 
ATOM   968  N N   . LEU A 1 134 ? 7.308   3.042   -8.025  1.00 34.73  ?  134 LEU A N   1 
ATOM   969  C CA  . LEU A 1 134 ? 7.007   4.214   -7.221  1.00 37.77  ?  134 LEU A CA  1 
ATOM   970  C C   . LEU A 1 134 ? 5.786   3.999   -6.329  1.00 46.69  ?  134 LEU A C   1 
ATOM   971  O O   . LEU A 1 134 ? 5.844   4.264   -5.118  1.00 40.37  ?  134 LEU A O   1 
ATOM   972  C CB  . LEU A 1 134 ? 6.812   5.421   -8.126  1.00 42.57  ?  134 LEU A CB  1 
ATOM   973  C CG  . LEU A 1 134 ? 8.132   5.970   -8.682  1.00 38.48  ?  134 LEU A CG  1 
ATOM   974  C CD1 . LEU A 1 134 ? 7.928   6.739   -9.982  1.00 45.44  ?  134 LEU A CD1 1 
ATOM   975  C CD2 . LEU A 1 134 ? 8.800   6.846   -7.637  1.00 47.85  ?  134 LEU A CD2 1 
ATOM   976  N N   . PHE A 1 135 ? 4.692   3.511   -6.920  1.00 45.32  ?  135 PHE A N   1 
ATOM   977  C CA  . PHE A 1 135 ? 3.480   3.182   -6.161  1.00 32.52  ?  135 PHE A CA  1 
ATOM   978  C C   . PHE A 1 135 ? 3.829   2.292   -4.980  1.00 41.98  ?  135 PHE A C   1 
ATOM   979  O O   . PHE A 1 135 ? 3.493   2.608   -3.836  1.00 47.51  ?  135 PHE A O   1 
ATOM   980  C CB  . PHE A 1 135 ? 2.469   2.473   -7.064  1.00 35.52  ?  135 PHE A CB  1 
ATOM   981  C CG  . PHE A 1 135 ? 1.175   2.102   -6.384  1.00 35.65  ?  135 PHE A CG  1 
ATOM   982  C CD1 . PHE A 1 135 ? 0.326   3.080   -5.882  1.00 40.73  ?  135 PHE A CD1 1 
ATOM   983  C CD2 . PHE A 1 135 ? 0.774   0.780   -6.308  1.00 35.68  ?  135 PHE A CD2 1 
ATOM   984  C CE1 . PHE A 1 135 ? -0.875  2.744   -5.277  1.00 33.25  ?  135 PHE A CE1 1 
ATOM   985  C CE2 . PHE A 1 135 ? -0.430  0.433   -5.709  1.00 47.97  ?  135 PHE A CE2 1 
ATOM   986  C CZ  . PHE A 1 135 ? -1.256  1.417   -5.190  1.00 39.44  ?  135 PHE A CZ  1 
ATOM   987  N N   . VAL A 1 136 ? 4.512   1.183   -5.245  1.00 36.87  ?  136 VAL A N   1 
ATOM   988  C CA  . VAL A 1 136 ? 4.831   0.240   -4.168  1.00 41.46  ?  136 VAL A CA  1 
ATOM   989  C C   . VAL A 1 136 ? 5.665   0.919   -3.089  1.00 36.57  ?  136 VAL A C   1 
ATOM   990  O O   . VAL A 1 136 ? 5.490   0.655   -1.903  1.00 31.69  ?  136 VAL A O   1 
ATOM   991  C CB  . VAL A 1 136 ? 5.589   -1.003  -4.673  1.00 40.68  ?  136 VAL A CB  1 
ATOM   992  C CG1 . VAL A 1 136 ? 5.923   -1.918  -3.509  1.00 39.79  ?  136 VAL A CG1 1 
ATOM   993  C CG2 . VAL A 1 136 ? 4.767   -1.754  -5.716  1.00 42.62  ?  136 VAL A CG2 1 
ATOM   994  N N   . LEU A 1 137 ? 6.570   1.793   -3.510  1.00 40.03  ?  137 LEU A N   1 
ATOM   995  C CA  . LEU A 1 137 ? 7.419   2.521   -2.576  1.00 48.57  ?  137 LEU A CA  1 
ATOM   996  C C   . LEU A 1 137 ? 6.584   3.450   -1.684  1.00 60.24  ?  137 LEU A C   1 
ATOM   997  O O   . LEU A 1 137 ? 6.844   3.569   -0.487  1.00 60.87  ?  137 LEU A O   1 
ATOM   998  C CB  . LEU A 1 137 ? 8.475   3.318   -3.344  1.00 51.88  ?  137 LEU A CB  1 
ATOM   999  C CG  . LEU A 1 137 ? 9.602   3.951   -2.522  1.00 63.75  ?  137 LEU A CG  1 
ATOM   1000 C CD1 . LEU A 1 137 ? 10.367  2.903   -1.729  1.00 48.48  ?  137 LEU A CD1 1 
ATOM   1001 C CD2 . LEU A 1 137 ? 10.545  4.727   -3.435  1.00 61.06  ?  137 LEU A CD2 1 
ATOM   1002 N N   . ALA A 1 138 ? 5.580   4.100   -2.268  1.00 63.10  ?  138 ALA A N   1 
ATOM   1003 C CA  . ALA A 1 138 ? 4.696   4.988   -1.508  1.00 45.84  ?  138 ALA A CA  1 
ATOM   1004 C C   . ALA A 1 138 ? 3.925   4.207   -0.449  1.00 56.98  ?  138 ALA A C   1 
ATOM   1005 O O   . ALA A 1 138 ? 3.750   4.671   0.676   1.00 57.49  ?  138 ALA A O   1 
ATOM   1006 C CB  . ALA A 1 138 ? 3.732   5.698   -2.443  1.00 57.40  ?  138 ALA A CB  1 
ATOM   1007 N N   . LEU A 1 139 ? 3.456   3.019   -0.812  1.00 46.40  ?  139 LEU A N   1 
ATOM   1008 C CA  . LEU A 1 139 ? 2.823   2.136   0.154   1.00 60.90  ?  139 LEU A CA  1 
ATOM   1009 C C   . LEU A 1 139 ? 3.791   1.778   1.275   1.00 59.49  ?  139 LEU A C   1 
ATOM   1010 O O   . LEU A 1 139 ? 3.414   1.760   2.444   1.00 77.57  ?  139 LEU A O   1 
ATOM   1011 C CB  . LEU A 1 139 ? 2.320   0.862   -0.528  1.00 62.31  ?  139 LEU A CB  1 
ATOM   1012 C CG  . LEU A 1 139 ? 1.164   1.082   -1.504  1.00 65.16  ?  139 LEU A CG  1 
ATOM   1013 C CD1 . LEU A 1 139 ? 0.900   -0.167  -2.333  1.00 55.11  ?  139 LEU A CD1 1 
ATOM   1014 C CD2 . LEU A 1 139 ? -0.081  1.503   -0.737  1.00 72.26  ?  139 LEU A CD2 1 
ATOM   1015 N N   . GLN A 1 140 ? 5.034   1.479   0.909   1.00 63.15  ?  140 GLN A N   1 
ATOM   1016 C CA  . GLN A 1 140 ? 6.063   1.125   1.886   1.00 57.55  ?  140 GLN A CA  1 
ATOM   1017 C C   . GLN A 1 140 ? 6.266   2.265   2.880   1.00 52.02  ?  140 GLN A C   1 
ATOM   1018 O O   . GLN A 1 140 ? 6.145   2.072   4.090   1.00 50.15  ?  140 GLN A O   1 
ATOM   1019 C CB  . GLN A 1 140 ? 7.385   0.813   1.178   1.00 53.51  ?  140 GLN A CB  1 
ATOM   1020 C CG  . GLN A 1 140 ? 8.499   0.363   2.110   1.00 46.41  ?  140 GLN A CG  1 
ATOM   1021 C CD  . GLN A 1 140 ? 9.864   0.442   1.456   1.00 56.75  ?  140 GLN A CD  1 
ATOM   1022 O OE1 . GLN A 1 140 ? 10.110  -0.199  0.432   1.00 54.43  ?  140 GLN A OE1 1 
ATOM   1023 N NE2 . GLN A 1 140 ? 10.762  1.240   2.042   1.00 49.70  ?  140 GLN A NE2 1 
ATOM   1024 N N   . HIS A 1 141 ? 6.570   3.451   2.359   1.00 45.64  ?  141 HIS A N   1 
ATOM   1025 C CA  . HIS A 1 141 ? 6.756   4.629   3.193   1.00 57.03  ?  141 HIS A CA  1 
ATOM   1026 C C   . HIS A 1 141 ? 5.535   4.881   4.073   1.00 77.07  ?  141 HIS A C   1 
ATOM   1027 O O   . HIS A 1 141 ? 5.656   5.017   5.294   1.00 71.65  ?  141 HIS A O   1 
ATOM   1028 C CB  . HIS A 1 141 ? 7.032   5.859   2.328   1.00 52.42  ?  141 HIS A CB  1 
ATOM   1029 C CG  . HIS A 1 141 ? 8.354   5.818   1.626   1.00 56.08  ?  141 HIS A CG  1 
ATOM   1030 N ND1 . HIS A 1 141 ? 9.375   4.975   2.010   1.00 51.32  ?  141 HIS A ND1 1 
ATOM   1031 C CD2 . HIS A 1 141 ? 8.828   6.533   0.580   1.00 48.39  ?  141 HIS A CD2 1 
ATOM   1032 C CE1 . HIS A 1 141 ? 10.417  5.163   1.221   1.00 51.42  ?  141 HIS A CE1 1 
ATOM   1033 N NE2 . HIS A 1 141 ? 10.113  6.105   0.346   1.00 50.51  ?  141 HIS A NE2 1 
ATOM   1034 N N   . TYR A 1 142 ? 4.363   4.944   3.447   1.00 74.26  ?  142 TYR A N   1 
ATOM   1035 C CA  . TYR A 1 142 ? 3.116   5.170   4.168   1.00 73.25  ?  142 TYR A CA  1 
ATOM   1036 C C   . TYR A 1 142 ? 3.007   4.222   5.354   1.00 61.12  ?  142 TYR A C   1 
ATOM   1037 O O   . TYR A 1 142 ? 2.703   4.648   6.468   1.00 68.04  ?  142 TYR A O   1 
ATOM   1038 C CB  . TYR A 1 142 ? 1.919   4.998   3.225   1.00 84.18  ?  142 TYR A CB  1 
ATOM   1039 C CG  . TYR A 1 142 ? 0.563   5.093   3.894   1.00 82.80  ?  142 TYR A CG  1 
ATOM   1040 C CD1 . TYR A 1 142 ? 0.276   6.115   4.792   1.00 91.13  ?  142 TYR A CD1 1 
ATOM   1041 C CD2 . TYR A 1 142 ? -0.440  4.176   3.604   1.00 77.13  ?  142 TYR A CD2 1 
ATOM   1042 C CE1 . TYR A 1 142 ? -0.964  6.208   5.399   1.00 98.93  ?  142 TYR A CE1 1 
ATOM   1043 C CE2 . TYR A 1 142 ? -1.684  4.262   4.203   1.00 97.86  ?  142 TYR A CE2 1 
ATOM   1044 C CZ  . TYR A 1 142 ? -1.941  5.280   5.100   1.00 105.30 ?  142 TYR A CZ  1 
ATOM   1045 O OH  . TYR A 1 142 ? -3.176  5.370   5.701   1.00 90.08  ?  142 TYR A OH  1 
ATOM   1046 N N   . ALA A 1 143 ? 3.276   2.941   5.114   1.00 56.38  ?  143 ALA A N   1 
ATOM   1047 C CA  . ALA A 1 143 ? 3.178   1.917   6.157   1.00 54.92  ?  143 ALA A CA  1 
ATOM   1048 C C   . ALA A 1 143 ? 4.169   2.128   7.307   1.00 64.75  ?  143 ALA A C   1 
ATOM   1049 O O   . ALA A 1 143 ? 3.952   1.635   8.423   1.00 54.58  ?  143 ALA A O   1 
ATOM   1050 C CB  . ALA A 1 143 ? 3.379   0.542   5.548   1.00 53.85  ?  143 ALA A CB  1 
ATOM   1051 N N   . GLU A 1 144 ? 5.254   2.842   7.015   1.00 64.30  ?  144 GLU A N   1 
ATOM   1052 C CA  . GLU A 1 144 ? 6.319   3.092   7.981   1.00 69.78  ?  144 GLU A CA  1 
ATOM   1053 C C   . GLU A 1 144 ? 6.006   4.311   8.841   1.00 79.02  ?  144 GLU A C   1 
ATOM   1054 O O   . GLU A 1 144 ? 6.227   4.295   10.052  1.00 75.16  ?  144 GLU A O   1 
ATOM   1055 C CB  . GLU A 1 144 ? 7.657   3.298   7.259   1.00 59.73  ?  144 GLU A CB  1 
ATOM   1056 C CG  . GLU A 1 144 ? 8.278   2.016   6.726   1.00 63.64  ?  144 GLU A CG  1 
ATOM   1057 C CD  . GLU A 1 144 ? 9.359   2.268   5.687   1.00 64.57  ?  144 GLU A CD  1 
ATOM   1058 O OE1 . GLU A 1 144 ? 9.530   3.438   5.270   1.00 59.24  ?  144 GLU A OE1 1 
ATOM   1059 O OE2 . GLU A 1 144 ? 10.032  1.292   5.283   1.00 42.54  -1 144 GLU A OE2 1 
ATOM   1060 N N   . ARG A 1 145 ? 5.501   5.371   8.217   1.00 75.92  ?  145 ARG A N   1 
ATOM   1061 C CA  . ARG A 1 145 ? 5.057   6.542   8.965   1.00 80.65  ?  145 ARG A CA  1 
ATOM   1062 C C   . ARG A 1 145 ? 4.033   6.137   10.024  1.00 83.12  ?  145 ARG A C   1 
ATOM   1063 O O   . ARG A 1 145 ? 4.123   6.556   11.177  1.00 100.47 ?  145 ARG A O   1 
ATOM   1064 C CB  . ARG A 1 145 ? 4.445   7.588   8.033   1.00 79.12  ?  145 ARG A CB  1 
ATOM   1065 C CG  . ARG A 1 145 ? 5.430   8.217   7.063   1.00 74.71  ?  145 ARG A CG  1 
ATOM   1066 C CD  . ARG A 1 145 ? 4.767   9.316   6.249   1.00 86.68  ?  145 ARG A CD  1 
ATOM   1067 N NE  . ARG A 1 145 ? 5.236   9.329   4.864   1.00 107.97 ?  145 ARG A NE  1 
ATOM   1068 C CZ  . ARG A 1 145 ? 4.523   8.897   3.826   1.00 93.28  ?  145 ARG A CZ  1 
ATOM   1069 N NH1 . ARG A 1 145 ? 3.296   8.423   4.004   1.00 76.69  ?  145 ARG A NH1 1 
ATOM   1070 N NH2 . ARG A 1 145 ? 5.038   8.946   2.605   1.00 100.02 ?  145 ARG A NH2 1 
ATOM   1071 N N   . LYS A 1 146 ? 3.063   5.320   9.627   1.00 78.94  ?  146 LYS A N   1 
ATOM   1072 C CA  . LYS A 1 146 ? 2.025   4.863   10.543  1.00 86.37  ?  146 LYS A CA  1 
ATOM   1073 C C   . LYS A 1 146 ? 2.609   4.024   11.675  1.00 94.48  ?  146 LYS A C   1 
ATOM   1074 O O   . LYS A 1 146 ? 2.260   4.210   12.841  1.00 118.30 ?  146 LYS A O   1 
ATOM   1075 C CB  . LYS A 1 146 ? 0.961   4.052   9.795   1.00 86.50  ?  146 LYS A CB  1 
ATOM   1076 C CG  . LYS A 1 146 ? 0.081   4.885   8.875   1.00 90.78  ?  146 LYS A CG  1 
ATOM   1077 C CD  . LYS A 1 146 ? -1.142  4.106   8.416   1.00 93.59  ?  146 LYS A CD  1 
ATOM   1078 C CE  . LYS A 1 146 ? -0.769  2.971   7.476   1.00 89.57  ?  146 LYS A CE  1 
ATOM   1079 N NZ  . LYS A 1 146 ? -1.929  2.079   7.205   1.00 86.68  ?  146 LYS A NZ  1 
ATOM   1080 N N   . MET A 1 147 ? 3.493   3.094   11.329  1.00 87.37  ?  147 MET A N   1 
ATOM   1081 C CA  . MET A 1 147 ? 4.131   2.249   12.329  1.00 81.03  ?  147 MET A CA  1 
ATOM   1082 C C   . MET A 1 147 ? 4.942   3.100   13.297  1.00 72.83  ?  147 MET A C   1 
ATOM   1083 O O   . MET A 1 147 ? 5.012   2.798   14.488  1.00 69.63  ?  147 MET A O   1 
ATOM   1084 C CB  . MET A 1 147 ? 5.029   1.212   11.658  1.00 88.84  ?  147 MET A CB  1 
ATOM   1085 C CG  . MET A 1 147 ? 5.840   0.377   12.633  1.00 92.94  ?  147 MET A CG  1 
ATOM   1086 S SD  . MET A 1 147 ? 6.568   -1.083  11.866  1.00 106.48 ?  147 MET A SD  1 
ATOM   1087 C CE  . MET A 1 147 ? 5.110   -2.100  11.632  1.00 102.02 ?  147 MET A CE  1 
ATOM   1088 N N   . LEU A 1 148 ? 5.548   4.165   12.781  1.00 63.84  ?  148 LEU A N   1 
ATOM   1089 C CA  . LEU A 1 148 ? 6.292   5.103   13.611  1.00 77.77  ?  148 LEU A CA  1 
ATOM   1090 C C   . LEU A 1 148 ? 5.344   5.747   14.621  1.00 87.64  ?  148 LEU A C   1 
ATOM   1091 O O   . LEU A 1 148 ? 5.599   5.739   15.827  1.00 82.27  ?  148 LEU A O   1 
ATOM   1092 C CB  . LEU A 1 148 ? 6.948   6.182   12.744  1.00 77.72  ?  148 LEU A CB  1 
ATOM   1093 C CG  . LEU A 1 148 ? 8.016   7.033   13.435  1.00 84.95  ?  148 LEU A CG  1 
ATOM   1094 C CD1 . LEU A 1 148 ? 9.278   6.214   13.675  1.00 85.72  ?  148 LEU A CD1 1 
ATOM   1095 C CD2 . LEU A 1 148 ? 8.331   8.276   12.617  1.00 85.78  ?  148 LEU A CD2 1 
ATOM   1096 N N   . LEU A 1 149 ? 4.247   6.296   14.114  1.00 91.64  ?  149 LEU A N   1 
ATOM   1097 C CA  . LEU A 1 149 ? 3.236   6.909   14.959  1.00 88.77  ?  149 LEU A CA  1 
ATOM   1098 C C   . LEU A 1 149 ? 2.885   5.981   16.119  1.00 90.41  ?  149 LEU A C   1 
ATOM   1099 O O   . LEU A 1 149 ? 2.893   6.396   17.278  1.00 107.72 ?  149 LEU A O   1 
ATOM   1100 C CB  . LEU A 1 149 ? 1.986   7.230   14.137  1.00 101.11 ?  149 LEU A CB  1 
ATOM   1101 C CG  . LEU A 1 149 ? 0.866   7.977   14.863  1.00 112.84 ?  149 LEU A CG  1 
ATOM   1102 C CD1 . LEU A 1 149 ? 1.381   9.273   15.472  1.00 110.02 ?  149 LEU A CD1 1 
ATOM   1103 C CD2 . LEU A 1 149 ? -0.289  8.253   13.912  1.00 115.22 ?  149 LEU A CD2 1 
ATOM   1104 N N   . VAL A 1 150 ? 2.588   4.724   15.806  1.00 83.55  ?  150 VAL A N   1 
ATOM   1105 C CA  . VAL A 1 150 ? 2.265   3.743   16.837  1.00 89.49  ?  150 VAL A CA  1 
ATOM   1106 C C   . VAL A 1 150 ? 3.391   3.662   17.864  1.00 100.90 ?  150 VAL A C   1 
ATOM   1107 O O   . VAL A 1 150 ? 3.140   3.580   19.066  1.00 96.77  ?  150 VAL A O   1 
ATOM   1108 C CB  . VAL A 1 150 ? 2.023   2.346   16.237  1.00 101.69 ?  150 VAL A CB  1 
ATOM   1109 C CG1 . VAL A 1 150 ? 1.826   1.316   17.340  1.00 100.63 ?  150 VAL A CG1 1 
ATOM   1110 C CG2 . VAL A 1 150 ? 0.818   2.368   15.310  1.00 115.85 ?  150 VAL A CG2 1 
ATOM   1111 N N   . VAL A 1 151 ? 4.630   3.687   17.380  1.00 102.30 ?  151 VAL A N   1 
ATOM   1112 C CA  . VAL A 1 151 ? 5.800   3.659   18.253  1.00 104.00 ?  151 VAL A CA  1 
ATOM   1113 C C   . VAL A 1 151 ? 5.846   4.889   19.157  1.00 101.35 ?  151 VAL A C   1 
ATOM   1114 O O   . VAL A 1 151 ? 6.050   4.775   20.364  1.00 101.24 ?  151 VAL A O   1 
ATOM   1115 C CB  . VAL A 1 151 ? 7.107   3.599   17.437  1.00 103.94 ?  151 VAL A CB  1 
ATOM   1116 C CG1 . VAL A 1 151 ? 8.301   3.965   18.307  1.00 96.01  ?  151 VAL A CG1 1 
ATOM   1117 C CG2 . VAL A 1 151 ? 7.291   2.221   16.824  1.00 112.88 ?  151 VAL A CG2 1 
ATOM   1118 N N   . ALA A 1 152 ? 5.654   6.061   18.562  1.00 89.68  ?  152 ALA A N   1 
ATOM   1119 C CA  . ALA A 1 152 ? 5.740   7.322   19.289  1.00 84.95  ?  152 ALA A CA  1 
ATOM   1120 C C   . ALA A 1 152 ? 4.681   7.443   20.388  1.00 111.94 ?  152 ALA A C   1 
ATOM   1121 O O   . ALA A 1 152 ? 4.955   7.968   21.468  1.00 114.92 ?  152 ALA A O   1 
ATOM   1122 C CB  . ALA A 1 152 ? 5.620   8.487   18.321  1.00 73.40  ?  152 ALA A CB  1 
ATOM   1123 N N   . ILE A 1 153 ? 3.473   6.964   20.108  1.00 121.26 ?  153 ILE A N   1 
ATOM   1124 C CA  . ILE A 1 153 ? 2.369   7.092   21.056  1.00 121.16 ?  153 ILE A CA  1 
ATOM   1125 C C   . ILE A 1 153 ? 2.399   5.980   22.103  1.00 119.38 ?  153 ILE A C   1 
ATOM   1126 O O   . ILE A 1 153 ? 2.045   6.202   23.261  1.00 114.76 ?  153 ILE A O   1 
ATOM   1127 C CB  . ILE A 1 153 ? 1.007   7.099   20.337  1.00 118.48 ?  153 ILE A CB  1 
ATOM   1128 C CG1 . ILE A 1 153 ? 1.024   8.110   19.188  1.00 116.39 ?  153 ILE A CG1 1 
ATOM   1129 C CG2 . ILE A 1 153 ? -0.107  7.437   21.317  1.00 115.10 ?  153 ILE A CG2 1 
ATOM   1130 C CD1 . ILE A 1 153 ? -0.309  8.273   18.494  1.00 118.54 ?  153 ILE A CD1 1 
ATOM   1131 N N   . SER A 1 154 ? 2.820   4.786   21.698  1.00 112.09 ?  154 SER A N   1 
ATOM   1132 C CA  . SER A 1 154 ? 3.002   3.691   22.646  1.00 109.71 ?  154 SER A CA  1 
ATOM   1133 C C   . SER A 1 154 ? 4.097   4.064   23.634  1.00 110.81 ?  154 SER A C   1 
ATOM   1134 O O   . SER A 1 154 ? 4.020   3.734   24.818  1.00 127.94 ?  154 SER A O   1 
ATOM   1135 C CB  . SER A 1 154 ? 3.372   2.394   21.922  1.00 111.93 ?  154 SER A CB  1 
ATOM   1136 O OG  . SER A 1 154 ? 2.265   1.867   21.212  1.00 107.47 ?  154 SER A OG  1 
ATOM   1137 N N   . LEU A 1 155 ? 5.114   4.758   23.136  1.00 102.31 ?  155 LEU A N   1 
ATOM   1138 C CA  . LEU A 1 155 ? 6.214   5.223   23.965  1.00 107.05 ?  155 LEU A CA  1 
ATOM   1139 C C   . LEU A 1 155 ? 5.736   6.336   24.894  1.00 124.36 ?  155 LEU A C   1 
ATOM   1140 O O   . LEU A 1 155 ? 5.827   6.217   26.117  1.00 133.84 ?  155 LEU A O   1 
ATOM   1141 C CB  . LEU A 1 155 ? 7.361   5.726   23.082  1.00 109.78 ?  155 LEU A CB  1 
ATOM   1142 C CG  . LEU A 1 155 ? 8.615   6.255   23.785  1.00 118.68 ?  155 LEU A CG  1 
ATOM   1143 C CD1 . LEU A 1 155 ? 9.275   5.173   24.626  1.00 129.80 ?  155 LEU A CD1 1 
ATOM   1144 C CD2 . LEU A 1 155 ? 9.599   6.811   22.766  1.00 111.24 ?  155 LEU A CD2 1 
ATOM   1145 N N   . ALA A 1 156 ? 5.218   7.410   24.309  1.00 121.93 ?  156 ALA A N   1 
ATOM   1146 C CA  . ALA A 1 156 ? 4.748   8.556   25.081  1.00 116.22 ?  156 ALA A CA  1 
ATOM   1147 C C   . ALA A 1 156 ? 3.716   8.135   26.127  1.00 114.49 ?  156 ALA A C   1 
ATOM   1148 O O   . ALA A 1 156 ? 3.664   8.699   27.221  1.00 105.66 ?  156 ALA A O   1 
ATOM   1149 C CB  . ALA A 1 156 ? 4.165   9.611   24.154  1.00 113.18 ?  156 ALA A CB  1 
ATOM   1150 N N   . GLY A 1 157 ? 2.896   7.145   25.786  1.00 114.64 ?  157 GLY A N   1 
ATOM   1151 C CA  . GLY A 1 157 ? 1.875   6.643   26.701  1.00 117.25 ?  157 GLY A CA  1 
ATOM   1152 C C   . GLY A 1 157 ? 2.473   5.957   27.916  1.00 120.91 ?  157 GLY A C   1 
ATOM   1153 O O   . GLY A 1 157 ? 2.034   6.182   29.043  1.00 129.74 ?  157 GLY A O   1 
ATOM   1154 N N   . GLY A 1 158 ? 3.473   5.112   27.683  1.00 120.28 ?  158 GLY A N   1 
ATOM   1155 C CA  . GLY A 1 158 ? 4.159   4.415   28.767  1.00 117.14 ?  158 GLY A CA  1 
ATOM   1156 C C   . GLY A 1 158 ? 4.994   5.362   29.608  1.00 122.76 ?  158 GLY A C   1 
ATOM   1157 O O   . GLY A 1 158 ? 5.135   5.172   30.817  1.00 100.21 ?  158 GLY A O   1 
ATOM   1158 N N   . ILE A 1 159 ? 5.552   6.381   28.960  1.00 138.04 ?  159 ILE A N   1 
ATOM   1159 C CA  . ILE A 1 159 ? 6.331   7.408   29.645  1.00 140.47 ?  159 ILE A CA  1 
ATOM   1160 C C   . ILE A 1 159 ? 5.425   8.312   30.474  1.00 135.53 ?  159 ILE A C   1 
ATOM   1161 O O   . ILE A 1 159 ? 5.672   8.537   31.658  1.00 147.98 ?  159 ILE A O   1 
ATOM   1162 C CB  . ILE A 1 159 ? 7.119   8.280   28.645  1.00 139.46 ?  159 ILE A CB  1 
ATOM   1163 C CG1 . ILE A 1 159 ? 8.389   7.555   28.194  1.00 141.50 ?  159 ILE A CG1 1 
ATOM   1164 C CG2 . ILE A 1 159 ? 7.473   9.622   29.270  1.00 136.90 ?  159 ILE A CG2 1 
ATOM   1165 C CD1 . ILE A 1 159 ? 9.221   8.336   27.199  1.00 144.39 ?  159 ILE A CD1 1 
ATOM   1166 N N   . GLY A 1 160 ? 4.379   8.830   29.840  1.00 127.99 ?  160 GLY A N   1 
ATOM   1167 C CA  . GLY A 1 160 ? 3.433   9.710   30.515  1.00 115.20 ?  160 GLY A CA  1 
ATOM   1168 C C   . GLY A 1 160 ? 2.871   9.083   31.776  1.00 119.33 ?  160 GLY A C   1 
ATOM   1169 O O   . GLY A 1 160 ? 2.833   9.719   32.829  1.00 127.82 ?  160 GLY A O   1 
ATOM   1170 N N   . ILE A 1 161 ? 2.436   7.830   31.670  1.00 113.23 ?  161 ILE A N   1 
ATOM   1171 C CA  . ILE A 1 161 ? 1.866   7.119   32.810  1.00 116.03 ?  161 ILE A CA  1 
ATOM   1172 C C   . ILE A 1 161 ? 2.914   6.861   33.889  1.00 134.71 ?  161 ILE A C   1 
ATOM   1173 O O   . ILE A 1 161 ? 2.605   6.893   35.079  1.00 160.14 ?  161 ILE A O   1 
ATOM   1174 C CB  . ILE A 1 161 ? 1.230   5.785   32.381  1.00 118.17 ?  161 ILE A CB  1 
ATOM   1175 C CG1 . ILE A 1 161 ? -0.091  6.050   31.653  1.00 122.17 ?  161 ILE A CG1 1 
ATOM   1176 C CG2 . ILE A 1 161 ? 1.000   4.890   33.591  1.00 118.60 ?  161 ILE A CG2 1 
ATOM   1177 C CD1 . ILE A 1 161 ? -0.773  4.805   31.129  1.00 115.82 ?  161 ILE A CD1 1 
ATOM   1178 N N   . PHE A 1 162 ? 4.151   6.608   33.475  1.00 145.39 ?  162 PHE A N   1 
ATOM   1179 C CA  . PHE A 1 162 ? 5.244   6.438   34.425  1.00 140.47 ?  162 PHE A CA  1 
ATOM   1180 C C   . PHE A 1 162 ? 5.516   7.744   35.163  1.00 141.96 ?  162 PHE A C   1 
ATOM   1181 O O   . PHE A 1 162 ? 5.830   7.742   36.353  1.00 152.05 ?  162 PHE A O   1 
ATOM   1182 C CB  . PHE A 1 162 ? 6.518   5.978   33.716  1.00 140.94 ?  162 PHE A CB  1 
ATOM   1183 C CG  . PHE A 1 162 ? 7.741   6.030   34.585  1.00 146.32 ?  162 PHE A CG  1 
ATOM   1184 C CD1 . PHE A 1 162 ? 8.489   7.194   34.683  1.00 138.65 ?  162 PHE A CD1 1 
ATOM   1185 C CD2 . PHE A 1 162 ? 8.140   4.921   35.313  1.00 157.30 ?  162 PHE A CD2 1 
ATOM   1186 C CE1 . PHE A 1 162 ? 9.613   7.248   35.486  1.00 142.40 ?  162 PHE A CE1 1 
ATOM   1187 C CE2 . PHE A 1 162 ? 9.262   4.969   36.119  1.00 156.65 ?  162 PHE A CE2 1 
ATOM   1188 C CZ  . PHE A 1 162 ? 10.001  6.134   36.205  1.00 148.73 ?  162 PHE A CZ  1 
ATOM   1189 N N   . THR A 1 163 ? 5.395   8.858   34.448  1.00 139.61 ?  163 THR A N   1 
ATOM   1190 C CA  . THR A 1 163 ? 5.639   10.174  35.026  1.00 137.07 ?  163 THR A CA  1 
ATOM   1191 C C   . THR A 1 163 ? 4.490   10.598  35.936  1.00 145.66 ?  163 THR A C   1 
ATOM   1192 O O   . THR A 1 163 ? 4.715   11.124  37.026  1.00 147.71 ?  163 THR A O   1 
ATOM   1193 C CB  . THR A 1 163 ? 5.839   11.238  33.931  1.00 135.95 ?  163 THR A CB  1 
ATOM   1194 O OG1 . THR A 1 163 ? 7.022   10.937  33.181  1.00 137.41 ?  163 THR A OG1 1 
ATOM   1195 C CG2 . THR A 1 163 ? 5.970   12.623  34.543  1.00 129.88 ?  163 THR A CG2 1 
ATOM   1196 N N   . LEU A 1 164 ? 3.259   10.372  35.484  1.00 148.02 ?  164 LEU A N   1 
ATOM   1197 C CA  . LEU A 1 164 ? 2.085   10.686  36.291  1.00 136.73 ?  164 LEU A CA  1 
ATOM   1198 C C   . LEU A 1 164 ? 2.114   9.903   37.596  1.00 134.52 ?  164 LEU A C   1 
ATOM   1199 O O   . LEU A 1 164 ? 1.790   10.437  38.655  1.00 152.22 ?  164 LEU A O   1 
ATOM   1200 C CB  . LEU A 1 164 ? 0.797   10.364  35.528  1.00 133.88 ?  164 LEU A CB  1 
ATOM   1201 C CG  . LEU A 1 164 ? 0.398   11.332  34.413  1.00 136.49 ?  164 LEU A CG  1 
ATOM   1202 C CD1 . LEU A 1 164 ? -0.858  10.836  33.714  1.00 134.98 ?  164 LEU A CD1 1 
ATOM   1203 C CD2 . LEU A 1 164 ? 0.190   12.737  34.958  1.00 135.94 ?  164 LEU A CD2 1 
ATOM   1204 N N   . VAL A 1 165 ? 2.504   8.634   37.516  1.00 124.62 ?  165 VAL A N   1 
ATOM   1205 C CA  . VAL A 1 165 ? 2.553   7.771   38.691  1.00 118.51 ?  165 VAL A CA  1 
ATOM   1206 C C   . VAL A 1 165 ? 3.736   8.108   39.593  1.00 126.41 ?  165 VAL A C   1 
ATOM   1207 O O   . VAL A 1 165 ? 3.654   7.962   40.812  1.00 138.07 ?  165 VAL A O   1 
ATOM   1208 C CB  . VAL A 1 165 ? 2.647   6.288   38.296  1.00 112.78 ?  165 VAL A CB  1 
ATOM   1209 C CG1 . VAL A 1 165 ? 3.025   5.446   39.504  1.00 113.85 ?  165 VAL A CG1 1 
ATOM   1210 C CG2 . VAL A 1 165 ? 1.332   5.815   37.692  1.00 109.16 ?  165 VAL A CG2 1 
ATOM   1211 N N   . PHE A 1 166 ? 4.836   8.550   38.993  1.00 133.21 ?  166 PHE A N   1 
ATOM   1212 C CA  . PHE A 1 166 ? 6.026   8.906   39.757  1.00 147.21 ?  166 PHE A CA  1 
ATOM   1213 C C   . PHE A 1 166 ? 5.756   10.084  40.687  1.00 156.42 ?  166 PHE A C   1 
ATOM   1214 O O   . PHE A 1 166 ? 6.112   10.050  41.865  1.00 180.68 ?  166 PHE A O   1 
ATOM   1215 C CB  . PHE A 1 166 ? 7.181   9.250   38.818  1.00 153.45 ?  166 PHE A CB  1 
ATOM   1216 C CG  . PHE A 1 166 ? 8.414   9.727   39.531  1.00 161.58 ?  166 PHE A CG  1 
ATOM   1217 C CD1 . PHE A 1 166 ? 9.345   8.822   40.013  1.00 159.50 ?  166 PHE A CD1 1 
ATOM   1218 C CD2 . PHE A 1 166 ? 8.637   11.081  39.724  1.00 160.99 ?  166 PHE A CD2 1 
ATOM   1219 C CE1 . PHE A 1 166 ? 10.479  9.257   40.671  1.00 156.40 ?  166 PHE A CE1 1 
ATOM   1220 C CE2 . PHE A 1 166 ? 9.770   11.523  40.382  1.00 166.77 ?  166 PHE A CE2 1 
ATOM   1221 C CZ  . PHE A 1 166 ? 10.691  10.609  40.856  1.00 168.48 ?  166 PHE A CZ  1 
ATOM   1222 N N   . PHE A 1 167 ? 5.130   11.126  40.150  1.00 157.26 ?  167 PHE A N   1 
ATOM   1223 C CA  . PHE A 1 167 ? 4.828   12.328  40.924  1.00 155.50 ?  167 PHE A CA  1 
ATOM   1224 C C   . PHE A 1 167 ? 3.695   12.080  41.917  1.00 155.14 ?  167 PHE A C   1 
ATOM   1225 O O   . PHE A 1 167 ? 3.739   12.558  43.051  1.00 157.39 ?  167 PHE A O   1 
ATOM   1226 C CB  . PHE A 1 167 ? 4.459   13.482  39.990  1.00 139.98 ?  167 PHE A CB  1 
ATOM   1227 N N   . THR A 1 168 ? 2.681   11.335  41.486  1.00 162.04 ?  168 THR A N   1 
ATOM   1228 C CA  . THR A 1 168 ? 1.547   11.005  42.347  1.00 158.81 ?  168 THR A CA  1 
ATOM   1229 C C   . THR A 1 168 ? 2.008   10.166  43.535  1.00 163.19 ?  168 THR A C   1 
ATOM   1230 O O   . THR A 1 168 ? 1.608   10.411  44.673  1.00 177.95 ?  168 THR A O   1 
ATOM   1231 C CB  . THR A 1 168 ? 0.462   10.226  41.578  1.00 158.72 ?  168 THR A CB  1 
ATOM   1232 O OG1 . THR A 1 168 ? 0.024   10.994  40.451  1.00 177.15 ?  168 THR A OG1 1 
ATOM   1233 C CG2 . THR A 1 168 ? -0.728  9.936   42.476  1.00 153.98 ?  168 THR A CG2 1 
ATOM   1234 N N   . LEU A 1 169 ? 2.848   9.174   43.260  1.00 155.83 ?  169 LEU A N   1 
ATOM   1235 C CA  . LEU A 1 169 ? 3.397   8.314   44.302  1.00 154.17 ?  169 LEU A CA  1 
ATOM   1236 C C   . LEU A 1 169 ? 4.294   9.107   45.252  1.00 150.47 ?  169 LEU A C   1 
ATOM   1237 O O   . LEU A 1 169 ? 4.320   8.847   46.455  1.00 146.68 ?  169 LEU A O   1 
ATOM   1238 C CB  . LEU A 1 169 ? 4.185   7.163   43.671  1.00 154.87 ?  169 LEU A CB  1 
ATOM   1239 C CG  . LEU A 1 169 ? 4.955   6.244   44.622  1.00 154.91 ?  169 LEU A CG  1 
ATOM   1240 C CD1 . LEU A 1 169 ? 4.018   5.581   45.620  1.00 157.01 ?  169 LEU A CD1 1 
ATOM   1241 C CD2 . LEU A 1 169 ? 5.729   5.200   43.833  1.00 150.37 ?  169 LEU A CD2 1 
ATOM   1242 N N   . ARG A 1 170 ? 5.028   10.071  44.704  1.00 146.11 ?  170 ARG A N   1 
ATOM   1243 C CA  . ARG A 1 170 ? 5.913   10.913  45.503  1.00 132.22 ?  170 ARG A CA  1 
ATOM   1244 C C   . ARG A 1 170 ? 5.107   11.866  46.384  1.00 134.64 ?  170 ARG A C   1 
ATOM   1245 O O   . ARG A 1 170 ? 5.074   11.721  47.608  1.00 131.86 ?  170 ARG A O   1 
ATOM   1246 C CB  . ARG A 1 170 ? 6.852   11.712  44.597  1.00 113.74 ?  170 ARG A CB  1 
HETATM 1247 N N   . NO3 B 2 .   ? 7.086   -8.013  -7.437  0.50 44.03  ?  301 NO3 A N   1 
HETATM 1248 O O1  . NO3 B 2 .   ? 6.807   -7.707  -6.275  0.50 39.19  ?  301 NO3 A O1  1 
HETATM 1249 O O2  . NO3 B 2 .   ? 7.956   -7.226  -8.197  0.50 41.84  ?  301 NO3 A O2  1 
HETATM 1250 O O3  . NO3 B 2 .   ? 6.542   -9.155  -8.034  0.50 37.40  ?  301 NO3 A O3  1 
HETATM 1251 O O   . HOH C 3 .   ? 0.254   4.471   -27.483 1.00 55.55  ?  401 HOH A O   1 
HETATM 1252 O O   . HOH C 3 .   ? 9.846   -0.610  6.214   1.00 44.75  ?  402 HOH A O   1 
HETATM 1253 O O   . HOH C 3 .   ? -3.564  5.805   -23.950 1.00 59.19  ?  403 HOH A O   1 
HETATM 1254 O O   . HOH C 3 .   ? -9.764  2.810   -7.394  1.00 53.11  ?  404 HOH A O   1 
HETATM 1255 O O   . HOH C 3 .   ? -3.467  -16.498 -24.252 1.00 39.82  ?  405 HOH A O   1 
HETATM 1256 O O   . HOH C 3 .   ? -6.983  1.801   2.532   1.00 62.28  ?  406 HOH A O   1 
HETATM 1257 O O   . HOH C 3 .   ? 5.922   -19.427 -23.037 1.00 72.18  ?  407 HOH A O   1 
HETATM 1258 O O   . HOH C 3 .   ? 11.688  -10.071 -27.638 1.00 58.70  ?  408 HOH A O   1 
HETATM 1259 O O   . HOH C 3 .   ? -0.829  -11.778 -14.507 1.00 26.90  ?  409 HOH A O   1 
HETATM 1260 O O   . HOH C 3 .   ? -7.281  -11.308 -21.363 1.00 39.46  ?  410 HOH A O   1 
HETATM 1261 O O   . HOH C 3 .   ? 10.923  5.457   -15.817 1.00 48.42  ?  411 HOH A O   1 
HETATM 1262 O O   . HOH C 3 .   ? 9.427   0.011   -5.082  1.00 33.64  ?  412 HOH A O   1 
HETATM 1263 O O   . HOH C 3 .   ? 0.528   -4.671  -16.692 1.00 28.66  ?  413 HOH A O   1 
HETATM 1264 O O   . HOH C 3 .   ? 1.576   10.725  -5.428  1.00 82.23  ?  414 HOH A O   1 
HETATM 1265 O O   . HOH C 3 .   ? 12.391  -2.568  -15.693 1.00 32.09  ?  415 HOH A O   1 
HETATM 1266 O O   . HOH C 3 .   ? 4.838   -1.031  -32.766 1.00 67.96  ?  416 HOH A O   1 
HETATM 1267 O O   . HOH C 3 .   ? 5.432   8.851   -10.773 1.00 50.91  ?  417 HOH A O   1 
HETATM 1268 O O   . HOH C 3 .   ? -10.147 -8.189  -8.118  1.00 51.41  ?  418 HOH A O   1 
HETATM 1269 O O   . HOH C 3 .   ? 13.184  -3.845  -19.914 1.00 41.37  ?  419 HOH A O   1 
HETATM 1270 O O   . HOH C 3 .   ? 12.930  -3.211  -23.050 1.00 66.83  ?  420 HOH A O   1 
HETATM 1271 O O   . HOH C 3 .   ? -4.373  -12.415 -27.258 1.00 43.86  ?  421 HOH A O   1 
HETATM 1272 O O   . HOH C 3 .   ? -10.001 -9.649  -14.842 1.00 52.35  ?  422 HOH A O   1 
HETATM 1273 O O   . HOH C 3 .   ? -7.406  -7.537  -1.349  1.00 57.27  ?  423 HOH A O   1 
HETATM 1274 O O   . HOH C 3 .   ? 1.310   -11.836 -15.916 1.00 22.73  ?  424 HOH A O   1 
HETATM 1275 O O   . HOH C 3 .   ? -8.037  -3.426  2.945   1.00 67.36  ?  425 HOH A O   1 
HETATM 1276 O O   . HOH C 3 .   ? 11.338  -0.012  -22.168 1.00 43.98  ?  426 HOH A O   1 
HETATM 1277 O O   . HOH C 3 .   ? -0.513  8.090   -16.349 1.00 75.34  ?  427 HOH A O   1 
HETATM 1278 O O   . HOH C 3 .   ? 0.343   13.689  -6.114  1.00 57.00  ?  428 HOH A O   1 
HETATM 1279 O O   . HOH C 3 .   ? -4.130  -1.302  5.819   1.00 47.92  ?  429 HOH A O   1 
HETATM 1280 O O   . HOH C 3 .   ? 12.304  -0.844  -1.117  1.00 48.87  ?  430 HOH A O   1 
HETATM 1281 O O   . HOH C 3 .   ? 3.786   -17.744 -18.370 1.00 48.29  ?  431 HOH A O   1 
HETATM 1282 O O   . HOH C 3 .   ? -1.311  -15.748 -26.691 1.00 58.69  ?  432 HOH A O   1 
HETATM 1283 O O   . HOH C 3 .   ? 12.503  3.475   -19.624 1.00 43.80  ?  433 HOH A O   1 
HETATM 1284 O O   . HOH C 3 .   ? -5.018  -8.798  7.486   1.00 64.21  ?  434 HOH A O   1 
HETATM 1285 O O   . HOH C 3 .   ? -7.768  -0.430  -14.742 1.00 42.52  ?  435 HOH A O   1 
HETATM 1286 O O   . HOH C 3 .   ? 6.267   4.171   -27.599 1.00 47.22  ?  436 HOH A O   1 
HETATM 1287 O O   . HOH C 3 .   ? -7.478  -14.451 -7.077  1.00 41.65  ?  437 HOH A O   1 
HETATM 1288 O O   . HOH C 3 .   ? 12.814  3.236   1.633   1.00 61.33  ?  438 HOH A O   1 
HETATM 1289 O O   . HOH C 3 .   ? 6.250   -6.889  -3.547  0.50 46.08  ?  439 HOH A O   1 
HETATM 1290 O O   . HOH C 3 .   ? 11.487  -1.298  -13.675 1.00 41.08  ?  440 HOH A O   1 
HETATM 1291 O O   . HOH C 3 .   ? -0.055  -0.255  -14.561 1.00 36.95  ?  441 HOH A O   1 
HETATM 1292 O O   . HOH C 3 .   ? 7.364   6.724   -4.530  1.00 44.77  ?  442 HOH A O   1 
HETATM 1293 O O   . HOH C 3 .   ? -8.176  -10.315 -26.557 1.00 56.42  ?  443 HOH A O   1 
HETATM 1294 O O   . HOH C 3 .   ? 1.766   7.045   -16.876 1.00 62.51  ?  444 HOH A O   1 
HETATM 1295 O O   . HOH C 3 .   ? -6.348  -3.655  8.106   1.00 51.76  ?  445 HOH A O   1 
HETATM 1296 O O   . HOH C 3 .   ? 0.649   13.349  -1.325  1.00 58.04  ?  446 HOH A O   1 
HETATM 1297 O O   . HOH C 3 .   ? -9.104  -15.859 -21.539 1.00 39.69  ?  447 HOH A O   1 
HETATM 1298 O O   . HOH C 3 .   ? 11.035  -1.849  -30.053 1.00 54.48  ?  448 HOH A O   1 
HETATM 1299 O O   . HOH C 3 .   ? 0.082   -5.708  8.497   1.00 80.24  ?  449 HOH A O   1 
HETATM 1300 O O   . HOH C 3 .   ? -4.368  5.078   -21.227 1.00 51.78  ?  450 HOH A O   1 
HETATM 1301 O O   . HOH C 3 .   ? 1.096   -14.857 -26.466 1.00 72.58  ?  451 HOH A O   1 
HETATM 1302 O O   . HOH C 3 .   ? 12.069  -2.789  -6.909  1.00 57.30  ?  452 HOH A O   1 
HETATM 1303 O O   . HOH C 3 .   ? -10.200 7.935   -4.948  1.00 68.99  ?  453 HOH A O   1 
HETATM 1304 O O   . HOH C 3 .   ? 2.242   1.539   -14.792 1.00 30.48  ?  454 HOH A O   1 
HETATM 1305 O O   . HOH C 3 .   ? 2.985   5.444   -8.853  1.00 53.25  ?  455 HOH A O   1 
HETATM 1306 O O   . HOH C 3 .   ? -6.489  -1.578  2.427   1.00 47.39  ?  456 HOH A O   1 
HETATM 1307 O O   . HOH C 3 .   ? -7.227  0.261   5.386   1.00 75.10  ?  457 HOH A O   1 
HETATM 1308 O O   . HOH C 3 .   ? -2.967  -11.900 -9.777  1.00 45.49  ?  458 HOH A O   1 
HETATM 1309 O O   . HOH C 3 .   ? -1.301  -0.624  -31.130 1.00 45.33  ?  459 HOH A O   1 
HETATM 1310 O O   . HOH C 3 .   ? -2.456  -22.652 -16.747 1.00 58.51  ?  460 HOH A O   1 
HETATM 1311 O O   . HOH C 3 .   ? -7.732  -8.648  -20.758 1.00 29.89  ?  461 HOH A O   1 
HETATM 1312 O O   . HOH C 3 .   ? 0.399   -14.881 -10.372 1.00 48.41  ?  462 HOH A O   1 
HETATM 1313 O O   . HOH C 3 .   ? 6.000   8.165   -0.362  1.00 51.04  ?  463 HOH A O   1 
HETATM 1314 O O   . HOH C 3 .   ? 11.805  -1.249  -10.967 1.00 51.74  ?  464 HOH A O   1 
HETATM 1315 O O   . HOH C 3 .   ? 3.845   8.479   -0.469  1.00 57.91  ?  465 HOH A O   1 
HETATM 1316 O O   . HOH C 3 .   ? 0.947   -12.920 -9.123  1.00 52.40  ?  466 HOH A O   1 
HETATM 1317 O O   . HOH C 3 .   ? -8.214  5.125   -9.861  1.00 69.93  ?  467 HOH A O   1 
HETATM 1318 O O   . HOH C 3 .   ? -0.380  6.260   -19.902 1.00 60.58  ?  468 HOH A O   1 
HETATM 1319 O O   . HOH C 3 .   ? 12.110  5.891   -11.615 1.00 50.39  ?  469 HOH A O   1 
HETATM 1320 O O   . HOH C 3 .   ? 1.991   10.742  -8.610  1.00 65.73  ?  470 HOH A O   1 
HETATM 1321 O O   . HOH C 3 .   ? -10.807 -11.926 -6.833  1.00 75.69  ?  471 HOH A O   1 
HETATM 1322 O O   . HOH C 3 .   ? -11.448 -7.563  -12.909 1.00 55.74  ?  472 HOH A O   1 
HETATM 1323 O O   . HOH C 3 .   ? 3.364   3.582   -19.671 1.00 46.08  ?  473 HOH A O   1 
HETATM 1324 O O   . HOH C 3 .   ? 12.315  0.888   -4.441  1.00 57.49  ?  474 HOH A O   1 
HETATM 1325 O O   . HOH C 3 .   ? 14.548  -3.803  -27.193 1.00 59.76  ?  475 HOH A O   1 
HETATM 1326 O O   . HOH C 3 .   ? -11.588 -7.981  -10.545 1.00 55.89  ?  476 HOH A O   1 
HETATM 1327 O O   . HOH C 3 .   ? 10.642  6.633   -20.591 1.00 55.90  ?  477 HOH A O   1 
HETATM 1328 O O   . HOH C 3 .   ? -1.457  -12.548 -2.832  1.00 54.51  ?  478 HOH A O   1 
HETATM 1329 O O   . HOH C 3 .   ? 9.121   7.986   8.167   1.00 64.74  ?  479 HOH A O   1 
HETATM 1330 O O   . HOH C 3 .   ? -1.868  -17.440 -10.733 1.00 43.14  ?  480 HOH A O   1 
HETATM 1331 O O   . HOH C 3 .   ? -6.760  9.693   -15.632 1.00 50.13  ?  481 HOH A O   1 
# 
